data_6U6J
# 
_entry.id   6U6J 
# 
_audit_conform.dict_name       mmcif_pdbx.dic 
_audit_conform.dict_version    5.380 
_audit_conform.dict_location   http://mmcif.pdb.org/dictionaries/ascii/mmcif_pdbx.dic 
# 
loop_
_database_2.database_id 
_database_2.database_code 
_database_2.pdbx_database_accession 
_database_2.pdbx_DOI 
PDB   6U6J         pdb_00006u6j 10.2210/pdb6u6j/pdb 
WWPDB D_1000244040 ?            ?                   
# 
_pdbx_database_status.status_code                     REL 
_pdbx_database_status.status_code_sf                  REL 
_pdbx_database_status.status_code_mr                  ? 
_pdbx_database_status.entry_id                        6U6J 
_pdbx_database_status.recvd_initial_deposition_date   2019-08-29 
_pdbx_database_status.SG_entry                        N 
_pdbx_database_status.deposit_site                    RCSB 
_pdbx_database_status.process_site                    RCSB 
_pdbx_database_status.status_code_cs                  ? 
_pdbx_database_status.methods_development_category    ? 
_pdbx_database_status.pdb_format_compatible           Y 
_pdbx_database_status.status_code_nmr_data            ? 
# 
loop_
_audit_author.name 
_audit_author.pdbx_ordinal 
_audit_author.identifier_ORCID 
'Zhang, W.'     1 ? 
'Szostak, J.W.' 2 ? 
'Giurgiu, C.'   3 ? 
'Wright, T.'    4 ? 
# 
_citation.abstract                  ? 
_citation.abstract_id_CAS           ? 
_citation.book_id_ISBN              ? 
_citation.book_publisher            ? 
_citation.book_publisher_city       ? 
_citation.book_title                ? 
_citation.coordinate_linkage        ? 
_citation.country                   US 
_citation.database_id_Medline       ? 
_citation.details                   ? 
_citation.id                        primary 
_citation.journal_abbrev            J.Am.Chem.Soc. 
_citation.journal_id_ASTM           JACSAT 
_citation.journal_id_CSD            ? 
_citation.journal_id_ISSN           1520-5126 
_citation.journal_full              ? 
_citation.journal_issue             ? 
_citation.journal_volume            141 
_citation.language                  ? 
_citation.page_first                18104 
_citation.page_last                 18112 
_citation.title                     
;Prebiotically Plausible "Patching" of RNA Backbone Cleavage through a 3'-5' Pyrophosphate Linkage.
;
_citation.year                      2019 
_citation.database_id_CSD           ? 
_citation.pdbx_database_id_DOI      10.1021/jacs.9b08237 
_citation.pdbx_database_id_PubMed   31651170 
_citation.unpublished_flag          ? 
# 
loop_
_citation_author.citation_id 
_citation_author.name 
_citation_author.ordinal 
_citation_author.identifier_ORCID 
primary 'Wright, T.H.'     1 ? 
primary 'Giurgiu, C.'      2 ? 
primary 'Zhang, W.'        3 ? 
primary 'Radakovic, A.'    4 ? 
primary 
;O'Flaherty, D.K.
;
5 ? 
primary 'Zhou, L.'         6 ? 
primary 'Szostak, J.W.'    7 ? 
# 
_cell.angle_alpha                  90.00 
_cell.angle_alpha_esd              ? 
_cell.angle_beta                   90.00 
_cell.angle_beta_esd               ? 
_cell.angle_gamma                  120.00 
_cell.angle_gamma_esd              ? 
_cell.entry_id                     6U6J 
_cell.details                      ? 
_cell.formula_units_Z              ? 
_cell.length_a                     43.304 
_cell.length_a_esd                 ? 
_cell.length_b                     43.304 
_cell.length_b_esd                 ? 
_cell.length_c                     84.303 
_cell.length_c_esd                 ? 
_cell.volume                       ? 
_cell.volume_esd                   ? 
_cell.Z_PDB                        12 
_cell.reciprocal_angle_alpha       ? 
_cell.reciprocal_angle_beta        ? 
_cell.reciprocal_angle_gamma       ? 
_cell.reciprocal_angle_alpha_esd   ? 
_cell.reciprocal_angle_beta_esd    ? 
_cell.reciprocal_angle_gamma_esd   ? 
_cell.reciprocal_length_a          ? 
_cell.reciprocal_length_b          ? 
_cell.reciprocal_length_c          ? 
_cell.reciprocal_length_a_esd      ? 
_cell.reciprocal_length_b_esd      ? 
_cell.reciprocal_length_c_esd      ? 
_cell.pdbx_unique_axis             ? 
# 
_symmetry.entry_id                         6U6J 
_symmetry.cell_setting                     ? 
_symmetry.Int_Tables_number                150 
_symmetry.space_group_name_Hall            ? 
_symmetry.space_group_name_H-M             'P 3 2 1' 
_symmetry.pdbx_full_space_group_name_H-M   ? 
# 
loop_
_entity.id 
_entity.type 
_entity.src_method 
_entity.pdbx_description 
_entity.formula_weight 
_entity.pdbx_number_of_molecules 
_entity.pdbx_ec 
_entity.pdbx_mutation 
_entity.pdbx_fragment 
_entity.details 
1 polymer     syn 
;RNA (5'-R(*(LCC)P*(LCC)P*(LCC)P*(LCG)P*AP*CP*UP*UP*AP*AP*GP*UP*CP*G*(DPG))-3')
;
4937.990 2  ? ? ? ? 
2 non-polymer nat "5'-O-[(R)-(2-amino-1H-imidazol-1-yl)(hydroxy)phosphoryl]guanosine"              428.297  2  ? ? ? ? 
3 water       nat water                                                                            18.015   35 ? ? ? ? 
# 
_entity_poly.entity_id                      1 
_entity_poly.type                           polyribonucleotide 
_entity_poly.nstd_linkage                   no 
_entity_poly.nstd_monomer                   yes 
_entity_poly.pdbx_seq_one_letter_code       '(LCC)(LCC)(LCC)(LCG)ACUUAAGUCG(GDP)' 
_entity_poly.pdbx_seq_one_letter_code_can   NNNGACUUAAGUCGG 
_entity_poly.pdbx_strand_id                 A,B 
_entity_poly.pdbx_target_identifier         ? 
# 
loop_
_entity_poly_seq.entity_id 
_entity_poly_seq.num 
_entity_poly_seq.mon_id 
_entity_poly_seq.hetero 
1 1  LCC n 
1 2  LCC n 
1 3  LCC n 
1 4  LCG n 
1 5  A   n 
1 6  C   n 
1 7  U   n 
1 8  U   n 
1 9  A   n 
1 10 A   n 
1 11 G   n 
1 12 U   n 
1 13 C   n 
1 14 G   n 
1 15 GDP n 
# 
_pdbx_entity_src_syn.entity_id              1 
_pdbx_entity_src_syn.pdbx_src_id            1 
_pdbx_entity_src_syn.pdbx_alt_source_flag   sample 
_pdbx_entity_src_syn.pdbx_beg_seq_num       1 
_pdbx_entity_src_syn.pdbx_end_seq_num       15 
_pdbx_entity_src_syn.organism_scientific    'synthetic construct' 
_pdbx_entity_src_syn.organism_common_name   ? 
_pdbx_entity_src_syn.ncbi_taxonomy_id       32630 
_pdbx_entity_src_syn.details                ? 
# 
_struct_ref.id                         1 
_struct_ref.db_name                    PDB 
_struct_ref.db_code                    6U6J 
_struct_ref.pdbx_db_accession          6U6J 
_struct_ref.pdbx_db_isoform            ? 
_struct_ref.entity_id                  1 
_struct_ref.pdbx_seq_one_letter_code   ? 
_struct_ref.pdbx_align_begin           1 
# 
loop_
_struct_ref_seq.align_id 
_struct_ref_seq.ref_id 
_struct_ref_seq.pdbx_PDB_id_code 
_struct_ref_seq.pdbx_strand_id 
_struct_ref_seq.seq_align_beg 
_struct_ref_seq.pdbx_seq_align_beg_ins_code 
_struct_ref_seq.seq_align_end 
_struct_ref_seq.pdbx_seq_align_end_ins_code 
_struct_ref_seq.pdbx_db_accession 
_struct_ref_seq.db_align_beg 
_struct_ref_seq.pdbx_db_align_beg_ins_code 
_struct_ref_seq.db_align_end 
_struct_ref_seq.pdbx_db_align_end_ins_code 
_struct_ref_seq.pdbx_auth_seq_align_beg 
_struct_ref_seq.pdbx_auth_seq_align_end 
1 1 6U6J A 1 ? 15 ? 6U6J 1 ? 15 ? 1 15 
2 1 6U6J B 1 ? 15 ? 6U6J 1 ? 15 ? 1 15 
# 
loop_
_chem_comp.id 
_chem_comp.type 
_chem_comp.mon_nstd_flag 
_chem_comp.name 
_chem_comp.pdbx_synonyms 
_chem_comp.formula 
_chem_comp.formula_weight 
A   'RNA linking' y "ADENOSINE-5'-MONOPHOSPHATE" ? 'C10 H14 N5 O7 P'   347.221 
C   'RNA linking' y "CYTIDINE-5'-MONOPHOSPHATE" ? 'C9 H14 N3 O8 P'    323.197 
EQ4 'RNA linking' n "5'-O-[(R)-(2-amino-1H-imidazol-1-yl)(hydroxy)phosphoryl]guanosine" ? 'C13 H17 N8 O7 P'   428.297 
G   'RNA linking' y "GUANOSINE-5'-MONOPHOSPHATE" ? 'C10 H14 N5 O8 P'   363.221 
GDP 'RNA linking' n "GUANOSINE-5'-DIPHOSPHATE" ? 'C10 H15 N5 O11 P2' 443.201 
HOH non-polymer   . WATER ? 'H2 O'              18.015  
LCC 'RNA linking' . 
'[(1R,3R,4R,7S)-7-HYDROXY-3-(5-METHYLCYTOSIN-1-YL)-2,5-DIOXABICYCLO[2.2.1]HEPT-1-YL]METHYL DIHYDROGEN PHOSPHATE' ? 
'C11 H16 N3 O8 P'   349.234 
LCG 'RNA linking' n '[(1R,3R,4R,7S)-7-HYDROXY-3-(GUANIN-9-YL)-2,5-DIOXABICYCLO[2.2.1]HEPT-1-YL]METHYL DIHYDROGEN PHOSPHATE' ? 
'C11 H14 N5 O8 P'   375.231 
U   'RNA linking' y "URIDINE-5'-MONOPHOSPHATE" ? 'C9 H13 N2 O9 P'    324.181 
# 
_exptl.absorpt_coefficient_mu     ? 
_exptl.absorpt_correction_T_max   ? 
_exptl.absorpt_correction_T_min   ? 
_exptl.absorpt_correction_type    ? 
_exptl.absorpt_process_details    ? 
_exptl.entry_id                   6U6J 
_exptl.crystals_number            1 
_exptl.details                    ? 
_exptl.method                     'X-RAY DIFFRACTION' 
_exptl.method_details             ? 
# 
_exptl_crystal.colour                      ? 
_exptl_crystal.density_diffrn              ? 
_exptl_crystal.density_Matthews            2.49 
_exptl_crystal.density_method              ? 
_exptl_crystal.density_percent_sol         50.68 
_exptl_crystal.description                 ? 
_exptl_crystal.F_000                       ? 
_exptl_crystal.id                          1 
_exptl_crystal.preparation                 ? 
_exptl_crystal.size_max                    ? 
_exptl_crystal.size_mid                    ? 
_exptl_crystal.size_min                    ? 
_exptl_crystal.size_rad                    ? 
_exptl_crystal.colour_lustre               ? 
_exptl_crystal.colour_modifier             ? 
_exptl_crystal.colour_primary              ? 
_exptl_crystal.density_meas                ? 
_exptl_crystal.density_meas_esd            ? 
_exptl_crystal.density_meas_gt             ? 
_exptl_crystal.density_meas_lt             ? 
_exptl_crystal.density_meas_temp           ? 
_exptl_crystal.density_meas_temp_esd       ? 
_exptl_crystal.density_meas_temp_gt        ? 
_exptl_crystal.density_meas_temp_lt        ? 
_exptl_crystal.pdbx_crystal_image_url      ? 
_exptl_crystal.pdbx_crystal_image_format   ? 
_exptl_crystal.pdbx_mosaicity              ? 
_exptl_crystal.pdbx_mosaicity_esd          ? 
# 
_exptl_crystal_grow.apparatus       ? 
_exptl_crystal_grow.atmosphere      ? 
_exptl_crystal_grow.crystal_id      1 
_exptl_crystal_grow.details         ? 
_exptl_crystal_grow.method          'VAPOR DIFFUSION, SITTING DROP' 
_exptl_crystal_grow.method_ref      ? 
_exptl_crystal_grow.pH              7 
_exptl_crystal_grow.pressure        ? 
_exptl_crystal_grow.pressure_esd    ? 
_exptl_crystal_grow.seeding         ? 
_exptl_crystal_grow.seeding_ref     ? 
_exptl_crystal_grow.temp            291 
_exptl_crystal_grow.temp_details    ? 
_exptl_crystal_grow.temp_esd        ? 
_exptl_crystal_grow.time            ? 
_exptl_crystal_grow.pdbx_details    '10mM MgCl2, 1.8 M Ammonium citrate tribasic pH 7.0' 
_exptl_crystal_grow.pdbx_pH_range   ? 
# 
_diffrn.ambient_environment              ? 
_diffrn.ambient_temp                     99 
_diffrn.ambient_temp_details             ? 
_diffrn.ambient_temp_esd                 ? 
_diffrn.crystal_id                       1 
_diffrn.crystal_support                  ? 
_diffrn.crystal_treatment                ? 
_diffrn.details                          ? 
_diffrn.id                               1 
_diffrn.ambient_pressure                 ? 
_diffrn.ambient_pressure_esd             ? 
_diffrn.ambient_pressure_gt              ? 
_diffrn.ambient_pressure_lt              ? 
_diffrn.ambient_temp_gt                  ? 
_diffrn.ambient_temp_lt                  ? 
_diffrn.pdbx_serial_crystal_experiment   N 
# 
_diffrn_detector.details                      ? 
_diffrn_detector.detector                     CCD 
_diffrn_detector.diffrn_id                    1 
_diffrn_detector.type                         'MAR CCD 130 mm' 
_diffrn_detector.area_resol_mean              ? 
_diffrn_detector.dtime                        ? 
_diffrn_detector.pdbx_frames_total            ? 
_diffrn_detector.pdbx_collection_time_total   ? 
_diffrn_detector.pdbx_collection_date         2019-08-15 
_diffrn_detector.pdbx_frequency               ? 
# 
_diffrn_radiation.collimation                      ? 
_diffrn_radiation.diffrn_id                        1 
_diffrn_radiation.filter_edge                      ? 
_diffrn_radiation.inhomogeneity                    ? 
_diffrn_radiation.monochromator                    ? 
_diffrn_radiation.polarisn_norm                    ? 
_diffrn_radiation.polarisn_ratio                   ? 
_diffrn_radiation.probe                            ? 
_diffrn_radiation.type                             ? 
_diffrn_radiation.xray_symbol                      ? 
_diffrn_radiation.wavelength_id                    1 
_diffrn_radiation.pdbx_monochromatic_or_laue_m_l   M 
_diffrn_radiation.pdbx_wavelength_list             ? 
_diffrn_radiation.pdbx_wavelength                  ? 
_diffrn_radiation.pdbx_diffrn_protocol             'SINGLE WAVELENGTH' 
_diffrn_radiation.pdbx_analyzer                    ? 
_diffrn_radiation.pdbx_scattering_type             x-ray 
# 
_diffrn_radiation_wavelength.id           1 
_diffrn_radiation_wavelength.wavelength   1.0 
_diffrn_radiation_wavelength.wt           1.0 
# 
_diffrn_source.current                     ? 
_diffrn_source.details                     ? 
_diffrn_source.diffrn_id                   1 
_diffrn_source.power                       ? 
_diffrn_source.size                        ? 
_diffrn_source.source                      SYNCHROTRON 
_diffrn_source.target                      ? 
_diffrn_source.type                        'ALS BEAMLINE 8.2.2' 
_diffrn_source.voltage                     ? 
_diffrn_source.take-off_angle              ? 
_diffrn_source.pdbx_wavelength_list        1.0 
_diffrn_source.pdbx_wavelength             ? 
_diffrn_source.pdbx_synchrotron_beamline   8.2.2 
_diffrn_source.pdbx_synchrotron_site       ALS 
# 
_reflns.B_iso_Wilson_estimate            ? 
_reflns.entry_id                         6U6J 
_reflns.data_reduction_details           ? 
_reflns.data_reduction_method            ? 
_reflns.d_resolution_high                1.6 
_reflns.d_resolution_low                 50 
_reflns.details                          ? 
_reflns.limit_h_max                      ? 
_reflns.limit_h_min                      ? 
_reflns.limit_k_max                      ? 
_reflns.limit_k_min                      ? 
_reflns.limit_l_max                      ? 
_reflns.limit_l_min                      ? 
_reflns.number_all                       ? 
_reflns.number_obs                       12495 
_reflns.observed_criterion               ? 
_reflns.observed_criterion_F_max         ? 
_reflns.observed_criterion_F_min         ? 
_reflns.observed_criterion_I_max         ? 
_reflns.observed_criterion_I_min         ? 
_reflns.observed_criterion_sigma_F       ? 
_reflns.observed_criterion_sigma_I       ? 
_reflns.percent_possible_obs             98.9 
_reflns.R_free_details                   ? 
_reflns.Rmerge_F_all                     ? 
_reflns.Rmerge_F_obs                     ? 
_reflns.Friedel_coverage                 ? 
_reflns.number_gt                        ? 
_reflns.threshold_expression             ? 
_reflns.pdbx_redundancy                  10.3 
_reflns.pdbx_Rmerge_I_obs                0.059 
_reflns.pdbx_Rmerge_I_all                ? 
_reflns.pdbx_Rsym_value                  ? 
_reflns.pdbx_netI_over_av_sigmaI         ? 
_reflns.pdbx_netI_over_sigmaI            44.9 
_reflns.pdbx_res_netI_over_av_sigmaI_2   ? 
_reflns.pdbx_res_netI_over_sigmaI_2      ? 
_reflns.pdbx_chi_squared                 0.854 
_reflns.pdbx_scaling_rejects             ? 
_reflns.pdbx_d_res_high_opt              ? 
_reflns.pdbx_d_res_low_opt               ? 
_reflns.pdbx_d_res_opt_method            ? 
_reflns.phase_calculation_details        ? 
_reflns.pdbx_Rrim_I_all                  ? 
_reflns.pdbx_Rpim_I_all                  ? 
_reflns.pdbx_d_opt                       ? 
_reflns.pdbx_number_measured_all         ? 
_reflns.pdbx_diffrn_id                   1 
_reflns.pdbx_ordinal                     1 
_reflns.pdbx_CC_half                     0.994 
_reflns.pdbx_R_split                     ? 
# 
_reflns_shell.d_res_high                  1.6 
_reflns_shell.d_res_low                   1.66 
_reflns_shell.meanI_over_sigI_all         ? 
_reflns_shell.meanI_over_sigI_obs         4.2 
_reflns_shell.number_measured_all         ? 
_reflns_shell.number_measured_obs         ? 
_reflns_shell.number_possible             ? 
_reflns_shell.number_unique_all           ? 
_reflns_shell.number_unique_obs           1234 
_reflns_shell.percent_possible_all        ? 
_reflns_shell.percent_possible_obs        ? 
_reflns_shell.Rmerge_F_all                ? 
_reflns_shell.Rmerge_F_obs                ? 
_reflns_shell.Rmerge_I_all                ? 
_reflns_shell.Rmerge_I_obs                0.536 
_reflns_shell.meanI_over_sigI_gt          ? 
_reflns_shell.meanI_over_uI_all           ? 
_reflns_shell.meanI_over_uI_gt            ? 
_reflns_shell.number_measured_gt          ? 
_reflns_shell.number_unique_gt            ? 
_reflns_shell.percent_possible_gt         ? 
_reflns_shell.Rmerge_F_gt                 ? 
_reflns_shell.Rmerge_I_gt                 ? 
_reflns_shell.pdbx_redundancy             10.3 
_reflns_shell.pdbx_Rsym_value             ? 
_reflns_shell.pdbx_chi_squared            0.388 
_reflns_shell.pdbx_netI_over_sigmaI_all   ? 
_reflns_shell.pdbx_netI_over_sigmaI_obs   ? 
_reflns_shell.pdbx_Rrim_I_all             ? 
_reflns_shell.pdbx_Rpim_I_all             ? 
_reflns_shell.pdbx_rejects                ? 
_reflns_shell.pdbx_ordinal                1 
_reflns_shell.pdbx_diffrn_id              1 
_reflns_shell.pdbx_CC_half                0.991 
_reflns_shell.pdbx_R_split                ? 
# 
_refine.aniso_B[1][1]                            ? 
_refine.aniso_B[1][2]                            ? 
_refine.aniso_B[1][3]                            ? 
_refine.aniso_B[2][2]                            ? 
_refine.aniso_B[2][3]                            ? 
_refine.aniso_B[3][3]                            ? 
_refine.B_iso_max                                ? 
_refine.B_iso_mean                               27.78 
_refine.B_iso_min                                ? 
_refine.correlation_coeff_Fo_to_Fc               ? 
_refine.correlation_coeff_Fo_to_Fc_free          ? 
_refine.details                                  ? 
_refine.diff_density_max                         ? 
_refine.diff_density_max_esd                     ? 
_refine.diff_density_min                         ? 
_refine.diff_density_min_esd                     ? 
_refine.diff_density_rms                         ? 
_refine.diff_density_rms_esd                     ? 
_refine.entry_id                                 6U6J 
_refine.pdbx_refine_id                           'X-RAY DIFFRACTION' 
_refine.ls_abs_structure_details                 ? 
_refine.ls_abs_structure_Flack                   ? 
_refine.ls_abs_structure_Flack_esd               ? 
_refine.ls_abs_structure_Rogers                  ? 
_refine.ls_abs_structure_Rogers_esd              ? 
_refine.ls_d_res_high                            1.6 
_refine.ls_d_res_low                             50 
_refine.ls_extinction_coef                       ? 
_refine.ls_extinction_coef_esd                   ? 
_refine.ls_extinction_expression                 ? 
_refine.ls_extinction_method                     ? 
_refine.ls_goodness_of_fit_all                   ? 
_refine.ls_goodness_of_fit_all_esd               ? 
_refine.ls_goodness_of_fit_obs                   ? 
_refine.ls_goodness_of_fit_obs_esd               ? 
_refine.ls_hydrogen_treatment                    ? 
_refine.ls_matrix_type                           ? 
_refine.ls_number_constraints                    ? 
_refine.ls_number_parameters                     ? 
_refine.ls_number_reflns_all                     ? 
_refine.ls_number_reflns_obs                     11788 
_refine.ls_number_reflns_R_free                  630 
_refine.ls_number_reflns_R_work                  ? 
_refine.ls_number_restraints                     ? 
_refine.ls_percent_reflns_obs                    98.21 
_refine.ls_percent_reflns_R_free                 5.1 
_refine.ls_R_factor_all                          ? 
_refine.ls_R_factor_obs                          0.23 
_refine.ls_R_factor_R_free                       0.28 
_refine.ls_R_factor_R_free_error                 ? 
_refine.ls_R_factor_R_free_error_details         ? 
_refine.ls_R_factor_R_work                       0.23 
_refine.ls_R_Fsqd_factor_obs                     ? 
_refine.ls_R_I_factor_obs                        ? 
_refine.ls_redundancy_reflns_all                 ? 
_refine.ls_redundancy_reflns_obs                 ? 
_refine.ls_restrained_S_all                      ? 
_refine.ls_restrained_S_obs                      ? 
_refine.ls_shift_over_esd_max                    ? 
_refine.ls_shift_over_esd_mean                   ? 
_refine.ls_structure_factor_coef                 ? 
_refine.ls_weighting_details                     ? 
_refine.ls_weighting_scheme                      ? 
_refine.ls_wR_factor_all                         ? 
_refine.ls_wR_factor_obs                         ? 
_refine.ls_wR_factor_R_free                      ? 
_refine.ls_wR_factor_R_work                      ? 
_refine.occupancy_max                            ? 
_refine.occupancy_min                            ? 
_refine.solvent_model_details                    ? 
_refine.solvent_model_param_bsol                 ? 
_refine.solvent_model_param_ksol                 ? 
_refine.ls_R_factor_gt                           ? 
_refine.ls_goodness_of_fit_gt                    ? 
_refine.ls_goodness_of_fit_ref                   ? 
_refine.ls_shift_over_su_max                     ? 
_refine.ls_shift_over_su_max_lt                  ? 
_refine.ls_shift_over_su_mean                    ? 
_refine.ls_shift_over_su_mean_lt                 ? 
_refine.pdbx_ls_sigma_I                          ? 
_refine.pdbx_ls_sigma_F                          ? 
_refine.pdbx_ls_sigma_Fsqd                       ? 
_refine.pdbx_data_cutoff_high_absF               ? 
_refine.pdbx_data_cutoff_high_rms_absF           ? 
_refine.pdbx_data_cutoff_low_absF                ? 
_refine.pdbx_isotropic_thermal_model             ? 
_refine.pdbx_ls_cross_valid_method               THROUGHOUT 
_refine.pdbx_method_to_determine_struct          'MOLECULAR REPLACEMENT' 
_refine.pdbx_starting_model                      6C8D 
_refine.pdbx_stereochemistry_target_values       ? 
_refine.pdbx_R_Free_selection_details            RANDOM 
_refine.pdbx_stereochem_target_val_spec_case     ? 
_refine.pdbx_overall_ESU_R                       ? 
_refine.pdbx_overall_ESU_R_Free                  ? 
_refine.pdbx_solvent_vdw_probe_radii             ? 
_refine.pdbx_solvent_ion_probe_radii             ? 
_refine.pdbx_solvent_shrinkage_radii             ? 
_refine.pdbx_real_space_R                        ? 
_refine.pdbx_density_correlation                 ? 
_refine.pdbx_pd_number_of_powder_patterns        ? 
_refine.pdbx_pd_number_of_points                 ? 
_refine.pdbx_pd_meas_number_of_points            ? 
_refine.pdbx_pd_proc_ls_prof_R_factor            ? 
_refine.pdbx_pd_proc_ls_prof_wR_factor           ? 
_refine.pdbx_pd_Marquardt_correlation_coeff      ? 
_refine.pdbx_pd_Fsqrd_R_factor                   ? 
_refine.pdbx_pd_ls_matrix_band_width             ? 
_refine.pdbx_overall_phase_error                 ? 
_refine.pdbx_overall_SU_R_free_Cruickshank_DPI   ? 
_refine.pdbx_overall_SU_R_free_Blow_DPI          ? 
_refine.pdbx_overall_SU_R_Blow_DPI               ? 
_refine.pdbx_TLS_residual_ADP_flag               ? 
_refine.pdbx_diffrn_id                           1 
_refine.overall_SU_B                             ? 
_refine.overall_SU_ML                            ? 
_refine.overall_SU_R_Cruickshank_DPI             ? 
_refine.overall_SU_R_free                        ? 
_refine.overall_FOM_free_R_set                   ? 
_refine.overall_FOM_work_R_set                   ? 
_refine.pdbx_average_fsc_overall                 ? 
_refine.pdbx_average_fsc_work                    ? 
_refine.pdbx_average_fsc_free                    ? 
# 
_refine_hist.pdbx_refine_id                   'X-RAY DIFFRACTION' 
_refine_hist.cycle_id                         LAST 
_refine_hist.pdbx_number_atoms_protein        0 
_refine_hist.pdbx_number_atoms_nucleic_acid   598 
_refine_hist.pdbx_number_atoms_ligand         112 
_refine_hist.number_atoms_solvent             35 
_refine_hist.number_atoms_total               745 
_refine_hist.d_res_high                       1.6 
_refine_hist.d_res_low                        50 
# 
_refine_ls_shell.R_factor_R_free                  0.285 
_refine_ls_shell.R_factor_R_free_error            ? 
_refine_ls_shell.R_factor_R_work                  0.249 
_refine_ls_shell.R_factor_all                     ? 
_refine_ls_shell.R_factor_obs                     ? 
_refine_ls_shell.d_res_high                       1.601 
_refine_ls_shell.d_res_low                        1.642 
_refine_ls_shell.number_reflns_R_free             845 
_refine_ls_shell.number_reflns_R_work             ? 
_refine_ls_shell.number_reflns_all                ? 
_refine_ls_shell.number_reflns_obs                ? 
_refine_ls_shell.pdbx_fsc_free                    ? 
_refine_ls_shell.pdbx_fsc_work                    ? 
_refine_ls_shell.pdbx_phase_error                 ? 
_refine_ls_shell.pdbx_refine_id                   'X-RAY DIFFRACTION' 
_refine_ls_shell.pdbx_total_number_of_bins_used   ? 
_refine_ls_shell.percent_reflns_R_free            ? 
_refine_ls_shell.percent_reflns_obs               97.02 
_refine_ls_shell.redundancy_reflns_all            ? 
_refine_ls_shell.redundancy_reflns_obs            ? 
_refine_ls_shell.wR_factor_R_free                 ? 
_refine_ls_shell.wR_factor_R_work                 ? 
_refine_ls_shell.wR_factor_all                    ? 
_refine_ls_shell.wR_factor_obs                    ? 
# 
_struct.entry_id                     6U6J 
_struct.title                        'RNA-monomer complex containing pyrophosphate linkage' 
_struct.pdbx_model_details           ? 
_struct.pdbx_formula_weight          ? 
_struct.pdbx_formula_weight_method   ? 
_struct.pdbx_model_type_details      ? 
_struct.pdbx_CASP_flag               N 
# 
_struct_keywords.entry_id        6U6J 
_struct_keywords.text            'RNA, pyrophosphate' 
_struct_keywords.pdbx_keywords   RNA 
# 
loop_
_struct_asym.id 
_struct_asym.pdbx_blank_PDB_chainid_flag 
_struct_asym.pdbx_modified 
_struct_asym.entity_id 
_struct_asym.details 
A N N 1 ? 
B N N 1 ? 
C N N 2 ? 
D N N 2 ? 
E N N 3 ? 
F N N 3 ? 
# 
loop_
_struct_conn.id 
_struct_conn.conn_type_id 
_struct_conn.pdbx_leaving_atom_flag 
_struct_conn.pdbx_PDB_id 
_struct_conn.ptnr1_label_asym_id 
_struct_conn.ptnr1_label_comp_id 
_struct_conn.ptnr1_label_seq_id 
_struct_conn.ptnr1_label_atom_id 
_struct_conn.pdbx_ptnr1_label_alt_id 
_struct_conn.pdbx_ptnr1_PDB_ins_code 
_struct_conn.pdbx_ptnr1_standard_comp_id 
_struct_conn.ptnr1_symmetry 
_struct_conn.ptnr2_label_asym_id 
_struct_conn.ptnr2_label_comp_id 
_struct_conn.ptnr2_label_seq_id 
_struct_conn.ptnr2_label_atom_id 
_struct_conn.pdbx_ptnr2_label_alt_id 
_struct_conn.pdbx_ptnr2_PDB_ins_code 
_struct_conn.ptnr1_auth_asym_id 
_struct_conn.ptnr1_auth_comp_id 
_struct_conn.ptnr1_auth_seq_id 
_struct_conn.ptnr2_auth_asym_id 
_struct_conn.ptnr2_auth_comp_id 
_struct_conn.ptnr2_auth_seq_id 
_struct_conn.ptnr2_symmetry 
_struct_conn.pdbx_ptnr3_label_atom_id 
_struct_conn.pdbx_ptnr3_label_seq_id 
_struct_conn.pdbx_ptnr3_label_comp_id 
_struct_conn.pdbx_ptnr3_label_asym_id 
_struct_conn.pdbx_ptnr3_label_alt_id 
_struct_conn.pdbx_ptnr3_PDB_ins_code 
_struct_conn.details 
_struct_conn.pdbx_dist_value 
_struct_conn.pdbx_value_order 
_struct_conn.pdbx_role 
covale1  covale both ? A LCC 1  "O3'" ? ? ? 1_555 A LCC 2  P  ? ? A LCC 1  A LCC 2  1_555 ? ? ? ? ? ? ?            1.548 ? ? 
covale2  covale both ? A LCC 2  "O3'" ? ? ? 1_555 A LCC 3  P  ? ? A LCC 2  A LCC 3  1_555 ? ? ? ? ? ? ?            1.652 ? ? 
covale3  covale both ? A LCC 3  "O3'" ? ? ? 1_555 A LCG 4  P  ? ? A LCC 3  A LCG 4  1_555 ? ? ? ? ? ? ?            1.675 ? ? 
covale4  covale both ? A LCG 4  "O3'" ? ? ? 1_555 A A   5  P  ? ? A LCG 4  A A   5  1_555 ? ? ? ? ? ? ?            1.612 ? ? 
covale5  covale one  ? A G   14 "O3'" ? ? ? 1_555 A GDP 15 PB ? ? A G   14 A GDP 15 1_555 ? ? ? ? ? ? ?            1.537 ? ? 
covale6  covale both ? B LCC 1  "O3'" ? ? ? 1_555 B LCC 2  P  ? ? B LCC 1  B LCC 2  1_555 ? ? ? ? ? ? ?            1.570 ? ? 
covale7  covale both ? B LCC 2  "O3'" ? ? ? 1_555 B LCC 3  P  ? ? B LCC 2  B LCC 3  1_555 ? ? ? ? ? ? ?            1.604 ? ? 
covale8  covale both ? B LCC 3  "O3'" ? ? ? 1_555 B LCG 4  P  ? ? B LCC 3  B LCG 4  1_555 ? ? ? ? ? ? ?            1.556 ? ? 
covale9  covale both ? B LCG 4  "O3'" ? ? ? 1_555 B A   5  P  ? ? B LCG 4  B A   5  1_555 ? ? ? ? ? ? ?            1.571 ? ? 
covale10 covale one  ? B G   14 "O3'" ? ? ? 1_555 B GDP 15 PB ? ? B G   14 B GDP 15 1_555 ? ? ? ? ? ? ?            1.506 ? ? 
hydrog1  hydrog ?    ? A LCG 4  N1    ? ? ? 1_555 B C   13 N3 ? ? A LCG 4  B C   13 1_555 ? ? ? ? ? ? WATSON-CRICK ?     ? ? 
hydrog2  hydrog ?    ? A LCG 4  N2    ? ? ? 1_555 B C   13 O2 ? ? A LCG 4  B C   13 1_555 ? ? ? ? ? ? WATSON-CRICK ?     ? ? 
hydrog3  hydrog ?    ? A LCG 4  O6    ? ? ? 1_555 B C   13 N4 ? ? A LCG 4  B C   13 1_555 ? ? ? ? ? ? WATSON-CRICK ?     ? ? 
hydrog4  hydrog ?    ? A A   5  N1    ? ? ? 1_555 B U   12 N3 ? ? A A   5  B U   12 1_555 ? ? ? ? ? ? WATSON-CRICK ?     ? ? 
hydrog5  hydrog ?    ? A A   5  N6    ? ? ? 1_555 B U   12 O4 ? ? A A   5  B U   12 1_555 ? ? ? ? ? ? WATSON-CRICK ?     ? ? 
hydrog6  hydrog ?    ? A C   6  N3    ? ? ? 1_555 B G   11 N1 ? ? A C   6  B G   11 1_555 ? ? ? ? ? ? WATSON-CRICK ?     ? ? 
hydrog7  hydrog ?    ? A C   6  N4    ? ? ? 1_555 B G   11 O6 ? ? A C   6  B G   11 1_555 ? ? ? ? ? ? WATSON-CRICK ?     ? ? 
hydrog8  hydrog ?    ? A C   6  O2    ? ? ? 1_555 B G   11 N2 ? ? A C   6  B G   11 1_555 ? ? ? ? ? ? WATSON-CRICK ?     ? ? 
hydrog9  hydrog ?    ? A U   7  N3    ? ? ? 1_555 B A   10 N1 ? ? A U   7  B A   10 1_555 ? ? ? ? ? ? WATSON-CRICK ?     ? ? 
hydrog10 hydrog ?    ? A U   7  O4    ? ? ? 1_555 B A   10 N6 ? ? A U   7  B A   10 1_555 ? ? ? ? ? ? WATSON-CRICK ?     ? ? 
hydrog11 hydrog ?    ? A U   8  N3    ? ? ? 1_555 B A   9  N1 ? ? A U   8  B A   9  1_555 ? ? ? ? ? ? WATSON-CRICK ?     ? ? 
hydrog12 hydrog ?    ? A U   8  O4    ? ? ? 1_555 B A   9  N6 ? ? A U   8  B A   9  1_555 ? ? ? ? ? ? WATSON-CRICK ?     ? ? 
hydrog13 hydrog ?    ? A A   9  N1    ? ? ? 1_555 B U   8  N3 ? ? A A   9  B U   8  1_555 ? ? ? ? ? ? WATSON-CRICK ?     ? ? 
hydrog14 hydrog ?    ? A A   9  N6    ? ? ? 1_555 B U   8  O4 ? ? A A   9  B U   8  1_555 ? ? ? ? ? ? WATSON-CRICK ?     ? ? 
hydrog15 hydrog ?    ? A A   10 N1    ? ? ? 1_555 B U   7  N3 ? ? A A   10 B U   7  1_555 ? ? ? ? ? ? WATSON-CRICK ?     ? ? 
hydrog16 hydrog ?    ? A A   10 N6    ? ? ? 1_555 B U   7  O4 ? ? A A   10 B U   7  1_555 ? ? ? ? ? ? WATSON-CRICK ?     ? ? 
hydrog17 hydrog ?    ? A G   11 N1    ? ? ? 1_555 B C   6  N3 ? ? A G   11 B C   6  1_555 ? ? ? ? ? ? WATSON-CRICK ?     ? ? 
hydrog18 hydrog ?    ? A G   11 N2    ? ? ? 1_555 B C   6  O2 ? ? A G   11 B C   6  1_555 ? ? ? ? ? ? WATSON-CRICK ?     ? ? 
hydrog19 hydrog ?    ? A G   11 O6    ? ? ? 1_555 B C   6  N4 ? ? A G   11 B C   6  1_555 ? ? ? ? ? ? WATSON-CRICK ?     ? ? 
hydrog20 hydrog ?    ? A U   12 N3    ? ? ? 1_555 B A   5  N1 ? ? A U   12 B A   5  1_555 ? ? ? ? ? ? WATSON-CRICK ?     ? ? 
hydrog21 hydrog ?    ? A U   12 O4    ? ? ? 1_555 B A   5  N6 ? ? A U   12 B A   5  1_555 ? ? ? ? ? ? WATSON-CRICK ?     ? ? 
hydrog22 hydrog ?    ? A C   13 N3    ? ? ? 1_555 B LCG 4  N1 ? ? A C   13 B LCG 4  1_555 ? ? ? ? ? ? WATSON-CRICK ?     ? ? 
hydrog23 hydrog ?    ? A C   13 N4    ? ? ? 1_555 B LCG 4  O6 ? ? A C   13 B LCG 4  1_555 ? ? ? ? ? ? WATSON-CRICK ?     ? ? 
hydrog24 hydrog ?    ? A C   13 O2    ? ? ? 1_555 B LCG 4  N2 ? ? A C   13 B LCG 4  1_555 ? ? ? ? ? ? WATSON-CRICK ?     ? ? 
# 
loop_
_struct_conn_type.id 
_struct_conn_type.criteria 
_struct_conn_type.reference 
covale ? ? 
hydrog ? ? 
# 
loop_
_struct_site.id 
_struct_site.pdbx_evidence_code 
_struct_site.pdbx_auth_asym_id 
_struct_site.pdbx_auth_comp_id 
_struct_site.pdbx_auth_seq_id 
_struct_site.pdbx_auth_ins_code 
_struct_site.pdbx_num_residues 
_struct_site.details 
AC1 Software A EQ4 101 ? 3 'binding site for residue EQ4 A 101' 
AC2 Software B EQ4 101 ? 6 'binding site for residue EQ4 B 101' 
# 
loop_
_struct_site_gen.id 
_struct_site_gen.site_id 
_struct_site_gen.pdbx_num_res 
_struct_site_gen.label_comp_id 
_struct_site_gen.label_asym_id 
_struct_site_gen.label_seq_id 
_struct_site_gen.pdbx_auth_ins_code 
_struct_site_gen.auth_comp_id 
_struct_site_gen.auth_asym_id 
_struct_site_gen.auth_seq_id 
_struct_site_gen.label_atom_id 
_struct_site_gen.label_alt_id 
_struct_site_gen.symmetry 
_struct_site_gen.details 
1 AC1 3 GDP A 15 ? GDP A 15 . ? 1_555 ? 
2 AC1 3 LCC B 1  ? LCC B 1  . ? 1_555 ? 
3 AC1 3 LCC B 2  ? LCC B 2  . ? 1_555 ? 
4 AC2 6 LCC A 1  ? LCC A 1  . ? 6_765 ? 
5 AC2 6 LCC A 1  ? LCC A 1  . ? 1_555 ? 
6 AC2 6 LCC A 2  ? LCC A 2  . ? 1_555 ? 
7 AC2 6 C   B 13 ? C   B 13 . ? 1_555 ? 
8 AC2 6 G   B 14 ? G   B 14 . ? 1_555 ? 
9 AC2 6 GDP B 15 ? GDP B 15 . ? 1_555 ? 
# 
_atom_sites.entry_id                    6U6J 
_atom_sites.Cartn_transf_matrix[1][1]   ? 
_atom_sites.Cartn_transf_matrix[1][2]   ? 
_atom_sites.Cartn_transf_matrix[1][3]   ? 
_atom_sites.Cartn_transf_matrix[2][1]   ? 
_atom_sites.Cartn_transf_matrix[2][2]   ? 
_atom_sites.Cartn_transf_matrix[2][3]   ? 
_atom_sites.Cartn_transf_matrix[3][1]   ? 
_atom_sites.Cartn_transf_matrix[3][2]   ? 
_atom_sites.Cartn_transf_matrix[3][3]   ? 
_atom_sites.Cartn_transf_vector[1]      ? 
_atom_sites.Cartn_transf_vector[2]      ? 
_atom_sites.Cartn_transf_vector[3]      ? 
_atom_sites.fract_transf_matrix[1][1]   0.02290143 
_atom_sites.fract_transf_matrix[1][2]   -0.01038498 
_atom_sites.fract_transf_matrix[1][3]   0.00887162 
_atom_sites.fract_transf_matrix[2][1]   0.01487515 
_atom_sites.fract_transf_matrix[2][2]   -0.01518293 
_atom_sites.fract_transf_matrix[2][3]   -0.01610065 
_atom_sites.fract_transf_matrix[3][1]   0.00581570 
_atom_sites.fract_transf_matrix[3][2]   0.00964515 
_atom_sites.fract_transf_matrix[3][3]   -0.00372234 
_atom_sites.fract_transf_vector[1]      1.151512 
_atom_sites.fract_transf_vector[2]      1.778553 
_atom_sites.fract_transf_vector[3]      0.249546 
_atom_sites.solution_primary            ? 
_atom_sites.solution_secondary          ? 
_atom_sites.solution_hydrogens          ? 
_atom_sites.special_details             ? 
# 
loop_
_atom_type.symbol 
C 
N 
O 
P 
# 
loop_
_atom_site.group_PDB 
_atom_site.id 
_atom_site.type_symbol 
_atom_site.label_atom_id 
_atom_site.label_alt_id 
_atom_site.label_comp_id 
_atom_site.label_asym_id 
_atom_site.label_entity_id 
_atom_site.label_seq_id 
_atom_site.pdbx_PDB_ins_code 
_atom_site.Cartn_x 
_atom_site.Cartn_y 
_atom_site.Cartn_z 
_atom_site.occupancy 
_atom_site.B_iso_or_equiv 
_atom_site.pdbx_formal_charge 
_atom_site.auth_seq_id 
_atom_site.auth_comp_id 
_atom_site.auth_asym_id 
_atom_site.auth_atom_id 
_atom_site.pdbx_PDB_model_num 
HETATM 1   O "O5'" . LCC A 1 1  ? -19.051 -8.281  4.747   1.00 41.41  ? 1   LCC A "O5'" 1 
HETATM 2   C "C5'" . LCC A 1 1  ? -19.755 -7.458  5.652   1.00 36.79  ? 1   LCC A "C5'" 1 
HETATM 3   C "C4'" . LCC A 1 1  ? -19.073 -7.530  6.992   1.00 38.41  ? 1   LCC A "C4'" 1 
HETATM 4   O "O4'" . LCC A 1 1  ? -18.941 -8.890  7.374   1.00 40.60  ? 1   LCC A "O4'" 1 
HETATM 5   C "C1'" . LCC A 1 1  ? -17.953 -8.917  8.369   1.00 37.02  ? 1   LCC A "C1'" 1 
HETATM 6   N N1    . LCC A 1 1  ? -16.900 -9.907  8.064   1.00 32.71  ? 1   LCC A N1    1 
HETATM 7   C C6    . LCC A 1 1  ? -16.742 -10.437 6.865   1.00 31.34  ? 1   LCC A C6    1 
HETATM 8   C C5    . LCC A 1 1  ? -15.758 -11.369 6.632   1.00 32.40  ? 1   LCC A C5    1 
HETATM 9   C C5M   . LCC A 1 1  ? -15.512 -11.988 5.302   1.00 33.98  ? 1   LCC A C5M   1 
HETATM 10  C C4    . LCC A 1 1  ? -14.919 -11.801 7.765   1.00 29.78  ? 1   LCC A C4    1 
HETATM 11  N N4    . LCC A 1 1  ? -13.926 -12.705 7.619   1.00 31.64  ? 1   LCC A N4    1 
HETATM 12  N N3    . LCC A 1 1  ? -15.141 -11.238 8.926   1.00 28.07  ? 1   LCC A N3    1 
HETATM 13  C C2    . LCC A 1 1  ? -16.066 -10.318 9.093   1.00 29.00  ? 1   LCC A C2    1 
HETATM 14  O O2    . LCC A 1 1  ? -16.251 -9.865  10.199  1.00 31.46  ? 1   LCC A O2    1 
HETATM 15  C "C3'" . LCC A 1 1  ? -17.658 -7.000  7.006   1.00 36.25  ? 1   LCC A "C3'" 1 
HETATM 16  C "C2'" . LCC A 1 1  ? -17.553 -7.447  8.443   1.00 37.67  ? 1   LCC A "C2'" 1 
HETATM 17  O "O2'" . LCC A 1 1  ? -18.642 -6.842  9.128   1.00 43.50  ? 1   LCC A "O2'" 1 
HETATM 18  O "O3'" . LCC A 1 1  ? -17.661 -5.521  6.894   1.00 40.82  ? 1   LCC A "O3'" 1 
HETATM 19  C "C6'" . LCC A 1 1  ? -19.682 -6.797  8.169   1.00 40.60  ? 1   LCC A "C6'" 1 
HETATM 20  O "O5'" . LCC A 1 2  ? -15.604 -4.982  7.917   1.00 27.68  ? 2   LCC A "O5'" 1 
HETATM 21  C "C5'" . LCC A 1 2  ? -15.664 -4.255  9.056   1.00 29.16  ? 2   LCC A "C5'" 1 
HETATM 22  C "C4'" . LCC A 1 2  ? -14.753 -5.065  9.940   1.00 25.03  ? 2   LCC A "C4'" 1 
HETATM 23  O "O4'" . LCC A 1 2  ? -14.978 -6.524  9.909   1.00 26.80  ? 2   LCC A "O4'" 1 
HETATM 24  C "C1'" . LCC A 1 2  ? -13.759 -7.152  10.442  1.00 22.13  ? 2   LCC A "C1'" 1 
HETATM 25  N N1    . LCC A 1 2  ? -13.222 -8.010  9.390   1.00 22.99  ? 2   LCC A N1    1 
HETATM 26  C C6    . LCC A 1 2  ? -13.615 -8.005  8.009   1.00 22.62  ? 2   LCC A C6    1 
HETATM 27  C C5    . LCC A 1 2  ? -13.053 -8.902  7.104   1.00 25.06  ? 2   LCC A C5    1 
HETATM 28  C C5M   . LCC A 1 2  ? -13.455 -8.882  5.720   1.00 27.99  ? 2   LCC A C5M   1 
HETATM 29  C C4    . LCC A 1 2  ? -12.062 -9.735  7.565   1.00 26.25  ? 2   LCC A C4    1 
HETATM 30  N N4    . LCC A 1 2  ? -11.505 -10.575 6.702   1.00 25.53  ? 2   LCC A N4    1 
HETATM 31  N N3    . LCC A 1 2  ? -11.680 -9.688  8.839   1.00 23.55  ? 2   LCC A N3    1 
HETATM 32  C C2    . LCC A 1 2  ? -12.242 -8.891  9.740   1.00 24.98  ? 2   LCC A C2    1 
HETATM 33  O O2    . LCC A 1 2  ? -11.823 -8.908  10.900  1.00 23.55  ? 2   LCC A O2    1 
HETATM 34  C "C3'" . LCC A 1 2  ? -13.310 -5.048  9.516   1.00 24.55  ? 2   LCC A "C3'" 1 
HETATM 35  C "C2'" . LCC A 1 2  ? -12.880 -5.903  10.661  1.00 23.27  ? 2   LCC A "C2'" 1 
HETATM 36  O "O2'" . LCC A 1 2  ? -13.359 -5.167  11.761  1.00 26.93  ? 2   LCC A "O2'" 1 
HETATM 37  O "O3'" . LCC A 1 2  ? -12.793 -3.717  9.554   1.00 27.52  ? 2   LCC A "O3'" 1 
HETATM 38  C "C6'" . LCC A 1 2  ? -14.665 -4.489  11.369  1.00 27.63  ? 2   LCC A "C6'" 1 
HETATM 39  P P     . LCC A 1 2  ? -16.431 -4.674  6.489   1.00 34.00  ? 2   LCC A P     1 
HETATM 40  O O1P   . LCC A 1 2  ? -16.774 -3.230  6.349   1.00 31.17  ? 2   LCC A O1P   1 
HETATM 41  O O2P   . LCC A 1 2  ? -15.881 -5.437  5.395   1.00 28.10  ? 2   LCC A O2P   1 
HETATM 42  O "O5'" . LCC A 1 3  ? -10.310 -3.974  9.765   1.00 21.22  ? 3   LCC A "O5'" 1 
HETATM 43  C "C5'" . LCC A 1 3  ? -10.137 -3.628  11.154  1.00 22.06  ? 3   LCC A "C5'" 1 
HETATM 44  C "C4'" . LCC A 1 3  ? -9.085  -4.646  11.575  1.00 20.74  ? 3   LCC A "C4'" 1 
HETATM 45  O "O4'" . LCC A 1 3  ? -9.465  -6.039  11.429  1.00 21.20  ? 3   LCC A "O4'" 1 
HETATM 46  C "C1'" . LCC A 1 3  ? -8.193  -6.759  11.392  1.00 18.62  ? 3   LCC A "C1'" 1 
HETATM 47  N N1    . LCC A 1 3  ? -8.119  -7.425  10.057  1.00 18.31  ? 3   LCC A N1    1 
HETATM 48  C C6    . LCC A 1 3  ? -8.974  -7.080  9.011   1.00 18.26  ? 3   LCC A C6    1 
HETATM 49  C C5    . LCC A 1 3  ? -8.892  -7.734  7.801   1.00 16.90  ? 3   LCC A C5    1 
HETATM 50  C C5M   . LCC A 1 3  ? -9.727  -7.321  6.731   1.00 17.17  ? 3   LCC A C5M   1 
HETATM 51  C C4    . LCC A 1 3  ? -7.920  -8.755  7.674   1.00 18.41  ? 3   LCC A C4    1 
HETATM 52  N N4    . LCC A 1 3  ? -7.828  -9.445  6.528   1.00 18.65  ? 3   LCC A N4    1 
HETATM 53  N N3    . LCC A 1 3  ? -7.114  -9.031  8.697   1.00 18.38  ? 3   LCC A N3    1 
HETATM 54  C C2    . LCC A 1 3  ? -7.176  -8.395  9.850   1.00 21.62  ? 3   LCC A C2    1 
HETATM 55  O O2    . LCC A 1 3  ? -6.402  -8.699  10.785  1.00 21.23  ? 3   LCC A O2    1 
HETATM 56  C "C3'" . LCC A 1 3  ? -7.782  -4.601  10.866  1.00 19.46  ? 3   LCC A "C3'" 1 
HETATM 57  C "C2'" . LCC A 1 3  ? -7.150  -5.702  11.600  1.00 18.94  ? 3   LCC A "C2'" 1 
HETATM 58  O "O2'" . LCC A 1 3  ? -7.347  -5.305  12.956  1.00 19.97  ? 3   LCC A "O2'" 1 
HETATM 59  O "O3'" . LCC A 1 3  ? -7.184  -3.374  11.120  1.00 19.26  ? 3   LCC A "O3'" 1 
HETATM 60  C "C6'" . LCC A 1 3  ? -8.694  -4.474  12.956  1.00 21.76  ? 3   LCC A "C6'" 1 
HETATM 61  P P     . LCC A 1 3  ? -11.390 -3.271  8.803   1.00 23.90  ? 3   LCC A P     1 
HETATM 62  O O1P   . LCC A 1 3  ? -11.266 -1.762  9.012   1.00 26.05  ? 3   LCC A O1P   1 
HETATM 63  O O2P   . LCC A 1 3  ? -11.260 -3.877  7.457   1.00 22.04  ? 3   LCC A O2P   1 
HETATM 64  P P     . LCG A 1 4  ? -6.199  -2.574  10.026  1.00 20.99  ? 4   LCG A P     1 
HETATM 65  O OP1   . LCG A 1 4  ? -5.986  -1.212  10.628  1.00 21.46  ? 4   LCG A OP1   1 
HETATM 66  O "O5'" . LCG A 1 4  ? -4.881  -3.476  10.000  1.00 18.60  ? 4   LCG A "O5'" 1 
HETATM 67  C "C5'" . LCG A 1 4  ? -4.051  -3.589  11.182  1.00 19.96  ? 4   LCG A "C5'" 1 
HETATM 68  C "C3'" . LCG A 1 4  ? -2.320  -4.555  9.654   1.00 21.65  ? 4   LCG A "C3'" 1 
HETATM 69  C "C6'" . LCG A 1 4  ? -2.097  -4.918  12.063  1.00 23.34  ? 4   LCG A "C6'" 1 
HETATM 70  N N9    . LCG A 1 4  ? -3.460  -7.188  8.744   1.00 19.55  ? 4   LCG A N9    1 
HETATM 71  C C8    . LCG A 1 4  ? -4.564  -6.583  8.211   1.00 19.03  ? 4   LCG A C8    1 
HETATM 72  C C4    . LCG A 1 4  ? -3.138  -8.158  7.884   1.00 19.65  ? 4   LCG A C4    1 
HETATM 73  N N7    . LCG A 1 4  ? -4.939  -7.220  7.065   1.00 20.65  ? 4   LCG A N7    1 
HETATM 74  C C5    . LCG A 1 4  ? -4.038  -8.208  6.853   1.00 19.56  ? 4   LCG A C5    1 
HETATM 75  C C6    . LCG A 1 4  ? -3.939  -9.170  5.885   1.00 20.27  ? 4   LCG A C6    1 
HETATM 76  C "C2'" . LCG A 1 4  ? -1.643  -5.881  9.899   1.00 19.95  ? 4   LCG A "C2'" 1 
HETATM 77  O O6    . LCG A 1 4  ? -4.704  -9.302  4.874   1.00 21.54  ? 4   LCG A O6    1 
HETATM 78  C "C4'" . LCG A 1 4  ? -3.144  -4.689  10.890  1.00 19.12  ? 4   LCG A "C4'" 1 
HETATM 79  C "C1'" . LCG A 1 4  ? -2.801  -6.813  10.009  1.00 19.53  ? 4   LCG A "C1'" 1 
HETATM 80  C C2    . LCG A 1 4  ? -1.907  -9.902  7.127   1.00 20.53  ? 4   LCG A C2    1 
HETATM 81  N N1    . LCG A 1 4  ? -2.838  -9.987  6.043   1.00 19.00  ? 4   LCG A N1    1 
HETATM 82  O "O4'" . LCG A 1 4  ? -3.813  -6.012  10.712  1.00 19.22  ? 4   LCG A "O4'" 1 
HETATM 83  O OP2   . LCG A 1 4  ? -6.808  -2.692  8.637   1.00 21.69  ? 4   LCG A OP2   1 
HETATM 84  N N2    . LCG A 1 4  ? -0.852  -10.791 7.136   1.00 20.51  ? 4   LCG A N2    1 
HETATM 85  N N3    . LCG A 1 4  ? -2.038  -8.969  8.103   1.00 19.83  ? 4   LCG A N3    1 
HETATM 86  O "O2'" . LCG A 1 4  ? -1.138  -5.750  11.295  1.00 21.68  ? 4   LCG A "O2'" 1 
HETATM 87  O "O3'" . LCG A 1 4  ? -1.492  -3.496  9.853   1.00 20.83  ? 4   LCG A "O3'" 1 
ATOM   88  P P     . A   A 1 5  ? -0.915  -2.611  8.635   1.00 25.81  ? 5   A   A P     1 
ATOM   89  O OP1   . A   A 1 5  ? -0.330  -1.427  9.294   1.00 34.73  ? 5   A   A OP1   1 
ATOM   90  O OP2   . A   A 1 5  ? -1.800  -2.364  7.561   1.00 21.55  ? 5   A   A OP2   1 
ATOM   91  O "O5'" . A   A 1 5  ? 0.245   -3.477  7.924   1.00 23.20  ? 5   A   A "O5'" 1 
ATOM   92  C "C5'" . A   A 1 5  ? 1.387   -3.807  8.659   1.00 23.90  ? 5   A   A "C5'" 1 
ATOM   93  C "C4'" . A   A 1 5  ? 2.113   -4.968  8.010   1.00 20.96  ? 5   A   A "C4'" 1 
ATOM   94  O "O4'" . A   A 1 5  ? 1.263   -6.165  8.058   1.00 22.53  ? 5   A   A "O4'" 1 
ATOM   95  C "C3'" . A   A 1 5  ? 2.422   -4.811  6.527   1.00 21.21  ? 5   A   A "C3'" 1 
ATOM   96  O "O3'" . A   A 1 5  ? 3.616   -4.056  6.444   1.00 21.68  ? 5   A   A "O3'" 1 
ATOM   97  C "C2'" . A   A 1 5  ? 2.632   -6.263  6.154   1.00 22.52  ? 5   A   A "C2'" 1 
ATOM   98  O "O2'" . A   A 1 5  ? 3.861   -6.689  6.681   1.00 21.07  ? 5   A   A "O2'" 1 
ATOM   99  C "C1'" . A   A 1 5  ? 1.422   -6.901  6.833   1.00 21.35  ? 5   A   A "C1'" 1 
ATOM   100 N N9    . A   A 1 5  ? 0.193   -6.796  6.032   1.00 21.03  ? 5   A   A N9    1 
ATOM   101 C C8    . A   A 1 5  ? -0.814  -5.862  6.104   1.00 19.94  ? 5   A   A C8    1 
ATOM   102 N N7    . A   A 1 5  ? -1.747  -6.012  5.186   1.00 22.64  ? 5   A   A N7    1 
ATOM   103 C C5    . A   A 1 5  ? -1.366  -7.166  4.520   1.00 19.95  ? 5   A   A C5    1 
ATOM   104 C C6    . A   A 1 5  ? -1.949  -7.879  3.456   1.00 22.83  ? 5   A   A C6    1 
ATOM   105 N N6    . A   A 1 5  ? -3.107  -7.541  2.880   1.00 22.40  ? 5   A   A N6    1 
ATOM   106 N N1    . A   A 1 5  ? -1.322  -9.003  3.034   1.00 21.36  ? 5   A   A N1    1 
ATOM   107 C C2    . A   A 1 5  ? -0.161  -9.340  3.603   1.00 19.26  ? 5   A   A C2    1 
ATOM   108 N N3    . A   A 1 5  ? 0.518   -8.717  4.570   1.00 20.81  ? 5   A   A N3    1 
ATOM   109 C C4    . A   A 1 5  ? -0.149  -7.630  4.994   1.00 22.29  ? 5   A   A C4    1 
ATOM   110 P P     . C   A 1 6  ? 3.848   -3.156  5.179   1.00 23.16  ? 6   C   A P     1 
ATOM   111 O OP1   . C   A 1 6  ? 5.060   -2.371  5.546   1.00 24.66  ? 6   C   A OP1   1 
ATOM   112 O OP2   . C   A 1 6  ? 2.585   -2.456  4.628   1.00 23.85  ? 6   C   A OP2   1 
ATOM   113 O "O5'" . C   A 1 6  ? 4.186   -4.170  3.997   1.00 20.86  ? 6   C   A "O5'" 1 
ATOM   114 C "C5'" . C   A 1 6  ? 5.280   -5.071  4.109   1.00 18.76  ? 6   C   A "C5'" 1 
ATOM   115 C "C4'" . C   A 1 6  ? 5.130   -6.185  3.122   1.00 18.38  ? 6   C   A "C4'" 1 
ATOM   116 O "O4'" . C   A 1 6  ? 3.890   -6.876  3.369   1.00 21.23  ? 6   C   A "O4'" 1 
ATOM   117 C "C3'" . C   A 1 6  ? 5.010   -5.772  1.674   1.00 19.43  ? 6   C   A "C3'" 1 
ATOM   118 O "O3'" . C   A 1 6  ? 6.269   -5.544  1.054   1.00 20.68  ? 6   C   A "O3'" 1 
ATOM   119 C "C2'" . C   A 1 6  ? 4.405   -7.028  1.095   1.00 20.79  ? 6   C   A "C2'" 1 
ATOM   120 O "O2'" . C   A 1 6  ? 5.224   -8.181  1.047   1.00 22.38  ? 6   C   A "O2'" 1 
ATOM   121 C "C1'" . C   A 1 6  ? 3.343   -7.326  2.132   1.00 20.09  ? 6   C   A "C1'" 1 
ATOM   122 N N1    . C   A 1 6  ? 2.036   -6.649  1.917   1.00 20.82  ? 6   C   A N1    1 
ATOM   123 C C2    . C   A 1 6  ? 1.149   -7.262  1.038   1.00 20.22  ? 6   C   A C2    1 
ATOM   124 O O2    . C   A 1 6  ? 1.500   -8.301  0.469   1.00 22.15  ? 6   C   A O2    1 
ATOM   125 N N3    . C   A 1 6  ? -0.069  -6.705  0.828   1.00 19.60  ? 6   C   A N3    1 
ATOM   126 C C4    . C   A 1 6  ? -0.424  -5.614  1.507   1.00 19.10  ? 6   C   A C4    1 
ATOM   127 N N4    . C   A 1 6  ? -1.653  -5.131  1.324   1.00 20.42  ? 6   C   A N4    1 
ATOM   128 C C5    . C   A 1 6  ? 0.463   -4.962  2.396   1.00 19.51  ? 6   C   A C5    1 
ATOM   129 C C6    . C   A 1 6  ? 1.662   -5.525  2.599   1.00 20.47  ? 6   C   A C6    1 
ATOM   130 P P     . U   A 1 7  ? 6.445   -4.635  -0.174  1.00 22.04  ? 7   U   A P     1 
ATOM   131 O OP1   . U   A 1 7  ? 7.961   -4.444  -0.362  1.00 23.59  ? 7   U   A OP1   1 
ATOM   132 O OP2   . U   A 1 7  ? 5.631   -3.425  -0.057  1.00 22.08  ? 7   U   A OP2   1 
ATOM   133 O "O5'" . U   A 1 7  ? 5.880   -5.513  -1.382  1.00 20.69  ? 7   U   A "O5'" 1 
ATOM   134 C "C5'" . U   A 1 7  ? 6.476   -6.749  -1.810  1.00 21.01  ? 7   U   A "C5'" 1 
ATOM   135 C "C4'" . U   A 1 7  ? 5.641   -7.334  -2.908  1.00 21.37  ? 7   U   A "C4'" 1 
ATOM   136 O "O4'" . U   A 1 7  ? 4.334   -7.667  -2.386  1.00 21.81  ? 7   U   A "O4'" 1 
ATOM   137 C "C3'" . U   A 1 7  ? 5.328   -6.378  -4.054  1.00 22.22  ? 7   U   A "C3'" 1 
ATOM   138 O "O3'" . U   A 1 7  ? 6.444   -6.288  -4.980  1.00 21.95  ? 7   U   A "O3'" 1 
ATOM   139 C "C2'" . U   A 1 7  ? 4.157   -7.103  -4.677  1.00 21.11  ? 7   U   A "C2'" 1 
ATOM   140 O "O2'" . U   A 1 7  ? 4.464   -8.327  -5.318  1.00 21.50  ? 7   U   A "O2'" 1 
ATOM   141 C "C1'" . U   A 1 7  ? 3.365   -7.456  -3.418  1.00 20.30  ? 7   U   A "C1'" 1 
ATOM   142 N N1    . U   A 1 7  ? 2.362   -6.488  -2.940  1.00 19.52  ? 7   U   A N1    1 
ATOM   143 C C2    . U   A 1 7  ? 1.128   -6.529  -3.568  1.00 20.72  ? 7   U   A C2    1 
ATOM   144 O O2    . U   A 1 7  ? 0.915   -7.222  -4.536  1.00 19.80  ? 7   U   A O2    1 
ATOM   145 N N3    . U   A 1 7  ? 0.167   -5.704  -3.028  1.00 20.27  ? 7   U   A N3    1 
ATOM   146 C C4    . U   A 1 7  ? 0.311   -4.838  -1.952  1.00 20.75  ? 7   U   A C4    1 
ATOM   147 O O4    . U   A 1 7  ? -0.665  -4.187  -1.550  1.00 22.00  ? 7   U   A O4    1 
ATOM   148 C C5    . U   A 1 7  ? 1.625   -4.803  -1.397  1.00 20.39  ? 7   U   A C5    1 
ATOM   149 C C6    . U   A 1 7  ? 2.576   -5.641  -1.863  1.00 20.14  ? 7   U   A C6    1 
ATOM   150 P P     . U   A 1 8  ? 6.723   -4.906  -5.607  1.00 24.19  ? 8   U   A P     1 
ATOM   151 O OP1   . U   A 1 8  ? 8.005   -5.111  -6.366  1.00 30.12  ? 8   U   A OP1   1 
ATOM   152 O OP2   . U   A 1 8  ? 6.590   -3.802  -4.673  1.00 25.34  ? 8   U   A OP2   1 
ATOM   153 O "O5'" . U   A 1 8  ? 5.575   -4.665  -6.677  1.00 23.75  ? 8   U   A "O5'" 1 
ATOM   154 C "C5'" . U   A 1 8  ? 5.598   -5.555  -7.785  1.00 23.27  ? 8   U   A "C5'" 1 
ATOM   155 C "C4'" . U   A 1 8  ? 4.349   -5.383  -8.607  1.00 22.25  ? 8   U   A "C4'" 1 
ATOM   156 O "O4'" . U   A 1 8  ? 3.208   -5.900  -7.884  1.00 22.88  ? 8   U   A "O4'" 1 
ATOM   157 C "C3'" . U   A 1 8  ? 3.958   -3.962  -8.948  1.00 23.42  ? 8   U   A "C3'" 1 
ATOM   158 O "O3'" . U   A 1 8  ? 4.729   -3.418  -10.034 1.00 22.92  ? 8   U   A "O3'" 1 
ATOM   159 C "C2'" . U   A 1 8  ? 2.506   -4.166  -9.313  1.00 23.68  ? 8   U   A "C2'" 1 
ATOM   160 O "O2'" . U   A 1 8  ? 2.454   -4.792  -10.592 1.00 25.20  ? 8   U   A "O2'" 1 
ATOM   161 C "C1'" . U   A 1 8  ? 2.067   -5.123  -8.210  1.00 21.16  ? 8   U   A "C1'" 1 
ATOM   162 N N1    . U   A 1 8  ? 1.595   -4.405  -7.011  1.00 22.01  ? 8   U   A N1    1 
ATOM   163 C C2    . U   A 1 8  ? 0.292   -3.980  -7.039  1.00 21.66  ? 8   U   A C2    1 
ATOM   164 O O2    . U   A 1 8  ? -0.467  -4.225  -7.977  1.00 23.74  ? 8   U   A O2    1 
ATOM   165 N N3    . U   A 1 8  ? -0.124  -3.327  -5.913  1.00 21.73  ? 8   U   A N3    1 
ATOM   166 C C4    . U   A 1 8  ? 0.639   -2.969  -4.823  1.00 21.48  ? 8   U   A C4    1 
ATOM   167 O O4    . U   A 1 8  ? 0.134   -2.300  -3.923  1.00 22.18  ? 8   U   A O4    1 
ATOM   168 C C5    . U   A 1 8  ? 1.992   -3.412  -4.879  1.00 19.93  ? 8   U   A C5    1 
ATOM   169 C C6    . U   A 1 8  ? 2.418   -4.108  -5.934  1.00 22.04  ? 8   U   A C6    1 
ATOM   170 P P     . A   A 1 9  ? 5.079   -1.923  -10.104 1.00 24.04  ? 9   A   A P     1 
ATOM   171 O OP1   . A   A 1 9  ? 5.966   -1.705  -11.274 1.00 26.12  ? 9   A   A OP1   1 
ATOM   172 O OP2   . A   A 1 9  ? 5.567   -1.484  -8.749  1.00 25.64  ? 9   A   A OP2   1 
ATOM   173 O "O5'" . A   A 1 9  ? 3.743   -1.164  -10.426 1.00 24.74  ? 9   A   A "O5'" 1 
ATOM   174 C "C5'" . A   A 1 9  ? 3.155   -1.378  -11.703 1.00 22.43  ? 9   A   A "C5'" 1 
ATOM   175 C "C4'" . A   A 1 9  ? 1.769   -0.818  -11.728 1.00 25.13  ? 9   A   A "C4'" 1 
ATOM   176 O "O4'" . A   A 1 9  ? 0.946   -1.485  -10.734 1.00 25.82  ? 9   A   A "O4'" 1 
ATOM   177 C "C3'" . A   A 1 9  ? 1.571   0.667   -11.414 1.00 23.69  ? 9   A   A "C3'" 1 
ATOM   178 O "O3'" . A   A 1 9  ? 1.837   1.426   -12.572 1.00 22.84  ? 9   A   A "O3'" 1 
ATOM   179 C "C2'" . A   A 1 9  ? 0.086   0.698   -11.121 1.00 22.56  ? 9   A   A "C2'" 1 
ATOM   180 O "O2'" . A   A 1 9  ? -0.699  0.560   -12.273 1.00 23.15  ? 9   A   A "O2'" 1 
ATOM   181 C "C1'" . A   A 1 9  ? -0.040  -0.566  -10.276 1.00 22.67  ? 9   A   A "C1'" 1 
ATOM   182 N N9    . A   A 1 9  ? 0.174   -0.339  -8.850  1.00 21.48  ? 9   A   A N9    1 
ATOM   183 C C8    . A   A 1 9  ? 1.265   -0.600  -8.061  1.00 21.72  ? 9   A   A C8    1 
ATOM   184 N N7    . A   A 1 9  ? 1.096   -0.264  -6.797  1.00 23.64  ? 9   A   A N7    1 
ATOM   185 C C5    . A   A 1 9  ? -0.192  0.258   -6.767  1.00 20.51  ? 9   A   A C5    1 
ATOM   186 C C6    . A   A 1 9  ? -0.996  0.736   -5.710  1.00 22.57  ? 9   A   A C6    1 
ATOM   187 N N6    . A   A 1 9  ? -0.578  0.816   -4.453  1.00 25.65  ? 9   A   A N6    1 
ATOM   188 N N1    . A   A 1 9  ? -2.250  1.154   -6.006  1.00 21.82  ? 9   A   A N1    1 
ATOM   189 C C2    . A   A 1 9  ? -2.642  1.113   -7.287  1.00 23.72  ? 9   A   A C2    1 
ATOM   190 N N3    . A   A 1 9  ? -2.009  0.594   -8.347  1.00 22.27  ? 9   A   A N3    1 
ATOM   191 C C4    . A   A 1 9  ? -0.775  0.192   -8.016  1.00 20.82  ? 9   A   A C4    1 
ATOM   192 P P     . A   A 1 10 ? 2.377   2.933   -12.457 1.00 24.22  ? 10  A   A P     1 
ATOM   193 O OP1   . A   A 1 10 ? 2.845   3.326   -13.816 1.00 22.36  ? 10  A   A OP1   1 
ATOM   194 O OP2   . A   A 1 10 ? 3.313   3.019   -11.315 1.00 25.10  ? 10  A   A OP2   1 
ATOM   195 O "O5'" . A   A 1 10 ? 1.081   3.743   -12.008 1.00 24.04  ? 10  A   A "O5'" 1 
ATOM   196 C "C5'" . A   A 1 10 ? 0.081   4.069   -12.993 1.00 21.94  ? 10  A   A "C5'" 1 
ATOM   197 C "C4'" . A   A 1 10 ? -1.162  4.619   -12.380 1.00 22.08  ? 10  A   A "C4'" 1 
ATOM   198 O "O4'" . A   A 1 10 ? -1.737  3.712   -11.387 1.00 22.87  ? 10  A   A "O4'" 1 
ATOM   199 C "C3'" . A   A 1 10 ? -1.013  5.925   -11.616 1.00 25.60  ? 10  A   A "C3'" 1 
ATOM   200 O "O3'" . A   A 1 10 ? -0.918  7.017   -12.472 1.00 28.23  ? 10  A   A "O3'" 1 
ATOM   201 C "C2'" . A   A 1 10 ? -2.317  5.933   -10.845 1.00 23.91  ? 10  A   A "C2'" 1 
ATOM   202 O "O2'" . A   A 1 10 ? -3.395  6.301   -11.688 1.00 24.72  ? 10  A   A "O2'" 1 
ATOM   203 C "C1'" . A   A 1 10 ? -2.313  4.501   -10.341 1.00 21.73  ? 10  A   A "C1'" 1 
ATOM   204 N N9    . A   A 1 10 ? -1.472  4.342   -9.156  1.00 22.83  ? 10  A   A N9    1 
ATOM   205 C C8    . A   A 1 10 ? -0.214  3.791   -9.038  1.00 23.12  ? 10  A   A C8    1 
ATOM   206 N N7    . A   A 1 10 ? 0.199   3.685   -7.804  1.00 21.49  ? 10  A   A N7    1 
ATOM   207 C C5    . A   A 1 10 ? -0.853  4.191   -7.051  1.00 21.59  ? 10  A   A C5    1 
ATOM   208 C C6    . A   A 1 10 ? -1.058  4.302   -5.662  1.00 21.39  ? 10  A   A C6    1 
ATOM   209 N N6    . A   A 1 10 ? -0.147  3.967   -4.748  1.00 23.29  ? 10  A   A N6    1 
ATOM   210 N N1    . A   A 1 10 ? -2.232  4.826   -5.240  1.00 20.40  ? 10  A   A N1    1 
ATOM   211 C C2    . A   A 1 10 ? -3.147  5.177   -6.155  1.00 21.75  ? 10  A   A C2    1 
ATOM   212 N N3    . A   A 1 10 ? -3.081  5.097   -7.489  1.00 21.61  ? 10  A   A N3    1 
ATOM   213 C C4    . A   A 1 10 ? -1.896  4.583   -7.872  1.00 21.48  ? 10  A   A C4    1 
ATOM   214 P P     . G   A 1 11 ? -0.076  8.323   -12.011 1.00 30.67  ? 11  G   A P     1 
ATOM   215 O OP1   . G   A 1 11 ? -0.083  9.096   -13.261 1.00 29.18  ? 11  G   A OP1   1 
ATOM   216 O OP2   . G   A 1 11 ? 1.191   7.929   -11.332 1.00 32.57  ? 11  G   A OP2   1 
ATOM   217 O "O5'" . G   A 1 11 ? -0.933  8.960   -10.855 1.00 28.84  ? 11  G   A "O5'" 1 
ATOM   218 C "C5'" . G   A 1 11 ? -2.239  9.473   -11.074 1.00 30.44  ? 11  G   A "C5'" 1 
ATOM   219 C "C4'" . G   A 1 11 ? -2.868  9.836   -9.769  1.00 28.45  ? 11  G   A "C4'" 1 
ATOM   220 O "O4'" . G   A 1 11 ? -3.025  8.659   -8.939  1.00 29.64  ? 11  G   A "O4'" 1 
ATOM   221 C "C3'" . G   A 1 11 ? -2.100  10.797  -8.859  1.00 29.10  ? 11  G   A "C3'" 1 
ATOM   222 O "O3'" . G   A 1 11 ? -2.241  12.126  -9.327  1.00 34.41  ? 11  G   A "O3'" 1 
ATOM   223 C "C2'" . G   A 1 11 ? -2.841  10.546  -7.563  1.00 25.76  ? 11  G   A "C2'" 1 
ATOM   224 O "O2'" . G   A 1 11 ? -4.172  11.021  -7.566  1.00 28.47  ? 11  G   A "O2'" 1 
ATOM   225 C "C1'" . G   A 1 11 ? -2.840  9.018   -7.566  1.00 28.13  ? 11  G   A "C1'" 1 
ATOM   226 N N9    . G   A 1 11 ? -1.648  8.377   -6.983  1.00 24.89  ? 11  G   A N9    1 
ATOM   227 C C8    . G   A 1 11 ? -0.516  7.879   -7.572  1.00 20.98  ? 11  G   A C8    1 
ATOM   228 N N7    . G   A 1 11 ? 0.310   7.335   -6.722  1.00 27.52  ? 11  G   A N7    1 
ATOM   229 C C5    . G   A 1 11 ? -0.235  7.636   -5.483  1.00 25.38  ? 11  G   A C5    1 
ATOM   230 C C6    . G   A 1 11 ? 0.244   7.354   -4.168  1.00 22.00  ? 11  G   A C6    1 
ATOM   231 O O6    . G   A 1 11 ? 1.290   6.776   -3.831  1.00 25.23  ? 11  G   A O6    1 
ATOM   232 N N1    . G   A 1 11 ? -0.657  7.784   -3.206  1.00 23.43  ? 11  G   A N1    1 
ATOM   233 C C2    . G   A 1 11 ? -1.856  8.408   -3.461  1.00 24.26  ? 11  G   A C2    1 
ATOM   234 N N2    . G   A 1 11 ? -2.569  8.798   -2.406  1.00 25.67  ? 11  G   A N2    1 
ATOM   235 N N3    . G   A 1 11 ? -2.312  8.669   -4.677  1.00 26.36  ? 11  G   A N3    1 
ATOM   236 C C4    . G   A 1 11 ? -1.450  8.269   -5.627  1.00 23.25  ? 11  G   A C4    1 
ATOM   237 P P     . U   A 1 12 ? -1.226  13.295  -8.931  1.00 29.44  ? 12  U   A P     1 
ATOM   238 O OP1   . U   A 1 12 ? -1.632  14.490  -9.765  1.00 35.37  ? 12  U   A OP1   1 
ATOM   239 O OP2   . U   A 1 12 ? 0.110   12.853  -9.016  1.00 29.88  ? 12  U   A OP2   1 
ATOM   240 O "O5'" . U   A 1 12 ? -1.572  13.650  -7.412  1.00 27.43  ? 12  U   A "O5'" 1 
ATOM   241 C "C5'" . U   A 1 12 ? -2.839  14.101  -6.964  1.00 26.58  ? 12  U   A "C5'" 1 
ATOM   242 C "C4'" . U   A 1 12 ? -2.866  14.147  -5.448  1.00 29.26  ? 12  U   A "C4'" 1 
ATOM   243 O "O4'" . U   A 1 12 ? -2.800  12.803  -4.919  1.00 28.89  ? 12  U   A "O4'" 1 
ATOM   244 C "C3'" . U   A 1 12 ? -1.695  14.835  -4.783  1.00 27.26  ? 12  U   A "C3'" 1 
ATOM   245 O "O3'" . U   A 1 12 ? -1.873  16.236  -4.802  1.00 29.88  ? 12  U   A "O3'" 1 
ATOM   246 C "C2'" . U   A 1 12 ? -1.782  14.261  -3.379  1.00 26.80  ? 12  U   A "C2'" 1 
ATOM   247 O "O2'" . U   A 1 12 ? -2.906  14.715  -2.673  1.00 27.96  ? 12  U   A "O2'" 1 
ATOM   248 C "C1'" . U   A 1 12 ? -2.068  12.798  -3.697  1.00 26.10  ? 12  U   A "C1'" 1 
ATOM   249 N N1    . U   A 1 12 ? -0.856  11.978  -3.865  1.00 23.88  ? 12  U   A N1    1 
ATOM   250 C C2    . U   A 1 12 ? -0.264  11.528  -2.698  1.00 24.40  ? 12  U   A C2    1 
ATOM   251 O O2    . U   A 1 12 ? -0.709  11.792  -1.590  1.00 25.32  ? 12  U   A O2    1 
ATOM   252 N N3    . U   A 1 12 ? 0.846   10.744  -2.879  1.00 22.77  ? 12  U   A N3    1 
ATOM   253 C C4    . U   A 1 12 ? 1.419   10.362  -4.076  1.00 23.02  ? 12  U   A C4    1 
ATOM   254 O O4    . U   A 1 12 ? 2.418   9.630   -4.070  1.00 25.24  ? 12  U   A O4    1 
ATOM   255 C C5    . U   A 1 12 ? 0.796   10.918  -5.236  1.00 22.68  ? 12  U   A C5    1 
ATOM   256 C C6    . U   A 1 12 ? -0.297  11.685  -5.099  1.00 21.78  ? 12  U   A C6    1 
ATOM   257 P P     . C   A 1 13 ? -0.633  17.170  -4.823  1.00 26.92  ? 13  C   A P     1 
ATOM   258 O OP1   . C   A 1 13 ? -1.140  18.584  -5.036  1.00 28.36  ? 13  C   A OP1   1 
ATOM   259 O OP2   . C   A 1 13 ? 0.415   16.581  -5.766  1.00 26.03  ? 13  C   A OP2   1 
ATOM   260 O "O5'" . C   A 1 13 ? -0.009  17.118  -3.353  1.00 25.10  ? 13  C   A "O5'" 1 
ATOM   261 C "C5'" . C   A 1 13 ? -0.789  17.529  -2.248  1.00 24.29  ? 13  C   A "C5'" 1 
ATOM   262 C "C4'" . C   A 1 13 ? -0.163  17.017  -0.972  1.00 24.16  ? 13  C   A "C4'" 1 
ATOM   263 O "O4'" . C   A 1 13 ? -0.181  15.571  -0.949  1.00 25.48  ? 13  C   A "O4'" 1 
ATOM   264 C "C3'" . C   A 1 13 ? 1.284   17.371  -0.728  1.00 23.38  ? 13  C   A "C3'" 1 
ATOM   265 O "O3'" . C   A 1 13 ? 1.392   18.662  -0.148  1.00 23.58  ? 13  C   A "O3'" 1 
ATOM   266 C "C2'" . C   A 1 13 ? 1.666   16.320  0.311   1.00 23.57  ? 13  C   A "C2'" 1 
ATOM   267 O "O2'" . C   A 1 13 ? 1.129   16.543  1.595   1.00 25.27  ? 13  C   A "O2'" 1 
ATOM   268 C "C1'" . C   A 1 13 ? 0.967   15.092  -0.270  1.00 23.80  ? 13  C   A "C1'" 1 
ATOM   269 N N1    . C   A 1 13 ? 1.819   14.333  -1.203  1.00 22.81  ? 13  C   A N1    1 
ATOM   270 C C2    . C   A 1 13 ? 2.751   13.486  -0.629  1.00 22.09  ? 13  C   A C2    1 
ATOM   271 O O2    . C   A 1 13 ? 2.736   13.344  0.591   1.00 23.31  ? 13  C   A O2    1 
ATOM   272 N N3    . C   A 1 13 ? 3.570   12.751  -1.428  1.00 20.72  ? 13  C   A N3    1 
ATOM   273 C C4    . C   A 1 13 ? 3.498   12.885  -2.751  1.00 21.84  ? 13  C   A C4    1 
ATOM   274 N N4    . C   A 1 13 ? 4.314   12.146  -3.495  1.00 23.22  ? 13  C   A N4    1 
ATOM   275 C C5    . C   A 1 13 ? 2.577   13.776  -3.367  1.00 21.55  ? 13  C   A C5    1 
ATOM   276 C C6    . C   A 1 13 ? 1.764   14.474  -2.565  1.00 20.19  ? 13  C   A C6    1 
ATOM   277 P P     . G   A 1 14 ? 2.647   19.545  -0.438  1.00 26.61  ? 14  G   A P     1 
ATOM   278 O OP1   . G   A 1 14 ? 2.404   20.815  0.197   1.00 31.73  ? 14  G   A OP1   1 
ATOM   279 O OP2   . G   A 1 14 ? 2.960   19.481  -1.819  1.00 26.50  ? 14  G   A OP2   1 
ATOM   280 O "O5'" . G   A 1 14 ? 3.842   18.835  0.328   1.00 26.09  ? 14  G   A "O5'" 1 
ATOM   281 C "C5'" . G   A 1 14 ? 3.887   18.823  1.743   1.00 28.48  ? 14  G   A "C5'" 1 
ATOM   282 C "C4'" . G   A 1 14 ? 5.048   18.011  2.247   1.00 29.10  ? 14  G   A "C4'" 1 
ATOM   283 O "O4'" . G   A 1 14 ? 4.913   16.653  1.780   1.00 27.24  ? 14  G   A "O4'" 1 
ATOM   284 C "C3'" . G   A 1 14 ? 6.435   18.406  1.768   1.00 31.46  ? 14  G   A "C3'" 1 
ATOM   285 O "O3'" . G   A 1 14 ? 6.956   19.554  2.455   1.00 34.58  ? 14  G   A "O3'" 1 
ATOM   286 C "C2'" . G   A 1 14 ? 7.220   17.133  2.070   1.00 28.86  ? 14  G   A "C2'" 1 
ATOM   287 O "O2'" . G   A 1 14 ? 7.536   17.096  3.433   1.00 33.92  ? 14  G   A "O2'" 1 
ATOM   288 C "C1'" . G   A 1 14 ? 6.179   16.038  1.776   1.00 26.65  ? 14  G   A "C1'" 1 
ATOM   289 N N9    . G   A 1 14 ? 6.361   15.362  0.498   1.00 22.65  ? 14  G   A N9    1 
ATOM   290 C C8    . G   A 1 14 ? 5.749   15.647  -0.693  1.00 24.69  ? 14  G   A C8    1 
ATOM   291 N N7    . G   A 1 14 ? 6.141   14.878  -1.668  1.00 23.17  ? 14  G   A N7    1 
ATOM   292 C C5    . G   A 1 14 ? 7.090   14.051  -1.091  1.00 21.97  ? 14  G   A C5    1 
ATOM   293 C C6    . G   A 1 14 ? 7.869   13.009  -1.657  1.00 22.61  ? 14  G   A C6    1 
ATOM   294 O O6    . G   A 1 14 ? 7.876   12.598  -2.815  1.00 24.33  ? 14  G   A O6    1 
ATOM   295 N N1    . G   A 1 14 ? 8.707   12.428  -0.716  1.00 23.48  ? 14  G   A N1    1 
ATOM   296 C C2    . G   A 1 14 ? 8.772   12.788  0.603   1.00 21.91  ? 14  G   A C2    1 
ATOM   297 N N2    . G   A 1 14 ? 9.635   12.102  1.353   1.00 24.74  ? 14  G   A N2    1 
ATOM   298 N N3    . G   A 1 14 ? 8.045   13.746  1.146   1.00 23.93  ? 14  G   A N3    1 
ATOM   299 C C4    . G   A 1 14 ? 7.236   14.338  0.246   1.00 22.45  ? 14  G   A C4    1 
HETATM 300 P PB    . GDP A 1 15 ? 7.539   20.713  1.632   1.00 39.77  ? 15  GDP A PB    1 
HETATM 301 O O2B   . GDP A 1 15 ? 6.439   20.996  0.614   1.00 46.37  ? 15  GDP A O2B   1 
HETATM 302 O O3B   . GDP A 1 15 ? 7.775   21.637  2.728   1.00 40.33  ? 15  GDP A O3B   1 
HETATM 303 O O3A   . GDP A 1 15 ? 8.296   20.666  0.213   1.00 46.68  ? 15  GDP A O3A   1 
HETATM 304 P PA    . GDP A 1 15 ? 9.880   20.126  -0.141  1.00 59.68  ? 15  GDP A PA    1 
HETATM 305 O O1A   . GDP A 1 15 ? 9.802   19.508  -1.542  1.00 60.04  ? 15  GDP A O1A   1 
HETATM 306 O O2A   . GDP A 1 15 ? 11.115  20.853  0.318   1.00 67.60  ? 15  GDP A O2A   1 
HETATM 307 O "O5'" . GDP A 1 15 ? 9.630   19.307  1.298   1.00 49.96  ? 15  GDP A "O5'" 1 
HETATM 308 C "C5'" . GDP A 1 15 ? 10.581  18.716  2.212   1.00 50.71  ? 15  GDP A "C5'" 1 
HETATM 309 C "C4'" . GDP A 1 15 ? 11.117  17.341  1.738   1.00 52.35  ? 15  GDP A "C4'" 1 
HETATM 310 O "O4'" . GDP A 1 15 ? 10.335  16.463  0.816   1.00 44.54  ? 15  GDP A "O4'" 1 
HETATM 311 C "C3'" . GDP A 1 15 ? 12.406  17.469  0.865   1.00 52.77  ? 15  GDP A "C3'" 1 
HETATM 312 O "O3'" . GDP A 1 15 ? 13.529  18.115  1.517   1.00 54.93  ? 15  GDP A "O3'" 1 
HETATM 313 C "C2'" . GDP A 1 15 ? 12.680  15.968  0.634   1.00 44.91  ? 15  GDP A "C2'" 1 
HETATM 314 O "O2'" . GDP A 1 15 ? 13.387  15.356  1.765   1.00 49.74  ? 15  GDP A "O2'" 1 
HETATM 315 C "C1'" . GDP A 1 15 ? 11.285  15.388  0.447   1.00 37.53  ? 15  GDP A "C1'" 1 
HETATM 316 N N9    . GDP A 1 15 ? 11.038  15.002  -0.902  1.00 33.07  ? 15  GDP A N9    1 
HETATM 317 C C8    . GDP A 1 15 ? 10.145  15.498  -1.760  1.00 29.90  ? 15  GDP A C8    1 
HETATM 318 N N7    . GDP A 1 15 ? 10.229  14.876  -2.911  1.00 32.55  ? 15  GDP A N7    1 
HETATM 319 C C5    . GDP A 1 15 ? 11.192  13.956  -2.751  1.00 29.53  ? 15  GDP A C5    1 
HETATM 320 C C6    . GDP A 1 15 ? 11.643  13.094  -3.586  1.00 30.58  ? 15  GDP A C6    1 
HETATM 321 O O6    . GDP A 1 15 ? 11.196  12.952  -4.706  1.00 34.22  ? 15  GDP A O6    1 
HETATM 322 N N1    . GDP A 1 15 ? 12.681  12.270  -3.147  1.00 30.02  ? 15  GDP A N1    1 
HETATM 323 C C2    . GDP A 1 15 ? 13.217  12.338  -1.874  1.00 32.18  ? 15  GDP A C2    1 
HETATM 324 N N2    . GDP A 1 15 ? 14.244  11.469  -1.588  1.00 25.72  ? 15  GDP A N2    1 
HETATM 325 N N3    . GDP A 1 15 ? 12.721  13.239  -0.994  1.00 30.39  ? 15  GDP A N3    1 
HETATM 326 C C4    . GDP A 1 15 ? 11.707  14.034  -1.510  1.00 30.69  ? 15  GDP A C4    1 
HETATM 327 O "O5'" . LCC B 1 1  ? 15.916  6.451   -12.989 1.00 44.73  ? 1   LCC B "O5'" 1 
HETATM 328 C "C5'" . LCC B 1 1  ? 17.274  6.153   -12.748 1.00 40.28  ? 1   LCC B "C5'" 1 
HETATM 329 C "C4'" . LCC B 1 1  ? 17.593  6.767   -11.402 1.00 31.19  ? 1   LCC B "C4'" 1 
HETATM 330 O "O4'" . LCC B 1 1  ? 17.568  8.202   -11.425 1.00 30.40  ? 1   LCC B "O4'" 1 
HETATM 331 C "C1'" . LCC B 1 1  ? 17.820  8.595   -10.109 1.00 29.11  ? 1   LCC B "C1'" 1 
HETATM 332 N N1    . LCC B 1 1  ? 16.964  9.646   -9.542  1.00 31.18  ? 1   LCC B N1    1 
HETATM 333 C C6    . LCC B 1 1  ? 15.884  10.083  -10.236 1.00 29.13  ? 1   LCC B C6    1 
HETATM 334 C C5    . LCC B 1 1  ? 15.102  11.049  -9.691  1.00 26.57  ? 1   LCC B C5    1 
HETATM 335 C C5M   . LCC B 1 1  ? 14.021  11.483  -10.344 1.00 32.38  ? 1   LCC B C5M   1 
HETATM 336 C C4    . LCC B 1 1  ? 15.444  11.536  -8.465  1.00 33.85  ? 1   LCC B C4    1 
HETATM 337 N N4    . LCC B 1 1  ? 14.704  12.477  -7.899  1.00 37.49  ? 1   LCC B N4    1 
HETATM 338 N N3    . LCC B 1 1  ? 16.476  11.068  -7.837  1.00 31.31  ? 1   LCC B N3    1 
HETATM 339 C C2    . LCC B 1 1  ? 17.245  10.165  -8.344  1.00 26.94  ? 1   LCC B C2    1 
HETATM 340 O O2    . LCC B 1 1  ? 18.195  9.822   -7.660  1.00 31.19  ? 1   LCC B O2    1 
HETATM 341 C "C3'" . LCC B 1 1  ? 16.673  6.439   -10.179 1.00 32.31  ? 1   LCC B "C3'" 1 
HETATM 342 C "C2'" . LCC B 1 1  ? 17.687  7.274   -9.370  1.00 28.74  ? 1   LCC B "C2'" 1 
HETATM 343 O "O2'" . LCC B 1 1  ? 18.895  6.738   -9.615  1.00 32.12  ? 1   LCC B "O2'" 1 
HETATM 344 O "O3'" . LCC B 1 1  ? 16.832  5.082   -9.812  1.00 33.47  ? 1   LCC B "O3'" 1 
HETATM 345 C "C6'" . LCC B 1 1  ? 18.916  6.357   -10.964 1.00 31.60  ? 1   LCC B "C6'" 1 
HETATM 346 O "O5'" . LCC B 1 2  ? 15.723  5.223   -7.607  1.00 28.54  ? 2   LCC B "O5'" 1 
HETATM 347 C "C5'" . LCC B 1 2  ? 16.886  4.834   -6.890  1.00 29.55  ? 2   LCC B "C5'" 1 
HETATM 348 C "C4'" . LCC B 1 2  ? 16.855  5.787   -5.702  1.00 26.97  ? 2   LCC B "C4'" 1 
HETATM 349 O "O4'" . LCC B 1 2  ? 16.960  7.097   -6.157  1.00 27.10  ? 2   LCC B "O4'" 1 
HETATM 350 C "C1'" . LCC B 1 2  ? 16.503  7.964   -5.072  1.00 24.71  ? 2   LCC B "C1'" 1 
HETATM 351 N N1    . LCC B 1 2  ? 15.280  8.685   -5.520  1.00 27.98  ? 2   LCC B N1    1 
HETATM 352 C C6    . LCC B 1 2  ? 14.645  8.407   -6.741  1.00 29.31  ? 2   LCC B C6    1 
HETATM 353 C C5    . LCC B 1 2  ? 13.497  9.148   -7.046  1.00 28.34  ? 2   LCC B C5    1 
HETATM 354 C C5M   . LCC B 1 2  ? 12.805  8.882   -8.253  1.00 30.65  ? 2   LCC B C5M   1 
HETATM 355 C C4    . LCC B 1 2  ? 13.074  10.114  -6.135  1.00 27.31  ? 2   LCC B C4    1 
HETATM 356 N N4    . LCC B 1 2  ? 12.006  10.854  -6.401  1.00 33.07  ? 2   LCC B N4    1 
HETATM 357 N N3    . LCC B 1 2  ? 13.703  10.403  -5.017  1.00 28.85  ? 2   LCC B N3    1 
HETATM 358 C C2    . LCC B 1 2  ? 14.819  9.658   -4.698  1.00 27.86  ? 2   LCC B C2    1 
HETATM 359 O O2    . LCC B 1 2  ? 15.394  9.922   -3.627  1.00 28.62  ? 2   LCC B O2    1 
HETATM 360 C "C3'" . LCC B 1 2  ? 15.607  5.898   -4.912  1.00 29.39  ? 2   LCC B "C3'" 1 
HETATM 361 C "C2'" . LCC B 1 2  ? 16.170  6.957   -4.070  1.00 27.85  ? 2   LCC B "C2'" 1 
HETATM 362 O "O2'" . LCC B 1 2  ? 17.404  6.396   -3.570  1.00 29.31  ? 2   LCC B "O2'" 1 
HETATM 363 O "O3'" . LCC B 1 2  ? 15.428  4.723   -4.185  1.00 30.49  ? 2   LCC B "O3'" 1 
HETATM 364 C "C6'" . LCC B 1 2  ? 17.938  5.481   -4.602  1.00 30.12  ? 2   LCC B "C6'" 1 
HETATM 365 P P     . LCC B 1 2  ? 15.555  4.523   -9.089  1.00 31.37  ? 2   LCC B P     1 
HETATM 366 O O1P   . LCC B 1 2  ? 14.263  5.097   -9.509  1.00 28.77  ? 2   LCC B O1P   1 
HETATM 367 O O2P   . LCC B 1 2  ? 15.991  3.099   -9.145  1.00 34.65  ? 2   LCC B O2P   1 
HETATM 368 O "O5'" . LCC B 1 3  ? 13.820  5.084   -2.358  1.00 27.98  ? 3   LCC B "O5'" 1 
HETATM 369 C "C5'" . LCC B 1 3  ? 14.655  5.003   -1.222  1.00 28.72  ? 3   LCC B "C5'" 1 
HETATM 370 C "C4'" . LCC B 1 3  ? 14.218  6.086   -0.285  1.00 27.03  ? 3   LCC B "C4'" 1 
HETATM 371 O "O4'" . LCC B 1 3  ? 14.243  7.344   -0.959  1.00 26.16  ? 3   LCC B "O4'" 1 
HETATM 372 C "C1'" . LCC B 1 3  ? 13.359  8.167   -0.235  1.00 26.43  ? 3   LCC B "C1'" 1 
HETATM 373 N N1    . LCC B 1 3  ? 12.284  8.653   -1.127  1.00 23.17  ? 3   LCC B N1    1 
HETATM 374 C C6    . LCC B 1 3  ? 12.088  8.133   -2.338  1.00 22.84  ? 3   LCC B C6    1 
HETATM 375 C C5    . LCC B 1 3  ? 11.129  8.595   -3.176  1.00 24.36  ? 3   LCC B C5    1 
HETATM 376 C C5M   . LCC B 1 3  ? 10.908  8.000   -4.527  1.00 25.13  ? 3   LCC B C5M   1 
HETATM 377 C C4    . LCC B 1 3  ? 10.303  9.706   -2.735  1.00 23.16  ? 3   LCC B C4    1 
HETATM 378 N N4    . LCC B 1 3  ? 9.352   10.177  -3.542  1.00 22.89  ? 3   LCC B N4    1 
HETATM 379 N N3    . LCC B 1 3  ? 10.526  10.177  -1.532  1.00 22.35  ? 3   LCC B N3    1 
HETATM 380 C C2    . LCC B 1 3  ? 11.490  9.718   -0.734  1.00 22.73  ? 3   LCC B C2    1 
HETATM 381 O O2    . LCC B 1 3  ? 11.626  10.208  0.355   1.00 23.76  ? 3   LCC B O2    1 
HETATM 382 C "C3'" . LCC B 1 3  ? 12.796  5.933   0.251   1.00 26.44  ? 3   LCC B "C3'" 1 
HETATM 383 C "C2'" . LCC B 1 3  ? 12.982  7.252   0.936   1.00 25.50  ? 3   LCC B "C2'" 1 
HETATM 384 O "O2'" . LCC B 1 3  ? 14.149  7.131   1.711   1.00 25.40  ? 3   LCC B "O2'" 1 
HETATM 385 O "O3'" . LCC B 1 3  ? 12.664  4.844   1.253   1.00 25.17  ? 3   LCC B "O3'" 1 
HETATM 386 C "C6'" . LCC B 1 3  ? 15.034  6.323   0.970   1.00 27.62  ? 3   LCC B "C6'" 1 
HETATM 387 P P     . LCC B 1 3  ? 14.045  4.165   -3.594  1.00 29.40  ? 3   LCC B P     1 
HETATM 388 O O1P   . LCC B 1 3  ? 12.957  4.506   -4.463  1.00 31.03  ? 3   LCC B O1P   1 
HETATM 389 O O2P   . LCC B 1 3  ? 14.077  2.775   -3.193  1.00 34.23  ? 3   LCC B O2P   1 
HETATM 390 P P     . LCG B 1 4  ? 11.257  4.195   1.117   1.00 25.18  ? 4   LCG B P     1 
HETATM 391 O OP1   . LCG B 1 4  ? 11.646  3.033   1.972   1.00 24.69  ? 4   LCG B OP1   1 
HETATM 392 O "O5'" . LCG B 1 4  ? 10.415  5.269   1.976   1.00 24.69  ? 4   LCG B "O5'" 1 
HETATM 393 C "C5'" . LCG B 1 4  ? 10.719  5.526   3.337   1.00 22.96  ? 4   LCG B "C5'" 1 
HETATM 394 C "C3'" . LCG B 1 4  ? 8.344   6.433   3.577   1.00 25.38  ? 4   LCG B "C3'" 1 
HETATM 395 C "C6'" . LCG B 1 4  ? 9.926   7.190   5.083   1.00 24.07  ? 4   LCG B "C6'" 1 
HETATM 396 N N9    . LCG B 1 4  ? 8.187   8.642   1.539   1.00 23.03  ? 4   LCG B N9    1 
HETATM 397 C C8    . LCG B 1 4  ? 8.551   7.979   0.438   1.00 21.06  ? 4   LCG B C8    1 
HETATM 398 C C4    . LCG B 1 4  ? 7.255   9.542   1.128   1.00 22.41  ? 4   LCG B C4    1 
HETATM 399 N N7    . LCG B 1 4  ? 7.846   8.340   -0.658  1.00 21.72  ? 4   LCG B N7    1 
HETATM 400 C C5    . LCG B 1 4  ? 7.051   9.343   -0.200  1.00 23.50  ? 4   LCG B C5    1 
HETATM 401 C C6    . LCG B 1 4  ? 6.163   10.139  -0.843  1.00 21.75  ? 4   LCG B C6    1 
HETATM 402 C "C2'" . LCG B 1 4  ? 7.957   7.840   3.988   1.00 22.07  ? 4   LCG B "C2'" 1 
HETATM 403 O O6    . LCG B 1 4  ? 5.880   10.043  -2.034  1.00 21.84  ? 4   LCG B O6    1 
HETATM 404 C "C4'" . LCG B 1 4  ? 9.796   6.694   3.695   1.00 23.53  ? 4   LCG B "C4'" 1 
HETATM 405 C "C1'" . LCG B 1 4  ? 8.708   8.616   2.888   1.00 22.24  ? 4   LCG B "C1'" 1 
HETATM 406 C C2    . LCG B 1 4  ? 5.655   11.189  1.224   1.00 20.60  ? 4   LCG B C2    1 
HETATM 407 N N1    . LCG B 1 4  ? 5.451   11.039  -0.099  1.00 19.72  ? 4   LCG B N1    1 
HETATM 408 O "O4'" . LCG B 1 4  ? 9.952   7.819   2.730   1.00 25.22  ? 4   LCG B "O4'" 1 
HETATM 409 O OP2   . LCG B 1 4  ? 10.681  4.185   -0.295  1.00 26.66  ? 4   LCG B OP2   1 
HETATM 410 N N2    . LCG B 1 4  ? 4.984   12.130  1.841   1.00 22.64  ? 4   LCG B N2    1 
HETATM 411 N N3    . LCG B 1 4  ? 6.606   10.463  1.869   1.00 22.29  ? 4   LCG B N3    1 
HETATM 412 O "O2'" . LCG B 1 4  ? 8.682   8.128   5.219   1.00 23.43  ? 4   LCG B "O2'" 1 
HETATM 413 O "O3'" . LCG B 1 4  ? 8.039   5.456   4.589   1.00 27.04  ? 4   LCG B "O3'" 1 
ATOM   414 P P     . A   B 1 5  ? 6.775   4.544   4.396   1.00 28.42  ? 5   A   B P     1 
ATOM   415 O OP1   . A   B 1 5  ? 6.909   3.505   5.556   1.00 30.28  ? 5   A   B OP1   1 
ATOM   416 O OP2   . A   B 1 5  ? 6.525   4.042   2.977   1.00 22.91  ? 5   A   B OP2   1 
ATOM   417 O "O5'" . A   B 1 5  ? 5.497   5.443   4.694   1.00 24.46  ? 5   A   B "O5'" 1 
ATOM   418 C "C5'" . A   B 1 5  ? 5.332   6.004   5.996   1.00 24.84  ? 5   A   B "C5'" 1 
ATOM   419 C "C4'" . A   B 1 5  ? 4.242   7.028   5.937   1.00 22.57  ? 5   A   B "C4'" 1 
ATOM   420 O "O4'" . A   B 1 5  ? 4.608   8.092   5.023   1.00 22.95  ? 5   A   B "O4'" 1 
ATOM   421 C "C3'" . A   B 1 5  ? 2.912   6.535   5.372   1.00 22.22  ? 5   A   B "C3'" 1 
ATOM   422 O "O3'" . A   B 1 5  ? 2.130   5.789   6.302   1.00 21.63  ? 5   A   B "O3'" 1 
ATOM   423 C "C2'" . A   B 1 5  ? 2.255   7.844   4.978   1.00 20.84  ? 5   A   B "C2'" 1 
ATOM   424 O "O2'" . A   B 1 5  ? 1.760   8.471   6.154   1.00 21.95  ? 5   A   B "O2'" 1 
ATOM   425 C "C1'" . A   B 1 5  ? 3.441   8.559   4.336   1.00 22.15  ? 5   A   B "C1'" 1 
ATOM   426 N N9    . A   B 1 5  ? 3.603   8.275   2.904   1.00 20.29  ? 5   A   B N9    1 
ATOM   427 C C8    . A   B 1 5  ? 4.452   7.364   2.321   1.00 24.34  ? 5   A   B C8    1 
ATOM   428 N N7    . A   B 1 5  ? 4.398   7.354   1.014   1.00 20.25  ? 5   A   B N7    1 
ATOM   429 C C5    . A   B 1 5  ? 3.465   8.336   0.710   1.00 18.70  ? 5   A   B C5    1 
ATOM   430 C C6    . A   B 1 5  ? 2.942   8.815   -0.507  1.00 18.67  ? 5   A   B C6    1 
ATOM   431 N N6    . A   B 1 5  ? 3.320   8.383   -1.702  1.00 22.26  ? 5   A   B N6    1 
ATOM   432 N N1    . A   B 1 5  ? 2.030   9.806   -0.452  1.00 21.35  ? 5   A   B N1    1 
ATOM   433 C C2    . A   B 1 5  ? 1.609   10.221  0.741   1.00 23.01  ? 5   A   B C2    1 
ATOM   434 N N3    . A   B 1 5  ? 1.997   9.836   1.952   1.00 22.03  ? 5   A   B N3    1 
ATOM   435 C C4    . A   B 1 5  ? 2.958   8.900   1.867   1.00 20.06  ? 5   A   B C4    1 
ATOM   436 P P     . C   B 1 6  ? 1.208   4.594   5.810   1.00 23.42  ? 6   C   B P     1 
ATOM   437 O OP1   . C   B 1 6  ? 0.751   3.881   7.039   1.00 23.67  ? 6   C   B OP1   1 
ATOM   438 O OP2   . C   B 1 6  ? 1.878   3.786   4.668   1.00 24.20  ? 6   C   B OP2   1 
ATOM   439 O "O5'" . C   B 1 6  ? -0.021  5.286   5.118   1.00 21.62  ? 6   C   B "O5'" 1 
ATOM   440 C "C5'" . C   B 1 6  ? -0.870  6.154   5.877   1.00 19.29  ? 6   C   B "C5'" 1 
ATOM   441 C "C4'" . C   B 1 6  ? -1.666  7.054   4.976   1.00 22.03  ? 6   C   B "C4'" 1 
ATOM   442 O "O4'" . C   B 1 6  ? -0.800  7.833   4.120   1.00 21.10  ? 6   C   B "O4'" 1 
ATOM   443 C "C3'" . C   B 1 6  ? -2.581  6.357   3.983   1.00 22.65  ? 6   C   B "C3'" 1 
ATOM   444 O "O3'" . C   B 1 6  ? -3.722  5.911   4.707   1.00 27.04  ? 6   C   B "O3'" 1 
ATOM   445 C "C2'" . C   B 1 6  ? -2.848  7.475   3.006   1.00 23.24  ? 6   C   B "C2'" 1 
ATOM   446 O "O2'" . C   B 1 6  ? -3.665  8.532   3.471   1.00 25.90  ? 6   C   B "O2'" 1 
ATOM   447 C "C1'" . C   B 1 6  ? -1.430  8.015   2.839   1.00 22.94  ? 6   C   B "C1'" 1 
ATOM   448 N N1    . C   B 1 6  ? -0.615  7.345   1.805   1.00 21.84  ? 6   C   B N1    1 
ATOM   449 C C2    . C   B 1 6  ? -0.790  7.728   0.464   1.00 21.32  ? 6   C   B C2    1 
ATOM   450 O O2    . C   B 1 6  ? -1.609  8.625   0.197   1.00 25.45  ? 6   C   B O2    1 
ATOM   451 N N3    . C   B 1 6  ? -0.020  7.149   -0.496  1.00 20.75  ? 6   C   B N3    1 
ATOM   452 C C4    . C   B 1 6  ? 0.869   6.211   -0.163  1.00 21.54  ? 6   C   B C4    1 
ATOM   453 N N4    . C   B 1 6  ? 1.590   5.641   -1.145  1.00 22.86  ? 6   C   B N4    1 
ATOM   454 C C5    . C   B 1 6  ? 0.998   5.741   1.172   1.00 20.70  ? 6   C   B C5    1 
ATOM   455 C C6    . C   B 1 6  ? 0.256   6.339   2.120   1.00 22.66  ? 6   C   B C6    1 
ATOM   456 P P     . U   B 1 7  ? -4.649  4.723   4.139   1.00 26.41  ? 7   U   B P     1 
ATOM   457 O OP1   . U   B 1 7  ? -5.771  4.573   5.130   1.00 29.93  ? 7   U   B OP1   1 
ATOM   458 O OP2   . U   B 1 7  ? -3.808  3.600   3.731   1.00 25.35  ? 7   U   B OP2   1 
ATOM   459 O "O5'" . U   B 1 7  ? -5.269  5.335   2.810   1.00 24.90  ? 7   U   B "O5'" 1 
ATOM   460 C "C5'" . U   B 1 7  ? -6.204  6.405   2.794   1.00 25.91  ? 7   U   B "C5'" 1 
ATOM   461 C "C4'" . U   B 1 7  ? -6.577  6.798   1.394   1.00 24.71  ? 7   U   B "C4'" 1 
ATOM   462 O "O4'" . U   B 1 7  ? -5.431  7.330   0.691   1.00 25.22  ? 7   U   B "O4'" 1 
ATOM   463 C "C3'" . U   B 1 7  ? -7.056  5.652   0.501   1.00 24.90  ? 7   U   B "C3'" 1 
ATOM   464 O "O3'" . U   B 1 7  ? -8.390  5.287   0.801   1.00 26.88  ? 7   U   B "O3'" 1 
ATOM   465 C "C2'" . U   B 1 7  ? -6.867  6.290   -0.845  1.00 23.54  ? 7   U   B "C2'" 1 
ATOM   466 O "O2'" . U   B 1 7  ? -7.850  7.278   -1.063  1.00 30.58  ? 7   U   B "O2'" 1 
ATOM   467 C "C1'" . U   B 1 7  ? -5.486  6.925   -0.665  1.00 26.63  ? 7   U   B "C1'" 1 
ATOM   468 N N1    . U   B 1 7  ? -4.315  6.072   -0.969  1.00 22.31  ? 7   U   B N1    1 
ATOM   469 C C2    . U   B 1 7  ? -4.005  5.951   -2.302  1.00 23.75  ? 7   U   B C2    1 
ATOM   470 O O2    . U   B 1 7  ? -4.674  6.487   -3.176  1.00 22.97  ? 7   U   B O2    1 
ATOM   471 N N3    . U   B 1 7  ? -2.869  5.221   -2.571  1.00 23.25  ? 7   U   B N3    1 
ATOM   472 C C4    . U   B 1 7  ? -2.057  4.576   -1.659  1.00 22.14  ? 7   U   B C4    1 
ATOM   473 O O4    . U   B 1 7  ? -1.033  3.986   -2.050  1.00 21.77  ? 7   U   B O4    1 
ATOM   474 C C5    . U   B 1 7  ? -2.456  4.745   -0.291  1.00 20.28  ? 7   U   B C5    1 
ATOM   475 C C6    . U   B 1 7  ? -3.567  5.430   -0.006  1.00 21.39  ? 7   U   B C6    1 
ATOM   476 P P     . U   B 1 8  ? -8.904  3.823   0.545   1.00 26.36  ? 8   U   B P     1 
ATOM   477 O OP1   . U   B 1 8  ? -10.333 3.723   1.037   1.00 28.11  ? 8   U   B OP1   1 
ATOM   478 O OP2   . U   B 1 8  ? -7.952  2.847   1.051   1.00 26.51  ? 8   U   B OP2   1 
ATOM   479 O "O5'" . U   B 1 8  ? -8.943  3.713   -1.054  1.00 25.13  ? 8   U   B "O5'" 1 
ATOM   480 C "C5'" . U   B 1 8  ? -9.741  4.535   -1.905  1.00 23.16  ? 8   U   B "C5'" 1 
ATOM   481 C "C4'" . U   B 1 8  ? -9.289  4.317   -3.329  1.00 24.02  ? 8   U   B "C4'" 1 
ATOM   482 O "O4'" . U   B 1 8  ? -7.910  4.715   -3.502  1.00 27.35  ? 8   U   B "O4'" 1 
ATOM   483 C "C3'" . U   B 1 8  ? -9.278  2.880   -3.829  1.00 24.56  ? 8   U   B "C3'" 1 
ATOM   484 O "O3'" . U   B 1 8  ? -10.602 2.435   -4.106  1.00 24.49  ? 8   U   B "O3'" 1 
ATOM   485 C "C2'" . U   B 1 8  ? -8.397  3.013   -5.055  1.00 26.59  ? 8   U   B "C2'" 1 
ATOM   486 O "O2'" . U   B 1 8  ? -9.016  3.668   -6.163  1.00 25.70  ? 8   U   B "O2'" 1 
ATOM   487 C "C1'" . U   B 1 8  ? -7.297  3.934   -4.516  1.00 25.04  ? 8   U   B "C1'" 1 
ATOM   488 N N1    . U   B 1 8  ? -6.166  3.207   -3.922  1.00 22.38  ? 8   U   B N1    1 
ATOM   489 C C2    . U   B 1 8  ? -5.168  2.807   -4.783  1.00 22.01  ? 8   U   B C2    1 
ATOM   490 O O2    . U   B 1 8  ? -5.268  2.922   -5.992  1.00 24.99  ? 8   U   B O2    1 
ATOM   491 N N3    . U   B 1 8  ? -4.113  2.168   -4.185  1.00 20.22  ? 8   U   B N3    1 
ATOM   492 C C4    . U   B 1 8  ? -3.949  1.910   -2.831  1.00 22.26  ? 8   U   B C4    1 
ATOM   493 O O4    . U   B 1 8  ? -2.914  1.367   -2.427  1.00 22.51  ? 8   U   B O4    1 
ATOM   494 C C5    . U   B 1 8  ? -5.004  2.399   -2.011  1.00 22.86  ? 8   U   B C5    1 
ATOM   495 C C6    . U   B 1 8  ? -6.046  3.019   -2.570  1.00 21.24  ? 8   U   B C6    1 
ATOM   496 P P     . A   B 1 9  ? -11.012 0.956   -3.835  1.00 24.91  ? 9   A   B P     1 
ATOM   497 O OP1   . A   B 1 9  ? -12.482 0.849   -4.152  1.00 28.63  ? 9   A   B OP1   1 
ATOM   498 O OP2   . A   B 1 9  ? -10.531 0.510   -2.536  1.00 26.80  ? 9   A   B OP2   1 
ATOM   499 O "O5'" . A   B 1 9  ? -10.279 0.140   -5.000  1.00 25.12  ? 9   A   B "O5'" 1 
ATOM   500 C "C5'" . A   B 1 9  ? -10.619 0.339   -6.371  1.00 25.66  ? 9   A   B "C5'" 1 
ATOM   501 C "C4'" . A   B 1 9  ? -9.724  -0.496  -7.273  1.00 23.98  ? 9   A   B "C4'" 1 
ATOM   502 O "O4'" . A   B 1 9  ? -8.412  0.114   -7.338  1.00 22.20  ? 9   A   B "O4'" 1 
ATOM   503 C "C3'" . A   B 1 9  ? -9.393  -1.936  -6.863  1.00 22.79  ? 9   A   B "C3'" 1 
ATOM   504 O "O3'" . A   B 1 9  ? -10.502 -2.837  -6.987  1.00 24.02  ? 9   A   B "O3'" 1 
ATOM   505 C "C2'" . A   B 1 9  ? -8.201  -2.199  -7.768  1.00 22.28  ? 9   A   B "C2'" 1 
ATOM   506 O "O2'" . A   B 1 9  ? -8.621  -2.373  -9.154  1.00 22.78  ? 9   A   B "O2'" 1 
ATOM   507 C "C1'" . A   B 1 9  ? -7.428  -0.892  -7.589  1.00 22.87  ? 9   A   B "C1'" 1 
ATOM   508 N N9    . A   B 1 9  ? -6.514  -0.913  -6.438  1.00 21.22  ? 9   A   B N9    1 
ATOM   509 C C8    . A   B 1 9  ? -6.695  -0.462  -5.155  1.00 24.30  ? 9   A   B C8    1 
ATOM   510 N N7    . A   B 1 9  ? -5.671  -0.695  -4.366  1.00 24.52  ? 9   A   B N7    1 
ATOM   511 C C5    . A   B 1 9  ? -4.741  -1.307  -5.197  1.00 21.56  ? 9   A   B C5    1 
ATOM   512 C C6    . A   B 1 9  ? -3.426  -1.767  -4.977  1.00 21.27  ? 9   A   B C6    1 
ATOM   513 N N6    . A   B 1 9  ? -2.790  -1.674  -3.804  1.00 22.77  ? 9   A   B N6    1 
ATOM   514 N N1    . A   B 1 9  ? -2.770  -2.322  -6.022  1.00 21.36  ? 9   A   B N1    1 
ATOM   515 C C2    . A   B 1 9  ? -3.405  -2.411  -7.204  1.00 23.60  ? 9   A   B C2    1 
ATOM   516 N N3    . A   B 1 9  ? -4.632  -1.993  -7.535  1.00 20.53  ? 9   A   B N3    1 
ATOM   517 C C4    . A   B 1 9  ? -5.246  -1.441  -6.477  1.00 19.85  ? 9   A   B C4    1 
ATOM   518 P P     . A   B 1 10 ? -10.639 -4.129  -6.095  1.00 22.87  ? 10  A   B P     1 
ATOM   519 O OP1   . A   B 1 10 ? -11.993 -4.760  -6.386  1.00 27.42  ? 10  A   B OP1   1 
ATOM   520 O OP2   . A   B 1 10 ? -10.259 -3.847  -4.657  1.00 24.82  ? 10  A   B OP2   1 
ATOM   521 O "O5'" . A   B 1 10 ? -9.573  -5.110  -6.747  1.00 22.27  ? 10  A   B "O5'" 1 
ATOM   522 C "C5'" . A   B 1 10 ? -9.627  -5.527  -8.105  1.00 24.95  ? 10  A   B "C5'" 1 
ATOM   523 C "C4'" . A   B 1 10 ? -8.361  -6.229  -8.484  1.00 24.09  ? 10  A   B "C4'" 1 
ATOM   524 O "O4'" . A   B 1 10 ? -7.242  -5.309  -8.309  1.00 22.81  ? 10  A   B "O4'" 1 
ATOM   525 C "C3'" . A   B 1 10 ? -8.005  -7.425  -7.618  1.00 26.35  ? 10  A   B "C3'" 1 
ATOM   526 O "O3'" . A   B 1 10 ? -8.678  -8.570  -8.173  1.00 26.21  ? 10  A   B "O3'" 1 
ATOM   527 C "C2'" . A   B 1 10 ? -6.498  -7.515  -7.819  1.00 24.19  ? 10  A   B "C2'" 1 
ATOM   528 O "O2'" . A   B 1 10 ? -6.159  -8.070  -9.079  1.00 25.09  ? 10  A   B "O2'" 1 
ATOM   529 C "C1'" . A   B 1 10 ? -6.115  -6.029  -7.866  1.00 25.08  ? 10  A   B "C1'" 1 
ATOM   530 N N9    . A   B 1 10 ? -5.731  -5.498  -6.564  1.00 22.71  ? 10  A   B N9    1 
ATOM   531 C C8    . A   B 1 10 ? -6.519  -4.849  -5.644  1.00 22.50  ? 10  A   B C8    1 
ATOM   532 N N7    . A   B 1 10 ? -5.907  -4.582  -4.521  1.00 24.03  ? 10  A   B N7    1 
ATOM   533 C C5    . A   B 1 10 ? -4.617  -5.054  -4.723  1.00 19.19  ? 10  A   B C5    1 
ATOM   534 C C6    . A   B 1 10 ? -3.460  -5.019  -3.926  1.00 18.64  ? 10  A   B C6    1 
ATOM   535 N N6    . A   B 1 10 ? -3.435  -4.498  -2.695  1.00 19.66  ? 10  A   B N6    1 
ATOM   536 N N1    . A   B 1 10 ? -2.340  -5.600  -4.415  1.00 21.25  ? 10  A   B N1    1 
ATOM   537 C C2    . A   B 1 10 ? -2.390  -6.169  -5.630  1.00 20.75  ? 10  A   B C2    1 
ATOM   538 N N3    . A   B 1 10 ? -3.406  -6.222  -6.489  1.00 20.75  ? 10  A   B N3    1 
ATOM   539 C C4    . A   B 1 10 ? -4.493  -5.618  -5.980  1.00 19.97  ? 10  A   B C4    1 
ATOM   540 P P     . G   B 1 11 ? -8.887  -9.792  -7.186  1.00 27.57  ? 11  G   B P     1 
ATOM   541 O OP1   . G   B 1 11 ? -9.597  -10.815 -7.948  1.00 27.74  ? 11  G   B OP1   1 
ATOM   542 O OP2   . G   B 1 11 ? -9.407  -9.318  -5.858  1.00 28.90  ? 11  G   B OP2   1 
ATOM   543 O "O5'" . G   B 1 11 ? -7.407  -10.352 -7.123  1.00 32.18  ? 11  G   B "O5'" 1 
ATOM   544 C "C5'" . G   B 1 11 ? -6.930  -10.935 -5.985  1.00 28.93  ? 11  G   B "C5'" 1 
ATOM   545 C "C4'" . G   B 1 11 ? -5.469  -11.207 -6.215  1.00 27.15  ? 11  G   B "C4'" 1 
ATOM   546 O "O4'" . G   B 1 11 ? -4.728  -9.937  -6.260  1.00 26.94  ? 11  G   B "O4'" 1 
ATOM   547 C "C3'" . G   B 1 11 ? -4.908  -11.961 -5.040  1.00 23.31  ? 11  G   B "C3'" 1 
ATOM   548 O "O3'" . G   B 1 11 ? -5.076  -13.351 -5.265  1.00 23.81  ? 11  G   B "O3'" 1 
ATOM   549 C "C2'" . G   B 1 11 ? -3.484  -11.438 -4.970  1.00 22.33  ? 11  G   B "C2'" 1 
ATOM   550 O "O2'" . G   B 1 11 ? -2.734  -12.156 -5.924  1.00 24.13  ? 11  G   B "O2'" 1 
ATOM   551 C "C1'" . G   B 1 11 ? -3.680  -9.966  -5.323  1.00 25.30  ? 11  G   B "C1'" 1 
ATOM   552 N N9    . G   B 1 11 ? -4.004  -9.072  -4.197  1.00 23.66  ? 11  G   B N9    1 
ATOM   553 C C8    . G   B 1 11 ? -5.183  -8.451  -3.850  1.00 19.98  ? 11  G   B C8    1 
ATOM   554 N N7    . G   B 1 11 ? -5.086  -7.738  -2.756  1.00 22.06  ? 11  G   B N7    1 
ATOM   555 C C5    . G   B 1 11 ? -3.775  -7.942  -2.335  1.00 21.30  ? 11  G   B C5    1 
ATOM   556 C C6    . G   B 1 11 ? -3.067  -7.396  -1.234  1.00 19.66  ? 11  G   B C6    1 
ATOM   557 O O6    . G   B 1 11 ? -3.486  -6.661  -0.327  1.00 21.96  ? 11  G   B O6    1 
ATOM   558 N N1    . G   B 1 11 ? -1.757  -7.863  -1.190  1.00 20.10  ? 11  G   B N1    1 
ATOM   559 C C2    . G   B 1 11 ? -1.185  -8.712  -2.109  1.00 21.35  ? 11  G   B C2    1 
ATOM   560 N N2    . G   B 1 11 ? 0.097   -9.075  -1.891  1.00 19.52  ? 11  G   B N2    1 
ATOM   561 N N3    . G   B 1 11 ? -1.821  -9.193  -3.157  1.00 21.60  ? 11  G   B N3    1 
ATOM   562 C C4    . G   B 1 11 ? -3.108  -8.783  -3.198  1.00 21.17  ? 11  G   B C4    1 
ATOM   563 P P     . U   B 1 12 ? -5.288  -14.309 -4.079  1.00 23.78  ? 12  U   B P     1 
ATOM   564 O OP1   . U   B 1 12 ? -5.473  -15.678 -4.701  1.00 26.63  ? 12  U   B OP1   1 
ATOM   565 O OP2   . U   B 1 12 ? -6.291  -13.783 -3.107  1.00 25.52  ? 12  U   B OP2   1 
ATOM   566 O "O5'" . U   B 1 12 ? -3.900  -14.316 -3.309  1.00 24.99  ? 12  U   B "O5'" 1 
ATOM   567 C "C5'" . U   B 1 12 ? -2.716  -14.921 -3.870  1.00 22.17  ? 12  U   B "C5'" 1 
ATOM   568 C "C4'" . U   B 1 12 ? -1.560  -14.720 -2.946  1.00 23.27  ? 12  U   B "C4'" 1 
ATOM   569 O "O4'" . U   B 1 12 ? -1.272  -13.300 -2.821  1.00 21.21  ? 12  U   B "O4'" 1 
ATOM   570 C "C3'" . U   B 1 12 ? -1.742  -15.170 -1.521  1.00 23.04  ? 12  U   B "C3'" 1 
ATOM   571 O "O3'" . U   B 1 12 ? -1.533  -16.597 -1.362  1.00 24.02  ? 12  U   B "O3'" 1 
ATOM   572 C "C2'" . U   B 1 12 ? -0.655  -14.380 -0.826  1.00 21.94  ? 12  U   B "C2'" 1 
ATOM   573 O "O2'" . U   B 1 12 ? 0.676   -14.813 -1.079  1.00 24.02  ? 12  U   B "O2'" 1 
ATOM   574 C "C1'" . U   B 1 12 ? -0.837  -13.016 -1.485  1.00 21.39  ? 12  U   B "C1'" 1 
ATOM   575 N N1    . U   B 1 12 ? -1.825  -12.128 -0.835  1.00 22.02  ? 12  U   B N1    1 
ATOM   576 C C2    . U   B 1 12 ? -1.365  -11.462 0.278   1.00 20.00  ? 12  U   B C2    1 
ATOM   577 O O2    . U   B 1 12 ? -0.236  -11.627 0.712   1.00 21.79  ? 12  U   B O2    1 
ATOM   578 N N3    . U   B 1 12 ? -2.256  -10.579 0.835   1.00 19.11  ? 12  U   B N3    1 
ATOM   579 C C4    . U   B 1 12 ? -3.538  -10.308 0.403   1.00 22.13  ? 12  U   B C4    1 
ATOM   580 O O4    . U   B 1 12 ? -4.219  -9.486  1.009   1.00 21.49  ? 12  U   B O4    1 
ATOM   581 C C5    . U   B 1 12 ? -3.968  -11.088 -0.719  1.00 22.75  ? 12  U   B C5    1 
ATOM   582 C C6    . U   B 1 12 ? -3.104  -11.933 -1.304  1.00 23.25  ? 12  U   B C6    1 
ATOM   583 P P     . C   B 1 13 ? -2.269  -17.365 -0.244  1.00 25.15  ? 13  C   B P     1 
ATOM   584 O OP1   . C   B 1 13 ? -2.167  -18.821 -0.543  1.00 27.62  ? 13  C   B OP1   1 
ATOM   585 O OP2   . C   B 1 13 ? -3.632  -16.883 0.040   1.00 23.99  ? 13  C   B OP2   1 
ATOM   586 O "O5'" . C   B 1 13 ? -1.440  -17.085 1.093   1.00 25.56  ? 13  C   B "O5'" 1 
ATOM   587 C "C5'" . C   B 1 13 ? -0.042  -17.349 1.205   1.00 23.85  ? 13  C   B "C5'" 1 
ATOM   588 C "C4'" . C   B 1 13 ? 0.515   -16.548 2.349   1.00 23.32  ? 13  C   B "C4'" 1 
ATOM   589 O "O4'" . C   B 1 13 ? 0.400   -15.104 2.077   1.00 25.13  ? 13  C   B "O4'" 1 
ATOM   590 C "C3'" . C   B 1 13 ? -0.150  -16.705 3.707   1.00 24.72  ? 13  C   B "C3'" 1 
ATOM   591 O "O3'" . C   B 1 13 ? 0.399   -17.854 4.353   1.00 27.04  ? 13  C   B "O3'" 1 
ATOM   592 C "C2'" . C   B 1 13 ? 0.375   -15.453 4.418   1.00 21.33  ? 13  C   B "C2'" 1 
ATOM   593 O "O2'" . C   B 1 13 ? 1.740   -15.556 4.715   1.00 22.65  ? 13  C   B "O2'" 1 
ATOM   594 C "C1'" . C   B 1 13 ? 0.239   -14.410 3.304   1.00 21.28  ? 13  C   B "C1'" 1 
ATOM   595 N N1    . C   B 1 13 ? -1.084  -13.748 3.264   1.00 21.52  ? 13  C   B N1    1 
ATOM   596 C C2    . C   B 1 13 ? -1.301  -12.710 4.147   1.00 20.13  ? 13  C   B C2    1 
ATOM   597 O O2    . C   B 1 13 ? -0.366  -12.354 4.875   1.00 19.12  ? 13  C   B O2    1 
ATOM   598 N N3    . C   B 1 13 ? -2.508  -12.073 4.140   1.00 19.52  ? 13  C   B N3    1 
ATOM   599 C C4    . C   B 1 13 ? -3.442  -12.429 3.254   1.00 20.60  ? 13  C   B C4    1 
ATOM   600 N N4    . C   B 1 13 ? -4.617  -11.795 3.285   1.00 21.96  ? 13  C   B N4    1 
ATOM   601 C C5    . C   B 1 13 ? -3.280  -13.564 2.413   1.00 24.15  ? 13  C   B C5    1 
ATOM   602 C C6    . C   B 1 13 ? -2.095  -14.185 2.445   1.00 21.64  ? 13  C   B C6    1 
ATOM   603 P P     . G   B 1 14 ? -0.479  -18.694 5.317   1.00 27.34  ? 14  G   B P     1 
ATOM   604 O OP1   . G   B 1 14 ? 0.363   -19.764 5.796   1.00 30.97  ? 14  G   B OP1   1 
ATOM   605 O OP2   . G   B 1 14 ? -1.733  -18.946 4.706   1.00 30.61  ? 14  G   B OP2   1 
ATOM   606 O "O5'" . G   B 1 14 ? -0.732  -17.765 6.563   1.00 24.41  ? 14  G   B "O5'" 1 
ATOM   607 C "C5'" . G   B 1 14 ? 0.315   -17.489 7.446   1.00 20.77  ? 14  G   B "C5'" 1 
ATOM   608 C "C4'" . G   B 1 14 ? -0.142  -16.519 8.497   1.00 22.76  ? 14  G   B "C4'" 1 
ATOM   609 O "O4'" . G   B 1 14 ? -0.514  -15.271 7.875   1.00 23.02  ? 14  G   B "O4'" 1 
ATOM   610 C "C3'" . G   B 1 14 ? -1.386  -16.899 9.276   1.00 24.80  ? 14  G   B "C3'" 1 
ATOM   611 O "O3'" . G   B 1 14 ? -1.053  -17.764 10.363  1.00 27.00  ? 14  G   B "O3'" 1 
ATOM   612 C "C2'" . G   B 1 14 ? -1.781  -15.551 9.852   1.00 25.52  ? 14  G   B "C2'" 1 
ATOM   613 O "O2'" . G   B 1 14 ? -0.954  -15.194 10.911  1.00 25.33  ? 14  G   B "O2'" 1 
ATOM   614 C "C1'" . G   B 1 14 ? -1.414  -14.598 8.710   1.00 24.44  ? 14  G   B "C1'" 1 
ATOM   615 N N9    . G   B 1 14 ? -2.548  -14.157 7.912   1.00 23.90  ? 14  G   B N9    1 
ATOM   616 C C8    . G   B 1 14 ? -2.986  -14.683 6.727   1.00 23.69  ? 14  G   B C8    1 
ATOM   617 N N7    . G   B 1 14 ? -4.031  -14.070 6.249   1.00 23.51  ? 14  G   B N7    1 
ATOM   618 C C5    . G   B 1 14 ? -4.298  -13.074 7.174   1.00 21.55  ? 14  G   B C5    1 
ATOM   619 C C6    . G   B 1 14 ? -5.313  -12.078 7.190   1.00 22.13  ? 14  G   B C6    1 
ATOM   620 O O6    . G   B 1 14 ? -6.204  -11.875 6.367   1.00 21.64  ? 14  G   B O6    1 
ATOM   621 N N1    . G   B 1 14 ? -5.226  -11.280 8.324   1.00 21.48  ? 14  G   B N1    1 
ATOM   622 C C2    . G   B 1 14 ? -4.269  -11.399 9.293   1.00 21.11  ? 14  G   B C2    1 
ATOM   623 N N2    . G   B 1 14 ? -4.342  -10.527 10.297  1.00 21.58  ? 14  G   B N2    1 
ATOM   624 N N3    . G   B 1 14 ? -3.308  -12.306 9.278   1.00 21.48  ? 14  G   B N3    1 
ATOM   625 C C4    . G   B 1 14 ? -3.387  -13.110 8.203   1.00 21.79  ? 14  G   B C4    1 
HETATM 626 P PB    . GDP B 1 15 ? -1.758  -19.095 10.349  1.00 33.55  ? 15  GDP B PB    1 
HETATM 627 O O2B   . GDP B 1 15 ? -2.169  -19.698 9.137   1.00 32.81  ? 15  GDP B O2B   1 
HETATM 628 O O3B   . GDP B 1 15 ? -1.015  -19.908 11.248  1.00 35.20  ? 15  GDP B O3B   1 
HETATM 629 O O3A   . GDP B 1 15 ? -2.936  -18.944 11.233  1.00 48.06  ? 15  GDP B O3A   1 
HETATM 630 P PA    . GDP B 1 15 ? -4.440  -18.850 10.858  1.00 56.55  ? 15  GDP B PA    1 
HETATM 631 O O1A   . GDP B 1 15 ? -5.100  -19.712 11.846  1.00 45.31  ? 15  GDP B O1A   1 
HETATM 632 O O2A   . GDP B 1 15 ? -4.605  -19.018 9.423   1.00 55.12  ? 15  GDP B O2A   1 
HETATM 633 O "O5'" . GDP B 1 15 ? -4.652  -17.418 11.344  1.00 48.12  ? 15  GDP B "O5'" 1 
HETATM 634 C "C5'" . GDP B 1 15 ? -3.851  -16.773 12.325  1.00 49.62  ? 15  GDP B "C5'" 1 
HETATM 635 C "C4'" . GDP B 1 15 ? -4.512  -15.522 12.734  1.00 47.18  ? 15  GDP B "C4'" 1 
HETATM 636 O "O4'" . GDP B 1 15 ? -4.501  -14.517 11.757  1.00 41.45  ? 15  GDP B "O4'" 1 
HETATM 637 C "C3'" . GDP B 1 15 ? -5.992  -15.779 12.885  1.00 46.78  ? 15  GDP B "C3'" 1 
HETATM 638 O "O3'" . GDP B 1 15 ? -6.223  -16.754 13.903  1.00 50.01  ? 15  GDP B "O3'" 1 
HETATM 639 C "C2'" . GDP B 1 15 ? -6.423  -14.365 13.055  1.00 37.69  ? 15  GDP B "C2'" 1 
HETATM 640 O "O2'" . GDP B 1 15 ? -5.911  -13.906 14.255  1.00 44.40  ? 15  GDP B "O2'" 1 
HETATM 641 C "C1'" . GDP B 1 15 ? -5.636  -13.705 11.959  1.00 35.35  ? 15  GDP B "C1'" 1 
HETATM 642 N N9    . GDP B 1 15 ? -6.401  -13.700 10.730  1.00 29.46  ? 15  GDP B N9    1 
HETATM 643 C C8    . GDP B 1 15 ? -6.263  -14.483 9.703   1.00 26.33  ? 15  GDP B C8    1 
HETATM 644 N N7    . GDP B 1 15 ? -7.132  -14.205 8.770   1.00 24.51  ? 15  GDP B N7    1 
HETATM 645 C C5    . GDP B 1 15 ? -7.864  -13.182 9.214   1.00 27.03  ? 15  GDP B C5    1 
HETATM 646 C C6    . GDP B 1 15 ? -8.977  -12.375 8.748   1.00 24.04  ? 15  GDP B C6    1 
HETATM 647 O O6    . GDP B 1 15 ? -9.474  -12.511 7.682   1.00 24.12  ? 15  GDP B O6    1 
HETATM 648 N N1    . GDP B 1 15 ? -9.428  -11.454 9.575   1.00 23.58  ? 15  GDP B N1    1 
HETATM 649 C C2    . GDP B 1 15 ? -8.915  -11.203 10.758  1.00 21.72  ? 15  GDP B C2    1 
HETATM 650 N N2    . GDP B 1 15 ? -9.438  -10.259 11.537  1.00 24.28  ? 15  GDP B N2    1 
HETATM 651 N N3    . GDP B 1 15 ? -7.909  -11.909 11.230  1.00 25.24  ? 15  GDP B N3    1 
HETATM 652 C C4    . GDP B 1 15 ? -7.371  -12.869 10.514  1.00 28.01  ? 15  GDP B C4    1 
HETATM 653 P P1    . EQ4 C 2 .  ? 13.987  20.753  -1.887  1.00 142.67 ? 101 EQ4 A P1    1 
HETATM 654 O O1    . EQ4 C 2 .  ? 15.385  21.253  -2.503  1.00 144.87 ? 101 EQ4 A O1    1 
HETATM 655 O O2    . EQ4 C 2 .  ? 13.495  21.814  -0.987  1.00 139.27 ? 101 EQ4 A O2    1 
HETATM 656 C C1    . EQ4 C 2 .  ? 15.692  19.329  -0.263  1.00 107.88 ? 101 EQ4 A C1    1 
HETATM 657 O O3    . EQ4 C 2 .  ? 14.401  19.490  -0.909  1.00 125.18 ? 101 EQ4 A O3    1 
HETATM 658 C C2    . EQ4 C 2 .  ? 16.302  17.951  -0.622  1.00 101.13 ? 101 EQ4 A C2    1 
HETATM 659 O O4    . EQ4 C 2 .  ? 15.370  16.804  -0.531  1.00 84.25  ? 101 EQ4 A O4    1 
HETATM 660 C C3    . EQ4 C 2 .  ? 16.754  17.902  -2.102  1.00 98.25  ? 101 EQ4 A C3    1 
HETATM 661 O O5    . EQ4 C 2 .  ? 18.046  18.522  -2.348  1.00 106.36 ? 101 EQ4 A O5    1 
HETATM 662 C C4    . EQ4 C 2 .  ? 16.842  16.405  -2.328  1.00 85.22  ? 101 EQ4 A C4    1 
HETATM 663 O O6    . EQ4 C 2 .  ? 17.952  15.833  -1.664  1.00 93.59  ? 101 EQ4 A O6    1 
HETATM 664 C C5    . EQ4 C 2 .  ? 15.550  15.900  -1.682  1.00 66.36  ? 101 EQ4 A C5    1 
HETATM 665 N N1    . EQ4 C 2 .  ? 14.057  14.097  -6.145  1.00 41.45  ? 101 EQ4 A N1    1 
HETATM 666 C C6    . EQ4 C 2 .  ? 15.150  13.663  -5.268  1.00 37.18  ? 101 EQ4 A C6    1 
HETATM 667 N N2    . EQ4 C 2 .  ? 15.981  12.708  -5.584  1.00 41.37  ? 101 EQ4 A N2    1 
HETATM 668 N N3    . EQ4 C 2 .  ? 15.366  14.271  -4.117  1.00 44.19  ? 101 EQ4 A N3    1 
HETATM 669 C C7    . EQ4 C 2 .  ? 14.532  15.277  -3.785  1.00 44.56  ? 101 EQ4 A C7    1 
HETATM 670 C C8    . EQ4 C 2 .  ? 13.521  15.688  -4.583  1.00 37.98  ? 101 EQ4 A C8    1 
HETATM 671 C C9    . EQ4 C 2 .  ? 13.250  15.127  -5.721  1.00 37.21  ? 101 EQ4 A C9    1 
HETATM 672 O O7    . EQ4 C 2 .  ? 12.304  15.541  -6.367  1.00 40.33  ? 101 EQ4 A O7    1 
HETATM 673 N N4    . EQ4 C 2 .  ? 12.880  16.703  -4.036  1.00 41.99  ? 101 EQ4 A N4    1 
HETATM 674 C C10   . EQ4 C 2 .  ? 13.532  16.896  -2.863  1.00 45.16  ? 101 EQ4 A C10   1 
HETATM 675 N N5    . EQ4 C 2 .  ? 14.527  16.030  -2.706  1.00 47.30  ? 101 EQ4 A N5    1 
HETATM 676 N N6    . EQ4 C 2 .  ? 12.936  20.256  -3.374  1.00 137.80 ? 101 EQ4 A N6    1 
HETATM 677 C C11   . EQ4 C 2 .  ? 11.604  20.143  -3.407  1.00 130.99 ? 101 EQ4 A C11   1 
HETATM 678 C C12   . EQ4 C 2 .  ? 11.204  19.783  -4.627  1.00 126.44 ? 101 EQ4 A C12   1 
HETATM 679 N N7    . EQ4 C 2 .  ? 12.283  19.672  -5.392  1.00 126.78 ? 101 EQ4 A N7    1 
HETATM 680 C C13   . EQ4 C 2 .  ? 13.326  19.965  -4.623  1.00 131.47 ? 101 EQ4 A C13   1 
HETATM 681 N N8    . EQ4 C 2 .  ? 14.580  19.955  -5.062  1.00 129.33 ? 101 EQ4 A N8    1 
HETATM 682 P P1    . EQ4 D 2 .  ? -8.764  -18.746 4.832   1.00 81.85  ? 101 EQ4 B P1    1 
HETATM 683 O O1    . EQ4 D 2 .  ? -9.933  -18.597 3.762   1.00 92.62  ? 101 EQ4 B O1    1 
HETATM 684 O O2    . EQ4 D 2 .  ? -8.283  -20.126 4.664   1.00 88.54  ? 101 EQ4 B O2    1 
HETATM 685 C C1    . EQ4 D 2 .  ? -10.950 -18.763 6.493   1.00 81.47  ? 101 EQ4 B C1    1 
HETATM 686 O O3    . EQ4 D 2 .  ? -9.532  -18.606 6.272   1.00 88.86  ? 101 EQ4 B O3    1 
HETATM 687 C C2    . EQ4 D 2 .  ? -11.816 -17.449 6.344   1.00 72.91  ? 101 EQ4 B C2    1 
HETATM 688 O O4    . EQ4 D 2 .  ? -12.122 -16.800 7.627   1.00 70.00  ? 101 EQ4 B O4    1 
HETATM 689 C C3    . EQ4 D 2 .  ? -11.249 -16.334 5.436   1.00 62.10  ? 101 EQ4 B C3    1 
HETATM 690 O O5    . EQ4 D 2 .  ? -12.022 -16.403 4.238   1.00 69.57  ? 101 EQ4 B O5    1 
HETATM 691 C C4    . EQ4 D 2 .  ? -11.421 -14.991 6.188   1.00 54.51  ? 101 EQ4 B C4    1 
HETATM 692 O O6    . EQ4 D 2 .  ? -12.539 -14.279 5.692   1.00 45.05  ? 101 EQ4 B O6    1 
HETATM 693 C C5    . EQ4 D 2 .  ? -11.829 -15.323 7.612   1.00 50.50  ? 101 EQ4 B C5    1 
HETATM 694 N N1    . EQ4 D 2 .  ? -11.331 -13.221 12.088  1.00 28.96  ? 101 EQ4 B N1    1 
HETATM 695 C C6    . EQ4 D 2 .  ? -12.213 -12.884 11.037  1.00 26.26  ? 101 EQ4 B C6    1 
HETATM 696 N N2    . EQ4 D 2 .  ? -13.107 -11.927 11.128  1.00 29.13  ? 101 EQ4 B N2    1 
HETATM 697 N N3    . EQ4 D 2 .  ? -12.103 -13.582 9.958   1.00 29.06  ? 101 EQ4 B N3    1 
HETATM 698 C C7    . EQ4 D 2 .  ? -11.214 -14.602 9.873   1.00 29.41  ? 101 EQ4 B C7    1 
HETATM 699 C C8    . EQ4 D 2 .  ? -10.348 -14.927 10.869  1.00 31.25  ? 101 EQ4 B C8    1 
HETATM 700 C C9    . EQ4 D 2 .  ? -10.423 -14.228 12.017  1.00 27.83  ? 101 EQ4 B C9    1 
HETATM 701 O O7    . EQ4 D 2 .  ? -9.793  -14.388 13.064  1.00 34.60  ? 101 EQ4 B O7    1 
HETATM 702 N N4    . EQ4 D 2 .  ? -9.624  -15.986 10.439  1.00 36.01  ? 101 EQ4 B N4    1 
HETATM 703 C C10   . EQ4 D 2 .  ? -10.007 -16.274 9.168   1.00 34.30  ? 101 EQ4 B C10   1 
HETATM 704 N N5    . EQ4 D 2 .  ? -10.973 -15.376 8.809   1.00 37.45  ? 101 EQ4 B N5    1 
HETATM 705 N N6    . EQ4 D 2 .  ? -7.495  -17.181 4.708   1.00 100.10 ? 101 EQ4 B N6    1 
HETATM 706 C C11   . EQ4 D 2 .  ? -7.589  -16.295 5.726   1.00 94.57  ? 101 EQ4 B C11   1 
HETATM 707 C C12   . EQ4 D 2 .  ? -6.719  -15.299 5.537   1.00 91.98  ? 101 EQ4 B C12   1 
HETATM 708 N N7    . EQ4 D 2 .  ? -6.029  -15.507 4.409   1.00 77.81  ? 101 EQ4 B N7    1 
HETATM 709 C C13   . EQ4 D 2 .  ? -6.505  -16.658 3.900   1.00 93.13  ? 101 EQ4 B C13   1 
HETATM 710 N N8    . EQ4 D 2 .  ? -6.005  -17.145 2.748   1.00 78.99  ? 101 EQ4 B N8    1 
HETATM 711 O O     . HOH E 3 .  ? 2.079   -1.436  2.351   1.00 34.47  ? 201 HOH A O     1 
HETATM 712 O O     . HOH E 3 .  ? 5.625   15.437  -4.140  1.00 32.30  ? 202 HOH A O     1 
HETATM 713 O O     . HOH E 3 .  ? -6.567  -7.977  3.524   1.00 28.10  ? 203 HOH A O     1 
HETATM 714 O O     . HOH E 3 .  ? -5.099  -8.241  13.081  1.00 29.76  ? 204 HOH A O     1 
HETATM 715 O O     . HOH E 3 .  ? -8.339  -3.969  6.822   1.00 25.35  ? 205 HOH A O     1 
HETATM 716 O O     . HOH E 3 .  ? -6.611  -5.794  5.430   1.00 25.39  ? 206 HOH A O     1 
HETATM 717 O O     . HOH E 3 .  ? -7.348  -0.513  12.928  1.00 27.24  ? 207 HOH A O     1 
HETATM 718 O O     . HOH E 3 .  ? 4.850   -2.757  -2.782  1.00 25.38  ? 208 HOH A O     1 
HETATM 719 O O     . HOH E 3 .  ? -2.295  -2.841  2.764   1.00 35.41  ? 209 HOH A O     1 
HETATM 720 O O     . HOH E 3 .  ? -3.152  0.496   -10.943 1.00 25.67  ? 210 HOH A O     1 
HETATM 721 O O     . HOH E 3 .  ? 6.957   -9.534  -5.727  1.00 28.15  ? 211 HOH A O     1 
HETATM 722 O O     . HOH E 3 .  ? 5.271   -1.618  -5.905  1.00 31.37  ? 212 HOH A O     1 
HETATM 723 O O     . HOH E 3 .  ? -4.854  10.622  -2.350  1.00 32.81  ? 213 HOH A O     1 
HETATM 724 O O     . HOH E 3 .  ? -2.512  0.559   8.896   1.00 30.53  ? 214 HOH A O     1 
HETATM 725 O O     . HOH E 3 .  ? 4.040   12.629  -6.431  1.00 33.99  ? 215 HOH A O     1 
HETATM 726 O O     . HOH E 3 .  ? -9.255  -9.223  3.828   1.00 31.75  ? 216 HOH A O     1 
HETATM 727 O O     . HOH E 3 .  ? -4.359  -4.892  3.833   1.00 30.52  ? 217 HOH A O     1 
HETATM 728 O O     . HOH E 3 .  ? 2.254   7.164   -15.762 1.00 46.58  ? 218 HOH A O     1 
HETATM 729 O O     . HOH E 3 .  ? -3.324  -3.946  -13.102 0.33 33.71  ? 219 HOH A O     1 
HETATM 730 O O     . HOH F 3 .  ? -8.493  -8.228  -4.115  1.00 30.26  ? 201 HOH B O     1 
HETATM 731 O O     . HOH F 3 .  ? 0.808   1.995   3.240   1.00 30.06  ? 202 HOH B O     1 
HETATM 732 O O     . HOH F 3 .  ? 10.277  4.931   -2.757  1.00 29.70  ? 203 HOH B O     1 
HETATM 733 O O     . HOH F 3 .  ? -11.494 4.645   -6.361  1.00 31.33  ? 204 HOH B O     1 
HETATM 734 O O     . HOH F 3 .  ? -6.991  -10.024 -10.749 0.33 23.77  ? 205 HOH B O     1 
HETATM 735 O O     . HOH F 3 .  ? -3.476  -7.679  -8.799  1.00 29.05  ? 206 HOH B O     1 
HETATM 736 O O     . HOH F 3 .  ? -9.443  -5.976  -3.142  1.00 30.94  ? 207 HOH B O     1 
HETATM 737 O O     . HOH F 3 .  ? -8.620  -12.721 -9.722  0.33 25.51  ? 208 HOH B O     1 
HETATM 738 O O     . HOH F 3 .  ? -5.301  -14.682 -0.394  1.00 30.74  ? 209 HOH B O     1 
HETATM 739 O O     . HOH F 3 .  ? -5.273  -0.974  -1.598  1.00 31.00  ? 210 HOH B O     1 
HETATM 740 O O     . HOH F 3 .  ? -6.974  -9.697  0.461   1.00 31.43  ? 211 HOH B O     1 
HETATM 741 O O     . HOH F 3 .  ? 3.621   -15.091 2.604   1.00 33.41  ? 212 HOH B O     1 
HETATM 742 O O     . HOH F 3 .  ? -5.879  -6.504  1.313   1.00 28.68  ? 213 HOH B O     1 
HETATM 743 O O     . HOH F 3 .  ? -6.676  -12.962 1.569   1.00 31.38  ? 214 HOH B O     1 
HETATM 744 O O     . HOH F 3 .  ? -7.254  -6.129  -1.627  1.00 27.64  ? 215 HOH B O     1 
HETATM 745 O O     . HOH F 3 .  ? 2.017   -11.123 -3.020  1.00 25.90  ? 216 HOH B O     1 
# 
loop_
_pdbx_poly_seq_scheme.asym_id 
_pdbx_poly_seq_scheme.entity_id 
_pdbx_poly_seq_scheme.seq_id 
_pdbx_poly_seq_scheme.mon_id 
_pdbx_poly_seq_scheme.ndb_seq_num 
_pdbx_poly_seq_scheme.pdb_seq_num 
_pdbx_poly_seq_scheme.auth_seq_num 
_pdbx_poly_seq_scheme.pdb_mon_id 
_pdbx_poly_seq_scheme.auth_mon_id 
_pdbx_poly_seq_scheme.pdb_strand_id 
_pdbx_poly_seq_scheme.pdb_ins_code 
_pdbx_poly_seq_scheme.hetero 
A 1 1  LCC 1  1  1  LCC LCC A . n 
A 1 2  LCC 2  2  2  LCC LCC A . n 
A 1 3  LCC 3  3  3  LCC LCC A . n 
A 1 4  LCG 4  4  4  LCG LCG A . n 
A 1 5  A   5  5  5  A   A   A . n 
A 1 6  C   6  6  6  C   C   A . n 
A 1 7  U   7  7  7  U   U   A . n 
A 1 8  U   8  8  8  U   U   A . n 
A 1 9  A   9  9  9  A   A   A . n 
A 1 10 A   10 10 10 A   A   A . n 
A 1 11 G   11 11 11 G   G   A . n 
A 1 12 U   12 12 12 U   U   A . n 
A 1 13 C   13 13 13 C   C   A . n 
A 1 14 G   14 14 14 G   G   A . n 
A 1 15 GDP 15 15 15 GDP DPG A . n 
B 1 1  LCC 1  1  1  LCC LCC B . n 
B 1 2  LCC 2  2  2  LCC LCC B . n 
B 1 3  LCC 3  3  3  LCC LCC B . n 
B 1 4  LCG 4  4  4  LCG LCG B . n 
B 1 5  A   5  5  5  A   A   B . n 
B 1 6  C   6  6  6  C   C   B . n 
B 1 7  U   7  7  7  U   U   B . n 
B 1 8  U   8  8  8  U   U   B . n 
B 1 9  A   9  9  9  A   A   B . n 
B 1 10 A   10 10 10 A   A   B . n 
B 1 11 G   11 11 11 G   G   B . n 
B 1 12 U   12 12 12 U   U   B . n 
B 1 13 C   13 13 13 C   C   B . n 
B 1 14 G   14 14 14 G   G   B . n 
B 1 15 GDP 15 15 15 GDP DPG B . n 
# 
loop_
_pdbx_nonpoly_scheme.asym_id 
_pdbx_nonpoly_scheme.entity_id 
_pdbx_nonpoly_scheme.mon_id 
_pdbx_nonpoly_scheme.ndb_seq_num 
_pdbx_nonpoly_scheme.pdb_seq_num 
_pdbx_nonpoly_scheme.auth_seq_num 
_pdbx_nonpoly_scheme.pdb_mon_id 
_pdbx_nonpoly_scheme.auth_mon_id 
_pdbx_nonpoly_scheme.pdb_strand_id 
_pdbx_nonpoly_scheme.pdb_ins_code 
C 2 EQ4 1  101 1  EQ4 NG  A . 
D 2 EQ4 1  101 2  EQ4 NG  B . 
E 3 HOH 1  201 10 HOH HOH A . 
E 3 HOH 2  202 31 HOH HOH A . 
E 3 HOH 3  203 3  HOH HOH A . 
E 3 HOH 4  204 35 HOH HOH A . 
E 3 HOH 5  205 1  HOH HOH A . 
E 3 HOH 6  206 2  HOH HOH A . 
E 3 HOH 7  207 12 HOH HOH A . 
E 3 HOH 8  208 23 HOH HOH A . 
E 3 HOH 9  209 9  HOH HOH A . 
E 3 HOH 10 210 25 HOH HOH A . 
E 3 HOH 11 211 14 HOH HOH A . 
E 3 HOH 12 212 24 HOH HOH A . 
E 3 HOH 13 213 30 HOH HOH A . 
E 3 HOH 14 214 11 HOH HOH A . 
E 3 HOH 15 215 32 HOH HOH A . 
E 3 HOH 16 216 4  HOH HOH A . 
E 3 HOH 17 217 7  HOH HOH A . 
E 3 HOH 18 218 29 HOH HOH A . 
E 3 HOH 19 219 26 HOH HOH A . 
F 3 HOH 1  201 19 HOH HOH B . 
F 3 HOH 2  202 22 HOH HOH B . 
F 3 HOH 3  203 28 HOH HOH B . 
F 3 HOH 4  204 33 HOH HOH B . 
F 3 HOH 5  205 21 HOH HOH B . 
F 3 HOH 6  206 27 HOH HOH B . 
F 3 HOH 7  207 18 HOH HOH B . 
F 3 HOH 8  208 20 HOH HOH B . 
F 3 HOH 9  209 16 HOH HOH B . 
F 3 HOH 10 210 8  HOH HOH B . 
F 3 HOH 11 211 17 HOH HOH B . 
F 3 HOH 12 212 34 HOH HOH B . 
F 3 HOH 13 213 6  HOH HOH B . 
F 3 HOH 14 214 15 HOH HOH B . 
F 3 HOH 15 215 5  HOH HOH B . 
F 3 HOH 16 216 13 HOH HOH B . 
# 
_pdbx_struct_assembly.id                   1 
_pdbx_struct_assembly.details              author_and_software_defined_assembly 
_pdbx_struct_assembly.method_details       PISA 
_pdbx_struct_assembly.oligomeric_details   dimeric 
_pdbx_struct_assembly.oligomeric_count     2 
# 
_pdbx_struct_assembly_gen.assembly_id       1 
_pdbx_struct_assembly_gen.oper_expression   1 
_pdbx_struct_assembly_gen.asym_id_list      A,B,C,D,E,F 
# 
loop_
_pdbx_struct_assembly_prop.biol_id 
_pdbx_struct_assembly_prop.type 
_pdbx_struct_assembly_prop.value 
_pdbx_struct_assembly_prop.details 
1 'ABSA (A^2)' 3890 ? 
1 MORE         15   ? 
1 'SSA (A^2)'  5690 ? 
# 
_pdbx_struct_oper_list.id                   1 
_pdbx_struct_oper_list.type                 'identity operation' 
_pdbx_struct_oper_list.name                 1_555 
_pdbx_struct_oper_list.symmetry_operation   x,y,z 
_pdbx_struct_oper_list.matrix[1][1]         1.0000000000 
_pdbx_struct_oper_list.matrix[1][2]         0.0000000000 
_pdbx_struct_oper_list.matrix[1][3]         0.0000000000 
_pdbx_struct_oper_list.vector[1]            0.0000000000 
_pdbx_struct_oper_list.matrix[2][1]         0.0000000000 
_pdbx_struct_oper_list.matrix[2][2]         1.0000000000 
_pdbx_struct_oper_list.matrix[2][3]         0.0000000000 
_pdbx_struct_oper_list.vector[2]            0.0000000000 
_pdbx_struct_oper_list.matrix[3][1]         0.0000000000 
_pdbx_struct_oper_list.matrix[3][2]         0.0000000000 
_pdbx_struct_oper_list.matrix[3][3]         1.0000000000 
_pdbx_struct_oper_list.vector[3]            0.0000000000 
# 
loop_
_pdbx_struct_special_symmetry.id 
_pdbx_struct_special_symmetry.PDB_model_num 
_pdbx_struct_special_symmetry.auth_asym_id 
_pdbx_struct_special_symmetry.auth_comp_id 
_pdbx_struct_special_symmetry.auth_seq_id 
_pdbx_struct_special_symmetry.PDB_ins_code 
_pdbx_struct_special_symmetry.label_asym_id 
_pdbx_struct_special_symmetry.label_comp_id 
_pdbx_struct_special_symmetry.label_seq_id 
1 1 A HOH 219 ? E HOH . 
2 1 B HOH 205 ? F HOH . 
3 1 B HOH 208 ? F HOH . 
# 
loop_
_pdbx_audit_revision_history.ordinal 
_pdbx_audit_revision_history.data_content_type 
_pdbx_audit_revision_history.major_revision 
_pdbx_audit_revision_history.minor_revision 
_pdbx_audit_revision_history.revision_date 
1 'Structure model' 1 0 2019-11-20 
2 'Structure model' 1 1 2019-11-27 
3 'Structure model' 1 2 2023-10-11 
# 
_pdbx_audit_revision_details.ordinal             1 
_pdbx_audit_revision_details.revision_ordinal    1 
_pdbx_audit_revision_details.data_content_type   'Structure model' 
_pdbx_audit_revision_details.provider            repository 
_pdbx_audit_revision_details.type                'Initial release' 
_pdbx_audit_revision_details.description         ? 
_pdbx_audit_revision_details.details             ? 
# 
loop_
_pdbx_audit_revision_group.ordinal 
_pdbx_audit_revision_group.revision_ordinal 
_pdbx_audit_revision_group.data_content_type 
_pdbx_audit_revision_group.group 
1 2 'Structure model' 'Database references'    
2 3 'Structure model' 'Data collection'        
3 3 'Structure model' 'Database references'    
4 3 'Structure model' 'Refinement description' 
# 
loop_
_pdbx_audit_revision_category.ordinal 
_pdbx_audit_revision_category.revision_ordinal 
_pdbx_audit_revision_category.data_content_type 
_pdbx_audit_revision_category.category 
1 2 'Structure model' citation                      
2 2 'Structure model' citation_author               
3 3 'Structure model' chem_comp_atom                
4 3 'Structure model' chem_comp_bond                
5 3 'Structure model' database_2                    
6 3 'Structure model' pdbx_initial_refinement_model 
# 
loop_
_pdbx_audit_revision_item.ordinal 
_pdbx_audit_revision_item.revision_ordinal 
_pdbx_audit_revision_item.data_content_type 
_pdbx_audit_revision_item.item 
1 2 'Structure model' '_citation.journal_volume'            
2 2 'Structure model' '_citation.page_first'                
3 2 'Structure model' '_citation.page_last'                 
4 2 'Structure model' '_citation_author.identifier_ORCID'   
5 3 'Structure model' '_database_2.pdbx_DOI'                
6 3 'Structure model' '_database_2.pdbx_database_accession' 
# 
loop_
_software.citation_id 
_software.classification 
_software.compiler_name 
_software.compiler_version 
_software.contact_author 
_software.contact_author_email 
_software.date 
_software.description 
_software.dependencies 
_software.hardware 
_software.language 
_software.location 
_software.mods 
_software.name 
_software.os 
_software.os_version 
_software.type 
_software.version 
_software.pdbx_ordinal 
? refinement       ? ? ? ? ? ? ? ? ? ? ? REFMAC   ? ? ? . 1 
? 'data reduction' ? ? ? ? ? ? ? ? ? ? ? HKL-2000 ? ? ? . 2 
? 'data scaling'   ? ? ? ? ? ? ? ? ? ? ? HKL-2000 ? ? ? . 3 
? phasing          ? ? ? ? ? ? ? ? ? ? ? PHASER   ? ? ? . 4 
# 
_pdbx_entry_details.entry_id                 6U6J 
_pdbx_entry_details.has_ligand_of_interest   Y 
_pdbx_entry_details.compound_details         ? 
_pdbx_entry_details.source_details           ? 
_pdbx_entry_details.nonpolymer_details       ? 
_pdbx_entry_details.sequence_details         ? 
# 
_pdbx_validate_rmsd_bond.id                        1 
_pdbx_validate_rmsd_bond.PDB_model_num             1 
_pdbx_validate_rmsd_bond.auth_atom_id_1            "O5'" 
_pdbx_validate_rmsd_bond.auth_asym_id_1            B 
_pdbx_validate_rmsd_bond.auth_comp_id_1            G 
_pdbx_validate_rmsd_bond.auth_seq_id_1             11 
_pdbx_validate_rmsd_bond.PDB_ins_code_1            ? 
_pdbx_validate_rmsd_bond.label_alt_id_1            ? 
_pdbx_validate_rmsd_bond.auth_atom_id_2            "C5'" 
_pdbx_validate_rmsd_bond.auth_asym_id_2            B 
_pdbx_validate_rmsd_bond.auth_comp_id_2            G 
_pdbx_validate_rmsd_bond.auth_seq_id_2             11 
_pdbx_validate_rmsd_bond.PDB_ins_code_2            ? 
_pdbx_validate_rmsd_bond.label_alt_id_2            ? 
_pdbx_validate_rmsd_bond.bond_value                1.365 
_pdbx_validate_rmsd_bond.bond_target_value         1.420 
_pdbx_validate_rmsd_bond.bond_deviation            -0.055 
_pdbx_validate_rmsd_bond.bond_standard_deviation   0.009 
_pdbx_validate_rmsd_bond.linker_flag               N 
# 
loop_
_pdbx_validate_rmsd_angle.id 
_pdbx_validate_rmsd_angle.PDB_model_num 
_pdbx_validate_rmsd_angle.auth_atom_id_1 
_pdbx_validate_rmsd_angle.auth_asym_id_1 
_pdbx_validate_rmsd_angle.auth_comp_id_1 
_pdbx_validate_rmsd_angle.auth_seq_id_1 
_pdbx_validate_rmsd_angle.PDB_ins_code_1 
_pdbx_validate_rmsd_angle.label_alt_id_1 
_pdbx_validate_rmsd_angle.auth_atom_id_2 
_pdbx_validate_rmsd_angle.auth_asym_id_2 
_pdbx_validate_rmsd_angle.auth_comp_id_2 
_pdbx_validate_rmsd_angle.auth_seq_id_2 
_pdbx_validate_rmsd_angle.PDB_ins_code_2 
_pdbx_validate_rmsd_angle.label_alt_id_2 
_pdbx_validate_rmsd_angle.auth_atom_id_3 
_pdbx_validate_rmsd_angle.auth_asym_id_3 
_pdbx_validate_rmsd_angle.auth_comp_id_3 
_pdbx_validate_rmsd_angle.auth_seq_id_3 
_pdbx_validate_rmsd_angle.PDB_ins_code_3 
_pdbx_validate_rmsd_angle.label_alt_id_3 
_pdbx_validate_rmsd_angle.angle_value 
_pdbx_validate_rmsd_angle.angle_target_value 
_pdbx_validate_rmsd_angle.angle_deviation 
_pdbx_validate_rmsd_angle.angle_standard_deviation 
_pdbx_validate_rmsd_angle.linker_flag 
1 1 "C3'" B LCC 1 ? ? "O3'" B LCC 1 ? ? P B LCC 2 ? ? 111.66 119.70 -8.04  1.20 Y 
2 1 "C3'" B LCC 3 ? ? "O3'" B LCC 3 ? ? P B LCG 4 ? ? 109.06 119.70 -10.64 1.20 Y 
# 
loop_
_chem_comp_atom.comp_id 
_chem_comp_atom.atom_id 
_chem_comp_atom.type_symbol 
_chem_comp_atom.pdbx_aromatic_flag 
_chem_comp_atom.pdbx_stereo_config 
_chem_comp_atom.pdbx_ordinal 
A   OP3    O N N 1   
A   P      P N N 2   
A   OP1    O N N 3   
A   OP2    O N N 4   
A   "O5'"  O N N 5   
A   "C5'"  C N N 6   
A   "C4'"  C N R 7   
A   "O4'"  O N N 8   
A   "C3'"  C N S 9   
A   "O3'"  O N N 10  
A   "C2'"  C N R 11  
A   "O2'"  O N N 12  
A   "C1'"  C N R 13  
A   N9     N Y N 14  
A   C8     C Y N 15  
A   N7     N Y N 16  
A   C5     C Y N 17  
A   C6     C Y N 18  
A   N6     N N N 19  
A   N1     N Y N 20  
A   C2     C Y N 21  
A   N3     N Y N 22  
A   C4     C Y N 23  
A   HOP3   H N N 24  
A   HOP2   H N N 25  
A   "H5'"  H N N 26  
A   "H5''" H N N 27  
A   "H4'"  H N N 28  
A   "H3'"  H N N 29  
A   "HO3'" H N N 30  
A   "H2'"  H N N 31  
A   "HO2'" H N N 32  
A   "H1'"  H N N 33  
A   H8     H N N 34  
A   H61    H N N 35  
A   H62    H N N 36  
A   H2     H N N 37  
C   OP3    O N N 38  
C   P      P N N 39  
C   OP1    O N N 40  
C   OP2    O N N 41  
C   "O5'"  O N N 42  
C   "C5'"  C N N 43  
C   "C4'"  C N R 44  
C   "O4'"  O N N 45  
C   "C3'"  C N S 46  
C   "O3'"  O N N 47  
C   "C2'"  C N R 48  
C   "O2'"  O N N 49  
C   "C1'"  C N R 50  
C   N1     N N N 51  
C   C2     C N N 52  
C   O2     O N N 53  
C   N3     N N N 54  
C   C4     C N N 55  
C   N4     N N N 56  
C   C5     C N N 57  
C   C6     C N N 58  
C   HOP3   H N N 59  
C   HOP2   H N N 60  
C   "H5'"  H N N 61  
C   "H5''" H N N 62  
C   "H4'"  H N N 63  
C   "H3'"  H N N 64  
C   "HO3'" H N N 65  
C   "H2'"  H N N 66  
C   "HO2'" H N N 67  
C   "H1'"  H N N 68  
C   H41    H N N 69  
C   H42    H N N 70  
C   H5     H N N 71  
C   H6     H N N 72  
EQ4 P1     P N N 73  
EQ4 O1     O N N 74  
EQ4 O2     O N N 75  
EQ4 C1     C N N 76  
EQ4 O3     O N N 77  
EQ4 C2     C N R 78  
EQ4 O4     O N N 79  
EQ4 C3     C N S 80  
EQ4 O5     O N N 81  
EQ4 C4     C N R 82  
EQ4 O6     O N N 83  
EQ4 C5     C N R 84  
EQ4 N1     N N N 85  
EQ4 C6     C N N 86  
EQ4 N2     N N N 87  
EQ4 N3     N N N 88  
EQ4 C7     C Y N 89  
EQ4 C8     C Y N 90  
EQ4 C9     C N N 91  
EQ4 O7     O N N 92  
EQ4 N4     N Y N 93  
EQ4 C10    C Y N 94  
EQ4 N5     N Y N 95  
EQ4 N6     N Y N 96  
EQ4 C11    C Y N 97  
EQ4 C12    C Y N 98  
EQ4 N7     N Y N 99  
EQ4 C13    C Y N 100 
EQ4 N8     N N N 101 
EQ4 H1     H N N 102 
EQ4 H2     H N N 103 
EQ4 H3     H N N 104 
EQ4 H4     H N N 105 
EQ4 H5     H N N 106 
EQ4 H6     H N N 107 
EQ4 H7     H N N 108 
EQ4 H8     H N N 109 
EQ4 H9     H N N 110 
EQ4 H10    H N N 111 
EQ4 H11    H N N 112 
EQ4 H12    H N N 113 
EQ4 H13    H N N 114 
EQ4 H14    H N N 115 
EQ4 H15    H N N 116 
EQ4 H16    H N N 117 
EQ4 H17    H N N 118 
G   OP3    O N N 119 
G   P      P N N 120 
G   OP1    O N N 121 
G   OP2    O N N 122 
G   "O5'"  O N N 123 
G   "C5'"  C N N 124 
G   "C4'"  C N R 125 
G   "O4'"  O N N 126 
G   "C3'"  C N S 127 
G   "O3'"  O N N 128 
G   "C2'"  C N R 129 
G   "O2'"  O N N 130 
G   "C1'"  C N R 131 
G   N9     N Y N 132 
G   C8     C Y N 133 
G   N7     N Y N 134 
G   C5     C Y N 135 
G   C6     C N N 136 
G   O6     O N N 137 
G   N1     N N N 138 
G   C2     C N N 139 
G   N2     N N N 140 
G   N3     N N N 141 
G   C4     C Y N 142 
G   HOP3   H N N 143 
G   HOP2   H N N 144 
G   "H5'"  H N N 145 
G   "H5''" H N N 146 
G   "H4'"  H N N 147 
G   "H3'"  H N N 148 
G   "HO3'" H N N 149 
G   "H2'"  H N N 150 
G   "HO2'" H N N 151 
G   "H1'"  H N N 152 
G   H8     H N N 153 
G   H1     H N N 154 
G   H21    H N N 155 
G   H22    H N N 156 
GDP PB     P N N 157 
GDP O1B    O N N 158 
GDP O2B    O N N 159 
GDP O3B    O N N 160 
GDP O3A    O N N 161 
GDP PA     P N N 162 
GDP O1A    O N N 163 
GDP O2A    O N N 164 
GDP "O5'"  O N N 165 
GDP "C5'"  C N N 166 
GDP "C4'"  C N R 167 
GDP "O4'"  O N N 168 
GDP "C3'"  C N S 169 
GDP "O3'"  O N N 170 
GDP "C2'"  C N R 171 
GDP "O2'"  O N N 172 
GDP "C1'"  C N R 173 
GDP N9     N Y N 174 
GDP C8     C Y N 175 
GDP N7     N Y N 176 
GDP C5     C Y N 177 
GDP C6     C N N 178 
GDP O6     O N N 179 
GDP N1     N N N 180 
GDP C2     C N N 181 
GDP N2     N N N 182 
GDP N3     N N N 183 
GDP C4     C Y N 184 
GDP HOB2   H N N 185 
GDP HOB3   H N N 186 
GDP HOA2   H N N 187 
GDP "H5'"  H N N 188 
GDP "H5''" H N N 189 
GDP "H4'"  H N N 190 
GDP "H3'"  H N N 191 
GDP "HO3'" H N N 192 
GDP "H2'"  H N N 193 
GDP "HO2'" H N N 194 
GDP "H1'"  H N N 195 
GDP H8     H N N 196 
GDP HN1    H N N 197 
GDP HN21   H N N 198 
GDP HN22   H N N 199 
HOH O      O N N 200 
HOH H1     H N N 201 
HOH H2     H N N 202 
LCC "O5'"  O N N 203 
LCC "C5'"  C N N 204 
LCC "C4'"  C N R 205 
LCC "O4'"  O N N 206 
LCC "C1'"  C N R 207 
LCC N1     N N N 208 
LCC C6     C N N 209 
LCC C5     C N N 210 
LCC C5M    C N N 211 
LCC C4     C N N 212 
LCC N4     N N N 213 
LCC N3     N N N 214 
LCC C2     C N N 215 
LCC O2     O N N 216 
LCC "C3'"  C N S 217 
LCC "C2'"  C N R 218 
LCC "O2'"  O N N 219 
LCC "O3'"  O N N 220 
LCC "C6'"  C N N 221 
LCC P      P N N 222 
LCC O1P    O N N 223 
LCC O2P    O N N 224 
LCC OXT    O N N 225 
LCC "H5'1" H N N 226 
LCC "H5'2" H N N 227 
LCC "H1'"  H N N 228 
LCC H6     H N N 229 
LCC H5M1   H N N 230 
LCC H5M2   H N N 231 
LCC H5M3   H N N 232 
LCC H41    H N N 233 
LCC H42    H N N 234 
LCC "H3'"  H N N 235 
LCC "H2'1" H N N 236 
LCC H3T    H N N 237 
LCC "H6'1" H N N 238 
LCC "H6'2" H N N 239 
LCC H1P    H N N 240 
LCC HXT    H N N 241 
LCG P      P N N 242 
LCG OP1    O N N 243 
LCG "O5'"  O N N 244 
LCG "C5'"  C N N 245 
LCG "C3'"  C N S 246 
LCG "C6'"  C N N 247 
LCG N9     N Y N 248 
LCG C8     C Y N 249 
LCG C4     C Y N 250 
LCG N7     N Y N 251 
LCG C5     C Y N 252 
LCG C6     C N N 253 
LCG "C2'"  C N R 254 
LCG O6     O N N 255 
LCG "C4'"  C N R 256 
LCG "C1'"  C N R 257 
LCG C2     C N N 258 
LCG N1     N N N 259 
LCG "O4'"  O N N 260 
LCG OP2    O N N 261 
LCG N2     N N N 262 
LCG N3     N N N 263 
LCG "O2'"  O N N 264 
LCG "O3'"  O N N 265 
LCG OP3    O N N 266 
LCG "H5'"  H N N 267 
LCG "H5''" H N N 268 
LCG "H3'"  H N N 269 
LCG "H6'1" H N N 270 
LCG "H6'2" H N N 271 
LCG H8     H N N 272 
LCG "H2'"  H N N 273 
LCG "H1'"  H N N 274 
LCG H1     H N N 275 
LCG HOP2   H N N 276 
LCG H21    H N N 277 
LCG H22    H N N 278 
LCG "HO3'" H N N 279 
LCG HOP3   H N N 280 
U   OP3    O N N 281 
U   P      P N N 282 
U   OP1    O N N 283 
U   OP2    O N N 284 
U   "O5'"  O N N 285 
U   "C5'"  C N N 286 
U   "C4'"  C N R 287 
U   "O4'"  O N N 288 
U   "C3'"  C N S 289 
U   "O3'"  O N N 290 
U   "C2'"  C N R 291 
U   "O2'"  O N N 292 
U   "C1'"  C N R 293 
U   N1     N N N 294 
U   C2     C N N 295 
U   O2     O N N 296 
U   N3     N N N 297 
U   C4     C N N 298 
U   O4     O N N 299 
U   C5     C N N 300 
U   C6     C N N 301 
U   HOP3   H N N 302 
U   HOP2   H N N 303 
U   "H5'"  H N N 304 
U   "H5''" H N N 305 
U   "H4'"  H N N 306 
U   "H3'"  H N N 307 
U   "HO3'" H N N 308 
U   "H2'"  H N N 309 
U   "HO2'" H N N 310 
U   "H1'"  H N N 311 
U   H3     H N N 312 
U   H5     H N N 313 
U   H6     H N N 314 
# 
loop_
_chem_comp_bond.comp_id 
_chem_comp_bond.atom_id_1 
_chem_comp_bond.atom_id_2 
_chem_comp_bond.value_order 
_chem_comp_bond.pdbx_aromatic_flag 
_chem_comp_bond.pdbx_stereo_config 
_chem_comp_bond.pdbx_ordinal 
A   OP3   P      sing N N 1   
A   OP3   HOP3   sing N N 2   
A   P     OP1    doub N N 3   
A   P     OP2    sing N N 4   
A   P     "O5'"  sing N N 5   
A   OP2   HOP2   sing N N 6   
A   "O5'" "C5'"  sing N N 7   
A   "C5'" "C4'"  sing N N 8   
A   "C5'" "H5'"  sing N N 9   
A   "C5'" "H5''" sing N N 10  
A   "C4'" "O4'"  sing N N 11  
A   "C4'" "C3'"  sing N N 12  
A   "C4'" "H4'"  sing N N 13  
A   "O4'" "C1'"  sing N N 14  
A   "C3'" "O3'"  sing N N 15  
A   "C3'" "C2'"  sing N N 16  
A   "C3'" "H3'"  sing N N 17  
A   "O3'" "HO3'" sing N N 18  
A   "C2'" "O2'"  sing N N 19  
A   "C2'" "C1'"  sing N N 20  
A   "C2'" "H2'"  sing N N 21  
A   "O2'" "HO2'" sing N N 22  
A   "C1'" N9     sing N N 23  
A   "C1'" "H1'"  sing N N 24  
A   N9    C8     sing Y N 25  
A   N9    C4     sing Y N 26  
A   C8    N7     doub Y N 27  
A   C8    H8     sing N N 28  
A   N7    C5     sing Y N 29  
A   C5    C6     sing Y N 30  
A   C5    C4     doub Y N 31  
A   C6    N6     sing N N 32  
A   C6    N1     doub Y N 33  
A   N6    H61    sing N N 34  
A   N6    H62    sing N N 35  
A   N1    C2     sing Y N 36  
A   C2    N3     doub Y N 37  
A   C2    H2     sing N N 38  
A   N3    C4     sing Y N 39  
C   OP3   P      sing N N 40  
C   OP3   HOP3   sing N N 41  
C   P     OP1    doub N N 42  
C   P     OP2    sing N N 43  
C   P     "O5'"  sing N N 44  
C   OP2   HOP2   sing N N 45  
C   "O5'" "C5'"  sing N N 46  
C   "C5'" "C4'"  sing N N 47  
C   "C5'" "H5'"  sing N N 48  
C   "C5'" "H5''" sing N N 49  
C   "C4'" "O4'"  sing N N 50  
C   "C4'" "C3'"  sing N N 51  
C   "C4'" "H4'"  sing N N 52  
C   "O4'" "C1'"  sing N N 53  
C   "C3'" "O3'"  sing N N 54  
C   "C3'" "C2'"  sing N N 55  
C   "C3'" "H3'"  sing N N 56  
C   "O3'" "HO3'" sing N N 57  
C   "C2'" "O2'"  sing N N 58  
C   "C2'" "C1'"  sing N N 59  
C   "C2'" "H2'"  sing N N 60  
C   "O2'" "HO2'" sing N N 61  
C   "C1'" N1     sing N N 62  
C   "C1'" "H1'"  sing N N 63  
C   N1    C2     sing N N 64  
C   N1    C6     sing N N 65  
C   C2    O2     doub N N 66  
C   C2    N3     sing N N 67  
C   N3    C4     doub N N 68  
C   C4    N4     sing N N 69  
C   C4    C5     sing N N 70  
C   N4    H41    sing N N 71  
C   N4    H42    sing N N 72  
C   C5    C6     doub N N 73  
C   C5    H5     sing N N 74  
C   C6    H6     sing N N 75  
EQ4 C12   N7     sing Y N 76  
EQ4 C12   C11    doub Y N 77  
EQ4 N7    C13    doub Y N 78  
EQ4 C11   N6     sing Y N 79  
EQ4 C13   N8     sing N N 80  
EQ4 C13   N6     sing Y N 81  
EQ4 N6    P1     sing N N 82  
EQ4 O2    P1     doub N N 83  
EQ4 O5    C3     sing N N 84  
EQ4 P1    O3     sing N N 85  
EQ4 P1    O1     sing N N 86  
EQ4 O3    C1     sing N N 87  
EQ4 C3    C2     sing N N 88  
EQ4 C3    C4     sing N N 89  
EQ4 O6    C4     sing N N 90  
EQ4 C2    C1     sing N N 91  
EQ4 C2    O4     sing N N 92  
EQ4 C4    C5     sing N N 93  
EQ4 O4    C5     sing N N 94  
EQ4 C5    N5     sing N N 95  
EQ4 C10   N5     sing Y N 96  
EQ4 C10   N4     doub Y N 97  
EQ4 N5    C7     sing Y N 98  
EQ4 N4    C8     sing Y N 99  
EQ4 C7    C8     doub Y N 100 
EQ4 C7    N3     sing N N 101 
EQ4 C8    C9     sing N N 102 
EQ4 N3    C6     doub N N 103 
EQ4 C9    O7     doub N N 104 
EQ4 C9    N1     sing N N 105 
EQ4 C6    N1     sing N N 106 
EQ4 C6    N2     sing N N 107 
EQ4 O1    H1     sing N N 108 
EQ4 C1    H2     sing N N 109 
EQ4 C1    H3     sing N N 110 
EQ4 C2    H4     sing N N 111 
EQ4 C3    H5     sing N N 112 
EQ4 O5    H6     sing N N 113 
EQ4 C4    H7     sing N N 114 
EQ4 O6    H8     sing N N 115 
EQ4 C5    H9     sing N N 116 
EQ4 N1    H10    sing N N 117 
EQ4 N2    H11    sing N N 118 
EQ4 N2    H12    sing N N 119 
EQ4 C10   H13    sing N N 120 
EQ4 C11   H14    sing N N 121 
EQ4 C12   H15    sing N N 122 
EQ4 N8    H16    sing N N 123 
EQ4 N8    H17    sing N N 124 
G   OP3   P      sing N N 125 
G   OP3   HOP3   sing N N 126 
G   P     OP1    doub N N 127 
G   P     OP2    sing N N 128 
G   P     "O5'"  sing N N 129 
G   OP2   HOP2   sing N N 130 
G   "O5'" "C5'"  sing N N 131 
G   "C5'" "C4'"  sing N N 132 
G   "C5'" "H5'"  sing N N 133 
G   "C5'" "H5''" sing N N 134 
G   "C4'" "O4'"  sing N N 135 
G   "C4'" "C3'"  sing N N 136 
G   "C4'" "H4'"  sing N N 137 
G   "O4'" "C1'"  sing N N 138 
G   "C3'" "O3'"  sing N N 139 
G   "C3'" "C2'"  sing N N 140 
G   "C3'" "H3'"  sing N N 141 
G   "O3'" "HO3'" sing N N 142 
G   "C2'" "O2'"  sing N N 143 
G   "C2'" "C1'"  sing N N 144 
G   "C2'" "H2'"  sing N N 145 
G   "O2'" "HO2'" sing N N 146 
G   "C1'" N9     sing N N 147 
G   "C1'" "H1'"  sing N N 148 
G   N9    C8     sing Y N 149 
G   N9    C4     sing Y N 150 
G   C8    N7     doub Y N 151 
G   C8    H8     sing N N 152 
G   N7    C5     sing Y N 153 
G   C5    C6     sing N N 154 
G   C5    C4     doub Y N 155 
G   C6    O6     doub N N 156 
G   C6    N1     sing N N 157 
G   N1    C2     sing N N 158 
G   N1    H1     sing N N 159 
G   C2    N2     sing N N 160 
G   C2    N3     doub N N 161 
G   N2    H21    sing N N 162 
G   N2    H22    sing N N 163 
G   N3    C4     sing N N 164 
GDP PB    O1B    doub N N 165 
GDP PB    O2B    sing N N 166 
GDP PB    O3B    sing N N 167 
GDP PB    O3A    sing N N 168 
GDP O2B   HOB2   sing N N 169 
GDP O3B   HOB3   sing N N 170 
GDP O3A   PA     sing N N 171 
GDP PA    O1A    doub N N 172 
GDP PA    O2A    sing N N 173 
GDP PA    "O5'"  sing N N 174 
GDP O2A   HOA2   sing N N 175 
GDP "O5'" "C5'"  sing N N 176 
GDP "C5'" "C4'"  sing N N 177 
GDP "C5'" "H5'"  sing N N 178 
GDP "C5'" "H5''" sing N N 179 
GDP "C4'" "O4'"  sing N N 180 
GDP "C4'" "C3'"  sing N N 181 
GDP "C4'" "H4'"  sing N N 182 
GDP "O4'" "C1'"  sing N N 183 
GDP "C3'" "O3'"  sing N N 184 
GDP "C3'" "C2'"  sing N N 185 
GDP "C3'" "H3'"  sing N N 186 
GDP "O3'" "HO3'" sing N N 187 
GDP "C2'" "O2'"  sing N N 188 
GDP "C2'" "C1'"  sing N N 189 
GDP "C2'" "H2'"  sing N N 190 
GDP "O2'" "HO2'" sing N N 191 
GDP "C1'" N9     sing N N 192 
GDP "C1'" "H1'"  sing N N 193 
GDP N9    C8     sing Y N 194 
GDP N9    C4     sing Y N 195 
GDP C8    N7     doub Y N 196 
GDP C8    H8     sing N N 197 
GDP N7    C5     sing Y N 198 
GDP C5    C6     sing N N 199 
GDP C5    C4     doub Y N 200 
GDP C6    O6     doub N N 201 
GDP C6    N1     sing N N 202 
GDP N1    C2     sing N N 203 
GDP N1    HN1    sing N N 204 
GDP C2    N2     sing N N 205 
GDP C2    N3     doub N N 206 
GDP N2    HN21   sing N N 207 
GDP N2    HN22   sing N N 208 
GDP N3    C4     sing N N 209 
HOH O     H1     sing N N 210 
HOH O     H2     sing N N 211 
LCC "O5'" "C5'"  sing N N 212 
LCC "O5'" P      sing N N 213 
LCC "C5'" "C4'"  sing N N 214 
LCC "C5'" "H5'1" sing N N 215 
LCC "C5'" "H5'2" sing N N 216 
LCC "C4'" "O4'"  sing N N 217 
LCC "C4'" "C3'"  sing N N 218 
LCC "C4'" "C6'"  sing N N 219 
LCC "O4'" "C1'"  sing N N 220 
LCC "C1'" N1     sing N N 221 
LCC "C1'" "C2'"  sing N N 222 
LCC "C1'" "H1'"  sing N N 223 
LCC N1    C6     sing N N 224 
LCC N1    C2     sing N N 225 
LCC C6    C5     doub N N 226 
LCC C6    H6     sing N N 227 
LCC C5    C5M    sing N N 228 
LCC C5    C4     sing N N 229 
LCC C5M   H5M1   sing N N 230 
LCC C5M   H5M2   sing N N 231 
LCC C5M   H5M3   sing N N 232 
LCC C4    N4     sing N N 233 
LCC C4    N3     doub N N 234 
LCC N4    H41    sing N N 235 
LCC N4    H42    sing N N 236 
LCC N3    C2     sing N N 237 
LCC C2    O2     doub N N 238 
LCC "C3'" "C2'"  sing N N 239 
LCC "C3'" "O3'"  sing N N 240 
LCC "C3'" "H3'"  sing N N 241 
LCC "C2'" "O2'"  sing N N 242 
LCC "C2'" "H2'1" sing N N 243 
LCC "O2'" "C6'"  sing N N 244 
LCC "O3'" H3T    sing N N 245 
LCC "C6'" "H6'1" sing N N 246 
LCC "C6'" "H6'2" sing N N 247 
LCC P     O1P    sing N N 248 
LCC P     O2P    doub N N 249 
LCC P     OXT    sing N N 250 
LCC O1P   H1P    sing N N 251 
LCC OXT   HXT    sing N N 252 
LCG P     OP1    doub N N 253 
LCG P     "O5'"  sing N N 254 
LCG P     OP2    sing N N 255 
LCG P     OP3    sing N N 256 
LCG "O5'" "C5'"  sing N N 257 
LCG "C5'" "C4'"  sing N N 258 
LCG "C5'" "H5'"  sing N N 259 
LCG "C5'" "H5''" sing N N 260 
LCG "C3'" "C2'"  sing N N 261 
LCG "C3'" "C4'"  sing N N 262 
LCG "C3'" "O3'"  sing N N 263 
LCG "C3'" "H3'"  sing N N 264 
LCG "C6'" "C4'"  sing N N 265 
LCG "C6'" "O2'"  sing N N 266 
LCG "C6'" "H6'1" sing N N 267 
LCG "C6'" "H6'2" sing N N 268 
LCG N9    C8     sing Y N 269 
LCG N9    C4     sing Y N 270 
LCG N9    "C1'"  sing N N 271 
LCG C8    N7     doub Y N 272 
LCG C8    H8     sing N N 273 
LCG C4    C5     doub Y N 274 
LCG C4    N3     sing N N 275 
LCG N7    C5     sing Y N 276 
LCG C5    C6     sing N N 277 
LCG C6    O6     doub N N 278 
LCG C6    N1     sing N N 279 
LCG "C2'" "C1'"  sing N N 280 
LCG "C2'" "O2'"  sing N N 281 
LCG "C2'" "H2'"  sing N N 282 
LCG "C4'" "O4'"  sing N N 283 
LCG "C1'" "O4'"  sing N N 284 
LCG "C1'" "H1'"  sing N N 285 
LCG C2    N1     sing N N 286 
LCG C2    N2     sing N N 287 
LCG C2    N3     doub N N 288 
LCG N1    H1     sing N N 289 
LCG OP2   HOP2   sing N N 290 
LCG N2    H21    sing N N 291 
LCG N2    H22    sing N N 292 
LCG "O3'" "HO3'" sing N N 293 
LCG OP3   HOP3   sing N N 294 
U   OP3   P      sing N N 295 
U   OP3   HOP3   sing N N 296 
U   P     OP1    doub N N 297 
U   P     OP2    sing N N 298 
U   P     "O5'"  sing N N 299 
U   OP2   HOP2   sing N N 300 
U   "O5'" "C5'"  sing N N 301 
U   "C5'" "C4'"  sing N N 302 
U   "C5'" "H5'"  sing N N 303 
U   "C5'" "H5''" sing N N 304 
U   "C4'" "O4'"  sing N N 305 
U   "C4'" "C3'"  sing N N 306 
U   "C4'" "H4'"  sing N N 307 
U   "O4'" "C1'"  sing N N 308 
U   "C3'" "O3'"  sing N N 309 
U   "C3'" "C2'"  sing N N 310 
U   "C3'" "H3'"  sing N N 311 
U   "O3'" "HO3'" sing N N 312 
U   "C2'" "O2'"  sing N N 313 
U   "C2'" "C1'"  sing N N 314 
U   "C2'" "H2'"  sing N N 315 
U   "O2'" "HO2'" sing N N 316 
U   "C1'" N1     sing N N 317 
U   "C1'" "H1'"  sing N N 318 
U   N1    C2     sing N N 319 
U   N1    C6     sing N N 320 
U   C2    O2     doub N N 321 
U   C2    N3     sing N N 322 
U   N3    C4     sing N N 323 
U   N3    H3     sing N N 324 
U   C4    O4     doub N N 325 
U   C4    C5     sing N N 326 
U   C5    C6     doub N N 327 
U   C5    H5     sing N N 328 
U   C6    H6     sing N N 329 
# 
_ndb_struct_conf_na.entry_id   6U6J 
_ndb_struct_conf_na.feature    'a-form double helix' 
# 
loop_
_ndb_struct_na_base_pair.model_number 
_ndb_struct_na_base_pair.i_label_asym_id 
_ndb_struct_na_base_pair.i_label_comp_id 
_ndb_struct_na_base_pair.i_label_seq_id 
_ndb_struct_na_base_pair.i_symmetry 
_ndb_struct_na_base_pair.j_label_asym_id 
_ndb_struct_na_base_pair.j_label_comp_id 
_ndb_struct_na_base_pair.j_label_seq_id 
_ndb_struct_na_base_pair.j_symmetry 
_ndb_struct_na_base_pair.shear 
_ndb_struct_na_base_pair.stretch 
_ndb_struct_na_base_pair.stagger 
_ndb_struct_na_base_pair.buckle 
_ndb_struct_na_base_pair.propeller 
_ndb_struct_na_base_pair.opening 
_ndb_struct_na_base_pair.pair_number 
_ndb_struct_na_base_pair.pair_name 
_ndb_struct_na_base_pair.i_auth_asym_id 
_ndb_struct_na_base_pair.i_auth_seq_id 
_ndb_struct_na_base_pair.i_PDB_ins_code 
_ndb_struct_na_base_pair.j_auth_asym_id 
_ndb_struct_na_base_pair.j_auth_seq_id 
_ndb_struct_na_base_pair.j_PDB_ins_code 
_ndb_struct_na_base_pair.hbond_type_28 
_ndb_struct_na_base_pair.hbond_type_12 
1 A LCG 4  1_555 B C   13 1_555 -0.263 -0.189 0.066  -2.282 -15.739 0.548  1  A_LCG4:C13_B A 4  ? B 13 ? 19 1 
1 A A   5  1_555 B U   12 1_555 0.100  -0.092 0.246  6.237  -12.053 -1.443 2  A_A5:U12_B   A 5  ? B 12 ? 20 1 
1 A C   6  1_555 B G   11 1_555 0.171  -0.154 0.060  8.254  -16.373 -0.819 3  A_C6:G11_B   A 6  ? B 11 ? 19 1 
1 A U   7  1_555 B A   10 1_555 -0.045 -0.066 -0.018 4.390  -15.872 0.741  4  A_U7:A10_B   A 7  ? B 10 ? 20 1 
1 A U   8  1_555 B A   9  1_555 -0.019 -0.098 -0.004 3.879  -12.015 1.967  5  A_U8:A9_B    A 8  ? B 9  ? 20 1 
1 A A   9  1_555 B U   8  1_555 -0.059 -0.099 0.066  -3.532 -17.438 5.118  6  A_A9:U8_B    A 9  ? B 8  ? 20 1 
1 A A   10 1_555 B U   7  1_555 0.085  -0.174 -0.012 -2.055 -12.654 -0.466 7  A_A10:U7_B   A 10 ? B 7  ? 20 1 
1 A G   11 1_555 B C   6  1_555 -0.217 -0.153 -0.069 -9.169 -17.384 1.116  8  A_G11:C6_B   A 11 ? B 6  ? 19 1 
1 A U   12 1_555 B A   5  1_555 0.043  -0.132 0.067  -3.789 -10.182 -2.292 9  A_U12:A5_B   A 12 ? B 5  ? 20 1 
1 A C   13 1_555 B LCG 4  1_555 0.234  -0.164 0.135  0.134  -14.189 -0.807 10 A_C13:LCG4_B A 13 ? B 4  ? 19 1 
# 
loop_
_ndb_struct_na_base_pair_step.model_number 
_ndb_struct_na_base_pair_step.i_label_asym_id_1 
_ndb_struct_na_base_pair_step.i_label_comp_id_1 
_ndb_struct_na_base_pair_step.i_label_seq_id_1 
_ndb_struct_na_base_pair_step.i_symmetry_1 
_ndb_struct_na_base_pair_step.j_label_asym_id_1 
_ndb_struct_na_base_pair_step.j_label_comp_id_1 
_ndb_struct_na_base_pair_step.j_label_seq_id_1 
_ndb_struct_na_base_pair_step.j_symmetry_1 
_ndb_struct_na_base_pair_step.i_label_asym_id_2 
_ndb_struct_na_base_pair_step.i_label_comp_id_2 
_ndb_struct_na_base_pair_step.i_label_seq_id_2 
_ndb_struct_na_base_pair_step.i_symmetry_2 
_ndb_struct_na_base_pair_step.j_label_asym_id_2 
_ndb_struct_na_base_pair_step.j_label_comp_id_2 
_ndb_struct_na_base_pair_step.j_label_seq_id_2 
_ndb_struct_na_base_pair_step.j_symmetry_2 
_ndb_struct_na_base_pair_step.shift 
_ndb_struct_na_base_pair_step.slide 
_ndb_struct_na_base_pair_step.rise 
_ndb_struct_na_base_pair_step.tilt 
_ndb_struct_na_base_pair_step.roll 
_ndb_struct_na_base_pair_step.twist 
_ndb_struct_na_base_pair_step.x_displacement 
_ndb_struct_na_base_pair_step.y_displacement 
_ndb_struct_na_base_pair_step.helical_rise 
_ndb_struct_na_base_pair_step.inclination 
_ndb_struct_na_base_pair_step.tip 
_ndb_struct_na_base_pair_step.helical_twist 
_ndb_struct_na_base_pair_step.step_number 
_ndb_struct_na_base_pair_step.step_name 
_ndb_struct_na_base_pair_step.i_auth_asym_id_1 
_ndb_struct_na_base_pair_step.i_auth_seq_id_1 
_ndb_struct_na_base_pair_step.i_PDB_ins_code_1 
_ndb_struct_na_base_pair_step.j_auth_asym_id_1 
_ndb_struct_na_base_pair_step.j_auth_seq_id_1 
_ndb_struct_na_base_pair_step.j_PDB_ins_code_1 
_ndb_struct_na_base_pair_step.i_auth_asym_id_2 
_ndb_struct_na_base_pair_step.i_auth_seq_id_2 
_ndb_struct_na_base_pair_step.i_PDB_ins_code_2 
_ndb_struct_na_base_pair_step.j_auth_asym_id_2 
_ndb_struct_na_base_pair_step.j_auth_seq_id_2 
_ndb_struct_na_base_pair_step.j_PDB_ins_code_2 
1 A LCG 4  1_555 B C 13 1_555 A A 5  1_555 B U   12 1_555 0.029  -1.018 3.037 -0.260 2.750  33.136 -2.200 -0.090 2.945 4.812  
0.455  33.248 1 AA_LCG4A5:U12C13_BB A 4  ? B 13 ? A 5  ? B 12 ? 
1 A A   5  1_555 B U 12 1_555 A C 6  1_555 B G   11 1_555 0.509  -1.451 3.206 2.284  4.927  32.979 -3.301 -0.525 2.991 8.607  
-3.990 33.411 2 AA_A5C6:G11U12_BB   A 5  ? B 12 ? A 6  ? B 11 ? 
1 A C   6  1_555 B G 11 1_555 A U 7  1_555 B A   10 1_555 -0.557 -1.785 3.245 -2.510 10.585 28.775 -5.252 0.605  2.486 20.402 
4.838  30.722 3 AA_C6U7:A10G11_BB   A 6  ? B 11 ? A 7  ? B 10 ? 
1 A U   7  1_555 B A 10 1_555 A U 8  1_555 B A   9  1_555 -0.131 -1.180 3.247 -2.746 10.529 31.874 -3.656 -0.196 2.732 18.511 
4.828  33.634 4 AA_U7U8:A9A10_BB    A 7  ? B 10 ? A 8  ? B 9  ? 
1 A U   8  1_555 B A 9  1_555 A A 9  1_555 B U   8  1_555 0.420  -1.528 3.302 1.491  18.365 30.542 -4.894 -0.494 2.095 31.521 
-2.559 35.555 5 AA_U8A9:U8A9_BB     A 8  ? B 9  ? A 9  ? B 8  ? 
1 A A   9  1_555 B U 8  1_555 A A 10 1_555 B U   7  1_555 -0.581 -1.260 3.204 0.236  5.360  34.444 -2.878 1.005  2.976 8.984  
-0.395 34.846 6 AA_A9A10:U7U8_BB    A 9  ? B 8  ? A 10 ? B 7  ? 
1 A A   10 1_555 B U 7  1_555 A G 11 1_555 B C   6  1_555 0.404  -1.634 3.414 2.757  8.279  29.422 -4.694 -0.230 2.883 15.867 
-5.284 30.662 7 AA_A10G11:C6U7_BB   A 10 ? B 7  ? A 11 ? B 6  ? 
1 A G   11 1_555 B C 6  1_555 A U 12 1_555 B A   5  1_555 -0.410 -1.295 3.111 -1.924 5.407  32.464 -3.132 0.420  2.882 9.578  
3.409  32.954 8 AA_G11U12:A5C6_BB   A 11 ? B 6  ? A 12 ? B 5  ? 
1 A U   12 1_555 B A 5  1_555 A C 13 1_555 B LCG 4  1_555 0.353  -1.188 3.157 0.252  6.581  32.659 -3.094 -0.577 2.872 11.557 
-0.442 33.299 9 AA_U12C13:LCG4A5_BB A 12 ? B 5  ? A 13 ? B 4  ? 
# 
_pdbx_audit_support.funding_organization   'Howard Hughes Medical Institute (HHMI)' 
_pdbx_audit_support.country                'United States' 
_pdbx_audit_support.grant_number           ? 
_pdbx_audit_support.ordinal                1 
# 
_pdbx_entity_instance_feature.ordinal        1 
_pdbx_entity_instance_feature.comp_id        GDP 
_pdbx_entity_instance_feature.asym_id        ? 
_pdbx_entity_instance_feature.seq_num        ? 
_pdbx_entity_instance_feature.auth_comp_id   GDP 
_pdbx_entity_instance_feature.auth_asym_id   ? 
_pdbx_entity_instance_feature.auth_seq_num   ? 
_pdbx_entity_instance_feature.feature_type   'SUBJECT OF INVESTIGATION' 
_pdbx_entity_instance_feature.details        ? 
# 
loop_
_pdbx_entity_nonpoly.entity_id 
_pdbx_entity_nonpoly.name 
_pdbx_entity_nonpoly.comp_id 
2 "5'-O-[(R)-(2-amino-1H-imidazol-1-yl)(hydroxy)phosphoryl]guanosine" EQ4 
3 water                                                               HOH 
# 
_pdbx_initial_refinement_model.id               1 
_pdbx_initial_refinement_model.entity_id_list   ? 
_pdbx_initial_refinement_model.type             'experimental model' 
_pdbx_initial_refinement_model.source_name      PDB 
_pdbx_initial_refinement_model.accession_code   6C8D 
_pdbx_initial_refinement_model.details          ? 
# 
_pdbx_struct_assembly_auth_evidence.id                     1 
_pdbx_struct_assembly_auth_evidence.assembly_id            1 
_pdbx_struct_assembly_auth_evidence.experimental_support   none 
_pdbx_struct_assembly_auth_evidence.details                ? 
# 
